data_9JS7
#
_entry.id   9JS7
#
_cell.length_a   1.00
_cell.length_b   1.00
_cell.length_c   1.00
_cell.angle_alpha   90.00
_cell.angle_beta   90.00
_cell.angle_gamma   90.00
#
_symmetry.space_group_name_H-M   'P 1'
#
loop_
_entity.id
_entity.type
_entity.pdbx_description
1 polymer 'Genome polyprotein'
2 polymer 'antibody heavy chain'
3 polymer 'antibody light chain'
#
loop_
_entity_poly.entity_id
_entity_poly.type
_entity_poly.pdbx_seq_one_letter_code
_entity_poly.pdbx_strand_id
1 'polypeptide(L)'
;IRCIGVSNRDFVEGMSGGTWVDVVLEHGGCVTVMAQDKPTVDIELVTTTVSNMAEVRSYCYEASISDMASDSRCPTQGEA
YLDKQSDTQYVCKRTLVDRGWGNGCGLFGKGSLVTCAKFACSKKMTGKSIQPENLEYRIMLSVHGSQHSGMIVNDTGHET
DENRAKVEITPNSPRAEATLGGFGSLGLDCEPRTGLDFSDLYYLTMNNKHWLVHKEWFHDIPLPWHAGADTGTPHWNNKE
ALVEFKDAHAKRQTVVVLGSQEGAVHTALAGALEAEMDGAKGRLSSGHLKCRLKMDKLRLKGVSYSLCTAAFTFTKIPAE
TLHGTVTVEVQYAGTDGPCKVPAQMAVDMQTLTPVGRLITANPVITESTENSKMMLELDPPFGDSYIVIGVGEKKITHHW
HRSGSTIGKAFEATVRGAKRMAVLGDTAWDFGSVGGALNSLGKGIHQIFGAAFKSLFGGMSWFSQILIGTLLMWLGLNTK
NGSISLMCLALGGVLIFLSTAVSA
;
B,A,C
2 'polypeptide(L)'
;EVHLLESGGGLVQPGGSLRLSCAASGFTFDTYAMSWVRQPPGKGLEWVSAISTGGGSKYYADSVKGRLTISRDNSQNTLY
LQMSSLRADDTAVYYCARSDFWRSGRYYYYMDVWGRGTTVT
;
I,J
3 'polypeptide(L)'
;SALTQPASVSASPGQSITISCTGTHFDIVDYDYLSWYQQHPGNAPKLLIYGVSNRPSGVSSRFSGSKSGNTASLTISGLQ
AEDEGDYYCSSYSISSTLLVFGGGTKLSVV
;
L,M
#
# COMPACT_ATOMS: atom_id res chain seq x y z
N ILE A 1 13.30 -8.68 -61.69
CA ILE A 1 13.91 -7.38 -61.95
C ILE A 1 13.59 -6.42 -60.84
N ARG A 2 13.14 -6.94 -59.70
CA ARG A 2 13.09 -6.17 -58.47
C ARG A 2 14.54 -5.96 -58.02
N CYS A 3 14.72 -5.39 -56.83
CA CYS A 3 16.06 -5.21 -56.27
C CYS A 3 16.87 -4.17 -57.05
N ILE A 4 16.32 -3.66 -58.15
CA ILE A 4 17.03 -2.70 -58.98
C ILE A 4 16.67 -1.31 -58.47
N GLY A 5 17.67 -0.64 -57.89
CA GLY A 5 17.45 0.68 -57.32
C GLY A 5 16.86 0.65 -55.93
N VAL A 6 17.46 -0.13 -55.04
CA VAL A 6 17.01 -0.21 -53.66
C VAL A 6 18.06 0.28 -52.67
N SER A 7 19.31 0.49 -53.10
CA SER A 7 20.36 1.10 -52.30
C SER A 7 20.78 0.22 -51.13
N ASN A 8 20.06 -0.87 -50.92
CA ASN A 8 20.45 -1.92 -49.97
C ASN A 8 20.36 -3.21 -50.77
N ARG A 9 21.42 -3.49 -51.53
CA ARG A 9 21.42 -4.57 -52.49
C ARG A 9 22.73 -5.33 -52.36
N ASP A 10 22.65 -6.64 -52.51
CA ASP A 10 23.82 -7.50 -52.39
C ASP A 10 23.91 -8.40 -53.60
N PHE A 11 25.13 -8.63 -54.06
CA PHE A 11 25.41 -9.51 -55.17
C PHE A 11 26.18 -10.72 -54.66
N VAL A 12 25.62 -11.91 -54.87
CA VAL A 12 26.27 -13.16 -54.48
C VAL A 12 26.56 -13.94 -55.76
N GLU A 13 27.78 -14.44 -55.87
CA GLU A 13 28.28 -15.02 -57.10
C GLU A 13 28.15 -16.53 -57.08
N GLY A 14 27.72 -17.10 -58.20
CA GLY A 14 27.67 -18.54 -58.35
C GLY A 14 29.04 -19.16 -58.46
N MET A 15 29.43 -19.92 -57.43
CA MET A 15 30.76 -20.51 -57.37
C MET A 15 30.83 -21.73 -58.28
N SER A 16 32.04 -21.98 -58.80
CA SER A 16 32.30 -23.18 -59.58
C SER A 16 32.59 -24.32 -58.63
N GLY A 17 31.79 -25.38 -58.71
CA GLY A 17 31.89 -26.47 -57.76
C GLY A 17 30.93 -26.27 -56.61
N GLY A 18 29.94 -27.16 -56.49
CA GLY A 18 28.86 -26.95 -55.55
C GLY A 18 27.80 -26.05 -56.16
N THR A 19 26.53 -26.45 -56.08
CA THR A 19 25.44 -25.73 -56.70
C THR A 19 24.48 -25.15 -55.67
N TRP A 20 24.98 -24.80 -54.50
CA TRP A 20 24.17 -24.13 -53.49
C TRP A 20 24.95 -22.98 -52.90
N VAL A 21 24.22 -21.95 -52.46
CA VAL A 21 24.81 -20.79 -51.80
C VAL A 21 23.92 -20.42 -50.63
N ASP A 22 24.54 -19.93 -49.56
CA ASP A 22 23.86 -19.56 -48.34
C ASP A 22 23.67 -18.05 -48.30
N VAL A 23 22.43 -17.59 -48.17
CA VAL A 23 22.12 -16.18 -48.09
C VAL A 23 21.29 -15.92 -46.84
N VAL A 24 21.34 -14.68 -46.38
CA VAL A 24 20.49 -14.21 -45.29
C VAL A 24 19.55 -13.16 -45.87
N LEU A 25 18.27 -13.47 -45.90
CA LEU A 25 17.26 -12.58 -46.49
C LEU A 25 16.84 -11.56 -45.45
N GLU A 26 17.54 -10.43 -45.41
CA GLU A 26 17.21 -9.37 -44.48
C GLU A 26 15.96 -8.64 -44.94
N HIS A 27 15.04 -8.42 -44.00
CA HIS A 27 13.80 -7.70 -44.28
C HIS A 27 14.11 -6.22 -44.38
N GLY A 28 14.00 -5.66 -45.59
CA GLY A 28 14.37 -4.28 -45.86
C GLY A 28 15.47 -4.15 -46.89
N GLY A 29 16.38 -5.11 -46.91
CA GLY A 29 17.36 -5.23 -47.97
C GLY A 29 16.85 -6.11 -49.09
N CYS A 30 17.78 -6.57 -49.91
CA CYS A 30 17.46 -7.48 -51.01
C CYS A 30 18.76 -7.95 -51.63
N VAL A 31 18.73 -9.15 -52.24
CA VAL A 31 19.92 -9.77 -52.78
C VAL A 31 19.59 -10.33 -54.17
N THR A 32 20.50 -10.14 -55.12
CA THR A 32 20.40 -10.73 -56.44
C THR A 32 21.47 -11.82 -56.57
N VAL A 33 21.08 -12.96 -57.12
CA VAL A 33 21.94 -14.13 -57.18
C VAL A 33 22.21 -14.45 -58.64
N MET A 34 23.49 -14.47 -59.01
CA MET A 34 23.90 -14.74 -60.38
C MET A 34 24.97 -15.82 -60.36
N ALA A 35 24.73 -16.91 -61.10
CA ALA A 35 25.68 -17.98 -61.25
C ALA A 35 26.25 -17.97 -62.67
N GLN A 36 27.22 -18.85 -62.89
CA GLN A 36 28.04 -18.77 -64.10
C GLN A 36 27.21 -19.00 -65.37
N ASP A 37 26.25 -19.93 -65.33
CA ASP A 37 25.44 -20.19 -66.50
C ASP A 37 23.97 -20.36 -66.15
N LYS A 38 23.52 -19.72 -65.08
CA LYS A 38 22.14 -19.74 -64.64
C LYS A 38 21.50 -18.37 -64.82
N PRO A 39 20.18 -18.29 -64.90
CA PRO A 39 19.52 -16.98 -64.95
C PRO A 39 19.76 -16.23 -63.65
N THR A 40 19.79 -14.90 -63.75
CA THR A 40 19.96 -14.07 -62.57
C THR A 40 18.62 -13.87 -61.88
N VAL A 41 18.59 -14.17 -60.59
CA VAL A 41 17.39 -14.06 -59.77
C VAL A 41 17.71 -13.16 -58.58
N ASP A 42 16.84 -12.21 -58.31
CA ASP A 42 16.95 -11.35 -57.13
C ASP A 42 15.87 -11.75 -56.14
N ILE A 43 16.28 -11.90 -54.88
CA ILE A 43 15.46 -12.54 -53.86
C ILE A 43 15.27 -11.56 -52.71
N GLU A 44 14.03 -11.42 -52.25
CA GLU A 44 13.71 -10.47 -51.20
C GLU A 44 12.68 -11.07 -50.25
N LEU A 45 13.02 -11.09 -48.96
CA LEU A 45 12.04 -11.37 -47.93
C LEU A 45 11.12 -10.17 -47.77
N VAL A 46 9.83 -10.36 -48.00
CA VAL A 46 8.87 -9.27 -48.10
C VAL A 46 7.94 -9.21 -46.90
N THR A 47 7.53 -10.36 -46.37
CA THR A 47 6.59 -10.40 -45.27
C THR A 47 7.04 -11.40 -44.22
N THR A 48 6.73 -11.08 -42.96
CA THR A 48 6.86 -12.02 -41.84
C THR A 48 5.56 -11.90 -41.06
N THR A 49 4.73 -12.94 -41.11
CA THR A 49 3.41 -12.92 -40.50
C THR A 49 3.36 -13.87 -39.32
N VAL A 50 2.82 -13.40 -38.20
CA VAL A 50 2.58 -14.23 -37.02
C VAL A 50 1.08 -14.44 -36.89
N SER A 51 0.68 -15.70 -36.73
CA SER A 51 -0.71 -16.09 -36.90
C SER A 51 -1.44 -16.31 -35.57
N ASN A 52 -0.92 -17.19 -34.72
CA ASN A 52 -1.60 -17.59 -33.49
C ASN A 52 -0.94 -16.87 -32.33
N MET A 53 -1.65 -15.88 -31.79
CA MET A 53 -1.14 -15.01 -30.74
C MET A 53 -1.91 -15.26 -29.46
N ALA A 54 -1.19 -15.54 -28.39
CA ALA A 54 -1.79 -15.80 -27.09
C ALA A 54 -1.65 -14.56 -26.21
N GLU A 55 -2.77 -14.04 -25.72
CA GLU A 55 -2.74 -12.92 -24.79
C GLU A 55 -2.07 -13.34 -23.50
N VAL A 56 -1.05 -12.58 -23.09
CA VAL A 56 -0.31 -12.87 -21.87
C VAL A 56 -0.70 -11.93 -20.74
N ARG A 57 -0.85 -10.65 -21.03
CA ARG A 57 -1.05 -9.67 -19.98
C ARG A 57 -1.52 -8.35 -20.59
N SER A 58 -2.50 -7.72 -19.97
CA SER A 58 -3.00 -6.43 -20.38
C SER A 58 -2.74 -5.41 -19.28
N TYR A 59 -2.08 -4.31 -19.62
CA TYR A 59 -1.78 -3.25 -18.68
C TYR A 59 -2.78 -2.12 -18.81
N CYS A 60 -3.04 -1.45 -17.69
CA CYS A 60 -3.86 -0.24 -17.66
C CYS A 60 -2.97 0.99 -17.75
N TYR A 61 -3.41 1.98 -18.54
CA TYR A 61 -2.75 3.28 -18.55
C TYR A 61 -3.71 4.44 -18.36
N GLU A 62 -5.01 4.22 -18.43
CA GLU A 62 -6.03 5.26 -18.36
C GLU A 62 -7.03 4.95 -17.26
N ALA A 63 -6.50 4.70 -16.06
CA ALA A 63 -7.32 4.34 -14.91
C ALA A 63 -8.24 5.48 -14.51
N SER A 64 -9.23 5.14 -13.69
CA SER A 64 -10.20 6.09 -13.17
C SER A 64 -10.72 5.57 -11.83
N ILE A 65 -11.05 6.49 -10.93
CA ILE A 65 -11.58 6.15 -9.61
C ILE A 65 -12.88 6.91 -9.39
N SER A 66 -13.91 6.22 -8.93
CA SER A 66 -15.25 6.80 -8.85
C SER A 66 -15.77 6.91 -7.43
N ASP A 67 -15.85 5.79 -6.71
CA ASP A 67 -16.48 5.79 -5.38
C ASP A 67 -15.40 6.07 -4.35
N MET A 68 -15.69 6.98 -3.43
CA MET A 68 -14.71 7.43 -2.46
C MET A 68 -15.31 7.39 -1.07
N ALA A 69 -14.53 6.89 -0.11
CA ALA A 69 -14.97 6.84 1.28
C ALA A 69 -13.75 6.71 2.17
N SER A 70 -13.91 7.11 3.43
CA SER A 70 -12.85 7.02 4.41
C SER A 70 -13.44 6.52 5.72
N ASP A 71 -12.58 5.87 6.50
CA ASP A 71 -12.92 5.43 7.85
C ASP A 71 -11.79 5.82 8.79
N SER A 72 -12.14 6.37 9.94
CA SER A 72 -11.15 6.80 10.92
C SER A 72 -11.47 6.19 12.27
N ARG A 73 -10.41 5.84 13.01
CA ARG A 73 -10.55 5.35 14.37
C ARG A 73 -9.63 6.15 15.29
N CYS A 74 -10.03 6.24 16.54
CA CYS A 74 -9.33 7.02 17.54
C CYS A 74 -8.06 6.31 18.00
N PRO A 75 -7.15 7.03 18.64
CA PRO A 75 -5.93 6.38 19.14
C PRO A 75 -6.25 5.34 20.20
N THR A 76 -5.34 4.38 20.34
CA THR A 76 -5.48 3.25 21.27
C THR A 76 -6.76 2.45 21.00
N GLN A 77 -7.18 2.42 19.75
CA GLN A 77 -8.26 1.57 19.27
C GLN A 77 -7.68 0.64 18.21
N GLY A 78 -8.55 -0.04 17.49
CA GLY A 78 -8.08 -0.96 16.48
C GLY A 78 -7.68 -0.25 15.21
N GLU A 79 -8.12 -0.74 14.07
CA GLU A 79 -7.84 -0.10 12.80
C GLU A 79 -9.15 0.12 12.05
N ALA A 80 -9.14 1.12 11.16
CA ALA A 80 -10.30 1.38 10.34
C ALA A 80 -10.53 0.25 9.36
N TYR A 81 -11.79 -0.02 9.05
CA TYR A 81 -12.16 -1.12 8.16
C TYR A 81 -12.81 -0.65 6.87
N LEU A 82 -13.89 0.14 6.96
CA LEU A 82 -14.51 0.80 5.81
C LEU A 82 -15.21 -0.21 4.90
N ASP A 83 -15.00 -1.51 5.13
CA ASP A 83 -15.74 -2.58 4.46
C ASP A 83 -15.39 -2.69 2.98
N LYS A 84 -14.60 -1.75 2.47
CA LYS A 84 -14.19 -1.79 1.06
C LYS A 84 -12.82 -2.41 0.87
N GLN A 85 -12.11 -2.71 1.96
CA GLN A 85 -10.90 -3.52 1.83
C GLN A 85 -11.22 -4.96 1.46
N SER A 86 -12.47 -5.38 1.65
CA SER A 86 -12.93 -6.70 1.26
C SER A 86 -13.37 -6.75 -0.19
N ASP A 87 -13.28 -5.65 -0.93
CA ASP A 87 -13.63 -5.60 -2.34
C ASP A 87 -12.35 -5.42 -3.15
N THR A 88 -12.08 -6.38 -4.04
CA THR A 88 -10.87 -6.32 -4.85
C THR A 88 -10.91 -5.20 -5.88
N GLN A 89 -12.10 -4.70 -6.22
CA GLN A 89 -12.21 -3.60 -7.17
C GLN A 89 -11.74 -2.28 -6.58
N TYR A 90 -11.56 -2.20 -5.27
CA TYR A 90 -11.19 -0.96 -4.61
C TYR A 90 -9.71 -0.98 -4.23
N VAL A 91 -9.07 0.16 -4.39
CA VAL A 91 -7.67 0.34 -3.98
C VAL A 91 -7.67 1.15 -2.70
N CYS A 92 -6.98 0.65 -1.68
CA CYS A 92 -7.06 1.23 -0.34
C CYS A 92 -5.66 1.45 0.22
N LYS A 93 -5.60 2.29 1.24
CA LYS A 93 -4.35 2.62 1.91
C LYS A 93 -4.65 3.03 3.33
N ARG A 94 -3.82 2.57 4.26
CA ARG A 94 -3.97 2.87 5.68
C ARG A 94 -2.90 3.87 6.10
N THR A 95 -3.32 4.95 6.76
CA THR A 95 -2.41 5.97 7.22
C THR A 95 -2.81 6.42 8.62
N LEU A 96 -1.89 7.13 9.28
CA LEU A 96 -2.11 7.65 10.62
C LEU A 96 -2.40 9.14 10.54
N VAL A 97 -3.51 9.56 11.13
CA VAL A 97 -3.91 10.96 11.14
C VAL A 97 -4.05 11.43 12.59
N ASP A 98 -4.00 12.75 12.76
CA ASP A 98 -4.16 13.34 14.08
C ASP A 98 -5.60 13.21 14.55
N ARG A 99 -5.76 12.76 15.79
CA ARG A 99 -7.06 12.69 16.44
C ARG A 99 -6.96 13.36 17.81
N GLY A 100 -8.10 13.82 18.31
CA GLY A 100 -8.11 14.50 19.58
C GLY A 100 -9.52 14.87 19.98
N TRP A 101 -9.61 15.74 20.99
CA TRP A 101 -10.92 16.17 21.48
C TRP A 101 -11.66 16.97 20.40
N GLY A 102 -10.94 17.80 19.66
CA GLY A 102 -11.58 18.54 18.57
C GLY A 102 -12.06 17.63 17.46
N ASN A 103 -11.31 16.56 17.17
CA ASN A 103 -11.70 15.65 16.11
C ASN A 103 -12.86 14.75 16.50
N GLY A 104 -13.13 14.60 17.80
CA GLY A 104 -14.36 13.95 18.21
C GLY A 104 -14.26 12.70 19.04
N CYS A 105 -13.19 12.54 19.82
CA CYS A 105 -13.14 11.45 20.79
C CYS A 105 -12.07 11.77 21.84
N GLY A 106 -11.79 10.80 22.69
CA GLY A 106 -11.07 11.02 23.94
C GLY A 106 -9.60 11.34 23.86
N LEU A 107 -8.78 10.39 23.41
CA LEU A 107 -7.34 10.55 23.52
C LEU A 107 -6.80 11.39 22.36
N PHE A 108 -5.49 11.63 22.39
CA PHE A 108 -4.80 12.48 21.43
C PHE A 108 -3.65 11.72 20.81
N GLY A 109 -3.59 11.72 19.47
CA GLY A 109 -2.39 11.29 18.79
C GLY A 109 -2.48 10.05 17.92
N LYS A 110 -2.41 10.25 16.60
CA LYS A 110 -2.19 9.20 15.61
C LYS A 110 -3.29 8.13 15.66
N GLY A 111 -4.48 8.57 15.28
CA GLY A 111 -5.55 7.64 14.97
C GLY A 111 -5.29 6.93 13.65
N SER A 112 -6.16 5.96 13.35
CA SER A 112 -6.01 5.14 12.16
C SER A 112 -7.04 5.56 11.12
N LEU A 113 -6.59 5.71 9.86
CA LEU A 113 -7.46 6.12 8.78
C LEU A 113 -7.18 5.26 7.54
N VAL A 114 -8.23 4.88 6.85
CA VAL A 114 -8.12 4.14 5.59
C VAL A 114 -8.99 4.82 4.54
N THR A 115 -8.45 4.97 3.33
CA THR A 115 -9.15 5.55 2.21
C THR A 115 -9.27 4.50 1.11
N CYS A 116 -10.47 4.32 0.57
CA CYS A 116 -10.72 3.31 -0.45
C CYS A 116 -11.39 3.96 -1.66
N ALA A 117 -10.86 3.69 -2.84
CA ALA A 117 -11.38 4.23 -4.09
C ALA A 117 -11.68 3.10 -5.06
N LYS A 118 -12.80 3.20 -5.77
CA LYS A 118 -13.21 2.18 -6.72
C LYS A 118 -12.42 2.36 -8.02
N PHE A 119 -11.50 1.43 -8.27
CA PHE A 119 -10.61 1.53 -9.42
C PHE A 119 -11.29 1.01 -10.67
N ALA A 120 -11.02 1.67 -11.80
CA ALA A 120 -11.55 1.27 -13.09
C ALA A 120 -10.57 1.66 -14.17
N CYS A 121 -10.57 0.89 -15.25
CA CYS A 121 -9.70 1.14 -16.40
C CYS A 121 -10.53 1.62 -17.58
N SER A 122 -10.06 2.67 -18.23
CA SER A 122 -10.71 3.18 -19.43
C SER A 122 -10.02 2.74 -20.72
N LYS A 123 -8.69 2.64 -20.69
CA LYS A 123 -7.93 2.19 -21.85
C LYS A 123 -6.83 1.28 -21.38
N LYS A 124 -6.85 0.03 -21.84
CA LYS A 124 -5.81 -0.94 -21.48
C LYS A 124 -4.88 -1.18 -22.67
N MET A 125 -3.82 -1.93 -22.40
CA MET A 125 -2.72 -2.11 -23.32
C MET A 125 -2.31 -3.58 -23.26
N THR A 126 -2.52 -4.31 -24.35
CA THR A 126 -2.44 -5.76 -24.35
C THR A 126 -1.14 -6.26 -24.98
N GLY A 127 -0.53 -7.25 -24.33
CA GLY A 127 0.62 -7.93 -24.87
C GLY A 127 0.24 -9.35 -25.31
N LYS A 128 0.94 -9.84 -26.32
CA LYS A 128 0.67 -11.16 -26.88
C LYS A 128 1.96 -11.91 -27.13
N SER A 129 1.93 -13.21 -26.88
CA SER A 129 3.10 -14.05 -27.08
C SER A 129 3.22 -14.48 -28.53
N ILE A 130 4.46 -14.72 -28.96
CA ILE A 130 4.76 -15.15 -30.32
C ILE A 130 5.52 -16.47 -30.24
N GLN A 131 4.96 -17.51 -30.85
CA GLN A 131 5.72 -18.76 -30.87
C GLN A 131 6.65 -18.79 -32.09
N PRO A 132 7.83 -19.41 -31.96
CA PRO A 132 8.69 -19.56 -33.15
C PRO A 132 8.06 -20.40 -34.24
N GLU A 133 7.08 -21.24 -33.92
CA GLU A 133 6.27 -21.88 -34.94
C GLU A 133 5.20 -20.89 -35.39
N ASN A 134 4.22 -21.36 -36.15
CA ASN A 134 3.06 -20.59 -36.62
C ASN A 134 3.41 -19.16 -37.04
N LEU A 135 4.58 -18.97 -37.63
CA LEU A 135 4.94 -17.75 -38.32
C LEU A 135 5.37 -18.08 -39.74
N GLU A 136 5.07 -17.19 -40.67
CA GLU A 136 5.18 -17.48 -42.09
C GLU A 136 5.97 -16.37 -42.78
N TYR A 137 7.21 -16.66 -43.14
CA TYR A 137 7.96 -15.75 -44.00
C TYR A 137 7.47 -15.85 -45.43
N ARG A 138 7.48 -14.72 -46.14
CA ARG A 138 7.14 -14.67 -47.55
C ARG A 138 8.31 -14.12 -48.33
N ILE A 139 8.67 -14.80 -49.41
CA ILE A 139 9.82 -14.45 -50.22
C ILE A 139 9.37 -14.31 -51.66
N MET A 140 9.72 -13.20 -52.30
CA MET A 140 9.40 -12.94 -53.70
C MET A 140 10.64 -13.10 -54.55
N LEU A 141 10.54 -13.91 -55.59
CA LEU A 141 11.64 -14.15 -56.50
C LEU A 141 11.32 -13.52 -57.85
N SER A 142 12.27 -12.78 -58.40
CA SER A 142 12.14 -12.21 -59.73
C SER A 142 13.38 -12.56 -60.54
N VAL A 143 13.19 -12.85 -61.81
CA VAL A 143 14.28 -13.25 -62.69
C VAL A 143 14.66 -12.08 -63.58
N HIS A 144 15.96 -11.86 -63.73
CA HIS A 144 16.47 -10.95 -64.75
C HIS A 144 16.31 -11.66 -66.09
N GLY A 145 15.08 -11.68 -66.57
CA GLY A 145 14.76 -12.42 -67.76
C GLY A 145 14.40 -11.55 -68.94
N SER A 146 13.11 -11.44 -69.20
CA SER A 146 12.63 -10.75 -70.38
C SER A 146 11.65 -9.62 -70.08
N GLN A 147 11.14 -9.52 -68.86
CA GLN A 147 10.22 -8.45 -68.53
C GLN A 147 10.95 -7.13 -68.42
N HIS A 148 10.24 -6.05 -68.69
CA HIS A 148 10.84 -4.73 -68.83
C HIS A 148 10.60 -3.88 -67.60
N SER A 149 11.28 -2.73 -67.55
CA SER A 149 10.94 -1.71 -66.58
C SER A 149 9.51 -1.26 -66.84
N GLY A 150 8.63 -1.52 -65.89
CA GLY A 150 7.20 -1.43 -66.13
C GLY A 150 6.52 -2.51 -65.33
N MET A 151 7.28 -3.53 -64.92
CA MET A 151 6.87 -4.40 -63.83
C MET A 151 7.97 -4.36 -62.77
N ILE A 152 8.05 -3.23 -62.07
CA ILE A 152 8.71 -3.09 -60.78
C ILE A 152 7.76 -2.22 -59.96
N VAL A 153 6.81 -1.59 -60.68
CA VAL A 153 5.96 -0.57 -60.09
C VAL A 153 5.03 -1.19 -59.07
N ASN A 154 4.78 -0.44 -58.00
CA ASN A 154 3.90 -0.88 -56.91
C ASN A 154 4.36 -2.23 -56.33
N ASP A 155 5.61 -2.23 -55.88
CA ASP A 155 6.14 -3.41 -55.20
C ASP A 155 5.35 -3.65 -53.91
N THR A 156 5.60 -4.82 -53.31
CA THR A 156 4.79 -5.45 -52.27
C THR A 156 3.45 -5.93 -52.80
N GLY A 157 3.16 -5.70 -54.07
CA GLY A 157 2.02 -6.32 -54.74
C GLY A 157 2.40 -7.71 -55.19
N HIS A 158 2.41 -8.65 -54.26
CA HIS A 158 3.05 -9.94 -54.45
C HIS A 158 2.33 -10.79 -55.49
N GLU A 159 2.46 -10.38 -56.75
CA GLU A 159 1.85 -11.10 -57.88
C GLU A 159 2.88 -11.99 -58.54
N THR A 160 2.45 -13.21 -58.88
CA THR A 160 3.33 -14.20 -59.49
C THR A 160 3.15 -14.19 -61.02
N ASP A 161 4.23 -14.51 -61.71
CA ASP A 161 4.28 -14.39 -63.16
C ASP A 161 5.24 -15.43 -63.72
N GLU A 162 5.45 -15.37 -65.03
CA GLU A 162 6.47 -16.20 -65.66
C GLU A 162 7.86 -15.83 -65.18
N ASN A 163 8.04 -14.63 -64.66
CA ASN A 163 9.33 -14.17 -64.16
C ASN A 163 9.34 -13.90 -62.67
N ARG A 164 8.19 -13.94 -62.00
CA ARG A 164 8.10 -13.65 -60.58
C ARG A 164 7.41 -14.81 -59.88
N ALA A 165 8.00 -15.28 -58.78
CA ALA A 165 7.46 -16.38 -58.00
C ALA A 165 7.42 -15.99 -56.53
N LYS A 166 6.39 -16.47 -55.83
CA LYS A 166 6.21 -16.23 -54.41
C LYS A 166 6.34 -17.54 -53.64
N VAL A 167 7.19 -17.54 -52.62
CA VAL A 167 7.35 -18.70 -51.75
C VAL A 167 7.01 -18.27 -50.33
N GLU A 168 6.28 -19.12 -49.63
CA GLU A 168 5.86 -18.87 -48.25
C GLU A 168 6.39 -20.00 -47.40
N ILE A 169 7.46 -19.74 -46.67
CA ILE A 169 8.06 -20.76 -45.82
C ILE A 169 7.51 -20.62 -44.41
N THR A 170 7.46 -21.75 -43.71
CA THR A 170 7.06 -21.85 -42.32
C THR A 170 8.01 -22.85 -41.66
N PRO A 171 8.08 -22.86 -40.33
CA PRO A 171 8.83 -23.95 -39.66
C PRO A 171 8.31 -25.33 -40.01
N ASN A 172 7.02 -25.44 -40.32
CA ASN A 172 6.46 -26.71 -40.78
C ASN A 172 6.80 -27.01 -42.23
N SER A 173 6.97 -25.97 -43.05
CA SER A 173 7.30 -26.12 -44.47
C SER A 173 8.46 -25.20 -44.83
N PRO A 174 9.67 -25.52 -44.37
CA PRO A 174 10.82 -24.62 -44.57
C PRO A 174 11.67 -24.91 -45.79
N ARG A 175 11.25 -25.82 -46.67
CA ARG A 175 12.11 -26.34 -47.73
C ARG A 175 11.38 -26.33 -49.06
N ALA A 176 10.77 -25.19 -49.39
CA ALA A 176 10.00 -25.09 -50.62
C ALA A 176 10.91 -25.20 -51.84
N GLU A 177 10.35 -25.77 -52.91
CA GLU A 177 11.01 -25.87 -54.21
C GLU A 177 10.28 -24.90 -55.13
N ALA A 178 10.90 -23.74 -55.37
CA ALA A 178 10.21 -22.62 -56.00
C ALA A 178 10.26 -22.78 -57.51
N THR A 179 9.17 -23.28 -58.09
CA THR A 179 9.09 -23.42 -59.53
C THR A 179 8.85 -22.05 -60.16
N LEU A 180 9.74 -21.67 -61.08
CA LEU A 180 9.65 -20.42 -61.82
C LEU A 180 9.75 -20.77 -63.31
N GLY A 181 8.58 -20.93 -63.93
CA GLY A 181 8.49 -21.72 -65.14
C GLY A 181 9.34 -21.16 -66.26
N GLY A 182 9.93 -22.07 -67.04
CA GLY A 182 10.83 -21.72 -68.12
C GLY A 182 12.27 -21.71 -67.68
N PHE A 183 12.55 -21.16 -66.51
CA PHE A 183 13.88 -21.14 -65.94
C PHE A 183 14.15 -22.33 -65.04
N GLY A 184 13.20 -23.23 -64.92
CA GLY A 184 13.35 -24.39 -64.05
C GLY A 184 12.72 -24.15 -62.68
N SER A 185 13.54 -24.15 -61.64
CA SER A 185 13.06 -23.94 -60.29
C SER A 185 14.23 -23.58 -59.40
N LEU A 186 13.92 -22.91 -58.28
CA LEU A 186 14.89 -22.59 -57.26
C LEU A 186 14.58 -23.39 -56.00
N GLY A 187 15.61 -23.86 -55.33
CA GLY A 187 15.48 -24.62 -54.09
C GLY A 187 15.88 -23.76 -52.91
N LEU A 188 15.01 -23.73 -51.90
CA LEU A 188 15.18 -22.87 -50.74
C LEU A 188 15.13 -23.72 -49.48
N ASP A 189 16.29 -23.94 -48.87
CA ASP A 189 16.40 -24.64 -47.58
C ASP A 189 16.63 -23.57 -46.52
N CYS A 190 15.54 -23.06 -45.96
CA CYS A 190 15.59 -21.92 -45.05
C CYS A 190 15.41 -22.37 -43.60
N GLU A 191 15.67 -21.43 -42.69
CA GLU A 191 15.68 -21.67 -41.26
C GLU A 191 14.70 -20.70 -40.60
N PRO A 192 13.41 -21.00 -40.62
CA PRO A 192 12.43 -20.07 -40.04
C PRO A 192 12.59 -19.85 -38.54
N ARG A 193 13.05 -20.86 -37.81
CA ARG A 193 13.08 -20.75 -36.35
C ARG A 193 14.21 -19.84 -35.89
N THR A 194 15.36 -19.90 -36.54
CA THR A 194 16.53 -19.12 -36.13
C THR A 194 16.59 -17.78 -36.85
N GLY A 195 15.50 -17.01 -36.77
CA GLY A 195 15.45 -15.72 -37.41
C GLY A 195 15.67 -14.56 -36.46
N LEU A 196 14.59 -13.89 -36.08
CA LEU A 196 14.65 -12.71 -35.22
C LEU A 196 14.58 -13.07 -33.74
N ASP A 197 14.57 -14.35 -33.40
CA ASP A 197 14.43 -14.82 -32.02
C ASP A 197 13.12 -14.34 -31.41
N PHE A 198 12.03 -14.82 -31.99
CA PHE A 198 10.69 -14.46 -31.53
C PHE A 198 10.32 -15.11 -30.20
N SER A 199 11.20 -15.91 -29.61
CA SER A 199 10.89 -16.52 -28.32
C SER A 199 10.82 -15.46 -27.23
N ASP A 200 11.84 -14.61 -27.15
CA ASP A 200 11.85 -13.52 -26.16
C ASP A 200 11.33 -12.22 -26.76
N LEU A 201 10.15 -12.27 -27.37
CA LEU A 201 9.53 -11.10 -27.97
C LEU A 201 8.02 -11.16 -27.78
N TYR A 202 7.41 -10.00 -27.58
CA TYR A 202 5.97 -9.88 -27.42
C TYR A 202 5.41 -8.92 -28.47
N TYR A 203 4.11 -9.02 -28.69
CA TYR A 203 3.39 -8.19 -29.64
C TYR A 203 2.52 -7.21 -28.86
N LEU A 204 3.07 -6.05 -28.56
CA LEU A 204 2.35 -5.03 -27.80
C LEU A 204 1.36 -4.30 -28.69
N THR A 205 0.12 -4.20 -28.22
CA THR A 205 -0.93 -3.46 -28.92
C THR A 205 -1.57 -2.48 -27.95
N MET A 206 -1.61 -1.21 -28.32
CA MET A 206 -2.25 -0.19 -27.50
C MET A 206 -2.76 0.92 -28.40
N ASN A 207 -4.06 1.17 -28.35
CA ASN A 207 -4.72 2.23 -29.13
C ASN A 207 -4.50 2.03 -30.63
N ASN A 208 -4.87 0.84 -31.11
CA ASN A 208 -4.81 0.50 -32.53
C ASN A 208 -3.41 0.71 -33.11
N LYS A 209 -2.40 0.63 -32.27
CA LYS A 209 -1.01 0.71 -32.68
C LYS A 209 -0.25 -0.44 -32.06
N HIS A 210 0.65 -1.05 -32.83
CA HIS A 210 1.27 -2.30 -32.45
C HIS A 210 2.78 -2.17 -32.53
N TRP A 211 3.47 -2.84 -31.61
CA TRP A 211 4.91 -2.89 -31.58
C TRP A 211 5.37 -4.33 -31.38
N LEU A 212 6.63 -4.58 -31.70
CA LEU A 212 7.29 -5.85 -31.40
C LEU A 212 8.26 -5.58 -30.27
N VAL A 213 7.92 -6.03 -29.07
CA VAL A 213 8.62 -5.63 -27.85
C VAL A 213 9.24 -6.83 -27.19
N HIS A 214 10.32 -6.58 -26.45
CA HIS A 214 10.99 -7.62 -25.69
C HIS A 214 10.10 -8.11 -24.54
N LYS A 215 10.34 -9.36 -24.13
CA LYS A 215 9.60 -9.91 -23.00
C LYS A 215 10.02 -9.26 -21.69
N GLU A 216 11.32 -9.05 -21.50
CA GLU A 216 11.81 -8.46 -20.27
C GLU A 216 11.24 -7.06 -20.07
N TRP A 217 11.25 -6.25 -21.13
CA TRP A 217 10.69 -4.92 -21.05
C TRP A 217 9.21 -4.97 -20.72
N PHE A 218 8.46 -5.86 -21.37
CA PHE A 218 7.02 -5.94 -21.15
C PHE A 218 6.70 -6.34 -19.72
N HIS A 219 7.50 -7.25 -19.16
CA HIS A 219 7.25 -7.70 -17.79
C HIS A 219 7.81 -6.76 -16.73
N ASP A 220 8.68 -5.83 -17.11
CA ASP A 220 9.30 -4.93 -16.15
C ASP A 220 8.59 -3.59 -16.00
N ILE A 221 7.51 -3.33 -16.73
CA ILE A 221 6.87 -2.03 -16.73
C ILE A 221 5.80 -2.00 -15.64
N PRO A 222 5.86 -1.05 -14.69
CA PRO A 222 4.90 -1.03 -13.59
C PRO A 222 3.60 -0.33 -13.93
N LEU A 223 2.52 -1.09 -14.07
CA LEU A 223 1.18 -0.54 -14.29
C LEU A 223 0.18 -1.55 -13.75
N PRO A 224 -1.05 -1.12 -13.49
CA PRO A 224 -2.11 -2.10 -13.20
C PRO A 224 -2.24 -3.07 -14.35
N TRP A 225 -2.41 -4.35 -14.03
CA TRP A 225 -2.46 -5.37 -15.07
C TRP A 225 -3.38 -6.50 -14.63
N HIS A 226 -3.87 -7.23 -15.62
CA HIS A 226 -4.62 -8.46 -15.39
C HIS A 226 -4.09 -9.53 -16.33
N ALA A 227 -4.23 -10.78 -15.91
CA ALA A 227 -3.72 -11.89 -16.69
C ALA A 227 -4.48 -12.01 -18.00
N GLY A 228 -3.83 -12.63 -18.99
CA GLY A 228 -4.49 -12.87 -20.27
C GLY A 228 -5.72 -13.74 -20.14
N ALA A 229 -5.70 -14.70 -19.20
CA ALA A 229 -6.84 -15.56 -18.95
C ALA A 229 -8.02 -14.81 -18.33
N ASP A 230 -7.80 -13.60 -17.81
CA ASP A 230 -8.88 -12.83 -17.21
C ASP A 230 -9.86 -12.40 -18.28
N THR A 231 -11.13 -12.76 -18.10
CA THR A 231 -12.18 -12.49 -19.08
C THR A 231 -13.38 -11.87 -18.38
N GLY A 232 -13.94 -10.82 -18.98
CA GLY A 232 -15.09 -10.14 -18.40
C GLY A 232 -14.69 -8.91 -17.63
N THR A 233 -14.90 -8.92 -16.32
CA THR A 233 -14.47 -7.83 -15.46
C THR A 233 -13.04 -8.13 -15.00
N PRO A 234 -12.06 -7.34 -15.39
CA PRO A 234 -10.68 -7.64 -15.00
C PRO A 234 -10.45 -7.42 -13.51
N HIS A 235 -9.52 -8.21 -12.97
CA HIS A 235 -9.03 -8.01 -11.61
C HIS A 235 -7.65 -7.39 -11.72
N TRP A 236 -7.58 -6.07 -11.54
CA TRP A 236 -6.34 -5.34 -11.75
C TRP A 236 -5.42 -5.55 -10.56
N ASN A 237 -4.17 -5.91 -10.85
CA ASN A 237 -3.26 -6.34 -9.80
C ASN A 237 -2.61 -5.16 -9.08
N ASN A 238 -1.80 -4.39 -9.81
CA ASN A 238 -1.02 -3.31 -9.21
C ASN A 238 -1.72 -1.97 -9.40
N LYS A 239 -2.92 -1.85 -8.79
CA LYS A 239 -3.67 -0.61 -8.90
C LYS A 239 -2.91 0.57 -8.29
N GLU A 240 -2.03 0.30 -7.33
CA GLU A 240 -1.27 1.35 -6.67
C GLU A 240 -0.28 2.02 -7.59
N ALA A 241 -0.03 1.46 -8.77
CA ALA A 241 0.84 2.12 -9.73
C ALA A 241 0.22 3.42 -10.25
N LEU A 242 -1.10 3.43 -10.46
CA LEU A 242 -1.79 4.56 -11.06
C LEU A 242 -2.62 5.36 -10.07
N VAL A 243 -2.62 4.99 -8.79
CA VAL A 243 -3.38 5.71 -7.77
C VAL A 243 -2.42 6.13 -6.67
N GLU A 244 -2.42 7.41 -6.34
CA GLU A 244 -1.56 7.97 -5.31
C GLU A 244 -2.40 8.40 -4.13
N PHE A 245 -1.96 8.04 -2.93
CA PHE A 245 -2.61 8.45 -1.69
C PHE A 245 -1.75 9.54 -1.04
N LYS A 246 -2.34 10.70 -0.83
CA LYS A 246 -1.68 11.81 -0.17
C LYS A 246 -2.53 12.27 1.00
N ASP A 247 -1.87 12.69 2.06
CA ASP A 247 -2.54 13.12 3.28
C ASP A 247 -2.39 14.62 3.44
N ALA A 248 -3.49 15.29 3.77
CA ALA A 248 -3.38 16.61 4.38
C ALA A 248 -2.50 16.50 5.61
N HIS A 249 -1.84 17.61 5.97
CA HIS A 249 -0.64 17.58 6.80
C HIS A 249 -0.69 16.49 7.87
N ALA A 250 -1.74 16.48 8.71
CA ALA A 250 -2.02 15.28 9.49
C ALA A 250 -3.52 15.03 9.67
N LYS A 251 -4.38 15.53 8.79
CA LYS A 251 -5.81 15.59 9.04
C LYS A 251 -6.61 14.62 8.19
N ARG A 252 -6.39 14.60 6.87
CA ARG A 252 -7.15 13.72 6.00
C ARG A 252 -6.24 12.92 5.10
N GLN A 253 -6.82 12.19 4.15
CA GLN A 253 -6.06 11.49 3.11
C GLN A 253 -6.79 11.64 1.79
N THR A 254 -6.05 11.99 0.74
CA THR A 254 -6.61 12.26 -0.57
C THR A 254 -6.21 11.18 -1.55
N VAL A 255 -7.06 10.97 -2.55
CA VAL A 255 -6.85 9.97 -3.59
C VAL A 255 -6.86 10.67 -4.95
N VAL A 256 -5.81 10.46 -5.72
CA VAL A 256 -5.75 10.96 -7.10
C VAL A 256 -5.27 9.82 -8.00
N VAL A 257 -5.92 9.67 -9.13
CA VAL A 257 -5.48 8.75 -10.17
C VAL A 257 -4.52 9.50 -11.09
N LEU A 258 -3.47 8.81 -11.54
CA LEU A 258 -2.46 9.45 -12.36
C LEU A 258 -2.95 9.59 -13.80
N GLY A 259 -2.10 10.21 -14.64
CA GLY A 259 -2.48 10.54 -16.00
C GLY A 259 -2.61 9.36 -16.93
N SER A 260 -2.59 9.65 -18.24
CA SER A 260 -2.89 8.62 -19.24
C SER A 260 -1.72 7.70 -19.54
N GLN A 261 -0.49 8.11 -19.24
CA GLN A 261 0.67 7.23 -19.33
C GLN A 261 0.93 6.68 -20.73
N GLU A 262 0.09 7.05 -21.71
CA GLU A 262 0.25 6.51 -23.05
C GLU A 262 1.47 7.12 -23.74
N GLY A 263 1.65 8.43 -23.63
CA GLY A 263 2.87 9.04 -24.11
C GLY A 263 4.08 8.62 -23.31
N ALA A 264 3.89 8.29 -22.03
CA ALA A 264 5.00 7.80 -21.22
C ALA A 264 5.50 6.46 -21.72
N VAL A 265 4.59 5.53 -22.02
CA VAL A 265 5.03 4.25 -22.56
C VAL A 265 5.53 4.39 -23.99
N HIS A 266 4.94 5.31 -24.77
CA HIS A 266 5.51 5.64 -26.07
C HIS A 266 6.97 6.04 -25.94
N THR A 267 7.28 6.90 -24.98
CA THR A 267 8.67 7.24 -24.71
C THR A 267 9.45 6.04 -24.22
N ALA A 268 8.80 5.12 -23.52
CA ALA A 268 9.47 3.91 -23.06
C ALA A 268 9.77 2.95 -24.20
N LEU A 269 8.91 2.90 -25.21
CA LEU A 269 9.13 2.06 -26.39
C LEU A 269 10.19 2.71 -27.28
N ALA A 270 11.41 2.75 -26.77
CA ALA A 270 12.49 3.43 -27.49
C ALA A 270 13.06 2.54 -28.58
N GLY A 271 13.61 1.39 -28.21
CA GLY A 271 14.19 0.47 -29.16
C GLY A 271 13.24 -0.52 -29.79
N ALA A 272 11.94 -0.42 -29.50
CA ALA A 272 10.97 -1.35 -30.05
C ALA A 272 10.82 -1.14 -31.54
N LEU A 273 10.00 -1.97 -32.17
CA LEU A 273 9.77 -1.92 -33.61
C LEU A 273 8.27 -1.85 -33.86
N GLU A 274 7.85 -0.92 -34.71
CA GLU A 274 6.44 -0.83 -35.07
C GLU A 274 6.03 -2.06 -35.87
N ALA A 275 4.75 -2.39 -35.78
CA ALA A 275 4.23 -3.59 -36.43
C ALA A 275 2.77 -3.35 -36.80
N GLU A 276 2.28 -4.14 -37.76
CA GLU A 276 0.92 -4.04 -38.24
C GLU A 276 0.15 -5.32 -37.90
N MET A 277 -1.16 -5.24 -38.05
CA MET A 277 -2.03 -6.39 -37.82
C MET A 277 -2.98 -6.54 -38.99
N ASP A 278 -3.06 -7.75 -39.56
CA ASP A 278 -3.93 -8.03 -40.68
C ASP A 278 -5.32 -8.46 -40.24
N GLY A 279 -5.73 -8.08 -39.03
CA GLY A 279 -7.04 -8.41 -38.51
C GLY A 279 -6.97 -9.50 -37.45
N ALA A 280 -6.17 -10.52 -37.73
CA ALA A 280 -5.86 -11.53 -36.73
C ALA A 280 -4.41 -11.97 -36.79
N LYS A 281 -3.62 -11.47 -37.73
CA LYS A 281 -2.26 -11.93 -37.98
C LYS A 281 -1.29 -10.77 -37.86
N GLY A 282 -0.18 -11.02 -37.18
CA GLY A 282 0.80 -9.98 -36.91
C GLY A 282 1.78 -9.74 -38.05
N ARG A 283 1.33 -9.07 -39.10
CA ARG A 283 2.23 -8.69 -40.18
C ARG A 283 3.29 -7.74 -39.66
N LEU A 284 4.55 -8.01 -39.99
CA LEU A 284 5.64 -7.15 -39.55
C LEU A 284 6.78 -7.21 -40.54
N SER A 285 7.84 -6.46 -40.24
CA SER A 285 9.01 -6.33 -41.10
C SER A 285 10.24 -6.33 -40.19
N SER A 286 11.38 -5.91 -40.75
CA SER A 286 12.60 -5.67 -39.98
C SER A 286 13.12 -6.92 -39.30
N GLY A 287 12.83 -8.09 -39.86
CA GLY A 287 13.45 -9.34 -39.44
C GLY A 287 14.55 -9.77 -40.38
N HIS A 288 14.88 -11.05 -40.32
CA HIS A 288 15.83 -11.63 -41.27
C HIS A 288 15.62 -13.13 -41.31
N LEU A 289 15.97 -13.72 -42.45
CA LEU A 289 15.79 -15.16 -42.68
C LEU A 289 17.04 -15.70 -43.35
N LYS A 290 17.55 -16.82 -42.84
CA LYS A 290 18.70 -17.49 -43.43
C LYS A 290 18.20 -18.64 -44.31
N CYS A 291 18.57 -18.60 -45.57
CA CYS A 291 18.15 -19.60 -46.54
C CYS A 291 19.38 -20.22 -47.20
N ARG A 292 19.19 -21.43 -47.71
CA ARG A 292 20.15 -22.07 -48.59
C ARG A 292 19.53 -22.16 -49.98
N LEU A 293 20.20 -21.58 -50.96
CA LEU A 293 19.69 -21.52 -52.33
C LEU A 293 20.23 -22.71 -53.11
N LYS A 294 19.33 -23.45 -53.75
CA LYS A 294 19.71 -24.61 -54.54
C LYS A 294 19.45 -24.31 -56.01
N MET A 295 20.52 -24.12 -56.77
CA MET A 295 20.44 -23.76 -58.18
C MET A 295 20.62 -24.96 -59.10
N ASP A 296 20.38 -26.18 -58.60
CA ASP A 296 20.51 -27.35 -59.45
C ASP A 296 19.54 -27.29 -60.62
N LYS A 297 18.28 -26.96 -60.34
CA LYS A 297 17.25 -26.92 -61.36
C LYS A 297 17.10 -25.54 -62.00
N LEU A 298 17.95 -24.60 -61.63
CA LEU A 298 18.01 -23.32 -62.32
C LEU A 298 18.86 -23.45 -63.56
N ARG A 299 18.38 -22.92 -64.68
CA ARG A 299 19.14 -22.95 -65.92
C ARG A 299 18.52 -21.97 -66.90
N LEU A 300 19.33 -21.53 -67.86
CA LEU A 300 18.87 -20.53 -68.82
C LEU A 300 17.72 -21.07 -69.65
N LYS A 301 16.72 -20.23 -69.86
CA LYS A 301 15.48 -20.66 -70.51
C LYS A 301 15.69 -20.93 -71.99
N GLY A 302 16.01 -19.89 -72.75
CA GLY A 302 16.23 -20.03 -74.18
C GLY A 302 17.69 -20.20 -74.58
N VAL A 303 18.32 -21.31 -74.19
CA VAL A 303 19.70 -21.54 -74.62
C VAL A 303 19.75 -21.78 -76.12
N SER A 304 18.66 -22.26 -76.72
CA SER A 304 18.60 -22.55 -78.15
C SER A 304 17.85 -21.47 -78.91
N TYR A 305 17.99 -20.22 -78.51
CA TYR A 305 17.34 -19.10 -79.18
C TYR A 305 18.27 -18.53 -80.24
N SER A 306 17.74 -18.28 -81.43
CA SER A 306 18.48 -17.53 -82.43
C SER A 306 18.52 -16.07 -82.03
N LEU A 307 19.70 -15.46 -82.08
CA LEU A 307 19.83 -14.08 -81.63
C LEU A 307 19.02 -13.13 -82.50
N CYS A 308 18.53 -12.07 -81.88
CA CYS A 308 17.67 -11.12 -82.57
C CYS A 308 18.45 -10.39 -83.64
N THR A 309 17.88 -10.32 -84.84
CA THR A 309 18.49 -9.64 -85.98
C THR A 309 17.49 -8.63 -86.52
N ALA A 310 17.49 -7.45 -85.91
CA ALA A 310 16.60 -6.35 -86.28
C ALA A 310 17.09 -5.11 -85.54
N ALA A 311 16.31 -4.04 -85.61
CA ALA A 311 16.70 -2.76 -85.03
C ALA A 311 16.32 -2.70 -83.56
N PHE A 312 17.28 -2.32 -82.72
CA PHE A 312 17.05 -2.04 -81.31
C PHE A 312 17.12 -0.54 -81.10
N THR A 313 16.04 0.04 -80.57
CA THR A 313 16.01 1.45 -80.22
C THR A 313 15.86 1.58 -78.71
N PHE A 314 16.67 2.45 -78.11
CA PHE A 314 16.47 2.79 -76.71
C PHE A 314 15.08 3.38 -76.51
N THR A 315 14.42 2.97 -75.43
CA THR A 315 13.21 3.65 -74.99
C THR A 315 13.49 4.69 -73.92
N LYS A 316 14.56 4.53 -73.16
CA LYS A 316 14.99 5.49 -72.16
C LYS A 316 16.51 5.57 -72.18
N ILE A 317 17.03 6.67 -71.66
CA ILE A 317 18.49 6.80 -71.52
C ILE A 317 18.96 5.79 -70.48
N PRO A 318 20.07 5.09 -70.71
CA PRO A 318 20.60 4.19 -69.68
C PRO A 318 20.89 4.95 -68.39
N ALA A 319 20.55 4.31 -67.27
CA ALA A 319 20.67 4.93 -65.95
C ALA A 319 21.52 4.07 -65.04
N GLU A 320 22.52 4.69 -64.42
CA GLU A 320 23.33 3.99 -63.42
C GLU A 320 22.54 3.81 -62.14
N THR A 321 22.70 2.65 -61.50
CA THR A 321 22.08 2.40 -60.22
C THR A 321 22.99 2.91 -59.11
N LEU A 322 22.54 2.77 -57.86
CA LEU A 322 23.29 3.26 -56.72
C LEU A 322 24.56 2.45 -56.46
N HIS A 323 24.74 1.32 -57.14
CA HIS A 323 25.89 0.45 -56.92
C HIS A 323 26.82 0.43 -58.13
N GLY A 324 26.81 1.49 -58.92
CA GLY A 324 27.67 1.56 -60.09
C GLY A 324 27.34 0.54 -61.16
N THR A 325 26.06 0.30 -61.42
CA THR A 325 25.62 -0.67 -62.39
C THR A 325 24.59 0.00 -63.30
N VAL A 326 24.76 -0.16 -64.61
CA VAL A 326 23.95 0.57 -65.58
C VAL A 326 22.81 -0.32 -66.06
N THR A 327 21.60 0.22 -66.06
CA THR A 327 20.41 -0.47 -66.48
C THR A 327 19.95 0.07 -67.83
N VAL A 328 19.60 -0.83 -68.74
CA VAL A 328 19.26 -0.48 -70.10
C VAL A 328 17.91 -1.09 -70.45
N GLU A 329 17.03 -0.29 -71.04
CA GLU A 329 15.77 -0.79 -71.61
C GLU A 329 15.73 -0.43 -73.08
N VAL A 330 15.43 -1.41 -73.92
CA VAL A 330 15.43 -1.24 -75.36
C VAL A 330 14.12 -1.77 -75.93
N GLN A 331 13.77 -1.30 -77.12
CA GLN A 331 12.61 -1.76 -77.85
C GLN A 331 13.08 -2.50 -79.10
N TYR A 332 12.34 -3.53 -79.49
CA TYR A 332 12.69 -4.37 -80.62
C TYR A 332 11.82 -4.05 -81.82
N ALA A 333 12.46 -3.73 -82.95
CA ALA A 333 11.73 -3.47 -84.18
C ALA A 333 11.25 -4.75 -84.84
N GLY A 334 11.98 -5.85 -84.67
CA GLY A 334 11.63 -7.09 -85.34
C GLY A 334 10.43 -7.76 -84.72
N THR A 335 9.89 -8.74 -85.47
CA THR A 335 8.75 -9.51 -85.02
C THR A 335 8.97 -11.01 -85.20
N ASP A 336 10.23 -11.45 -85.26
CA ASP A 336 10.50 -12.86 -85.50
C ASP A 336 9.95 -13.73 -84.38
N GLY A 337 10.12 -13.30 -83.14
CA GLY A 337 9.66 -14.04 -82.00
C GLY A 337 10.71 -14.07 -80.91
N PRO A 338 10.59 -15.03 -79.99
CA PRO A 338 11.59 -15.18 -78.93
C PRO A 338 13.00 -15.32 -79.49
N CYS A 339 13.88 -14.40 -79.11
CA CYS A 339 15.23 -14.37 -79.66
C CYS A 339 16.18 -13.78 -78.63
N LYS A 340 17.46 -14.12 -78.78
CA LYS A 340 18.47 -13.62 -77.87
C LYS A 340 18.81 -12.17 -78.21
N VAL A 341 18.77 -11.30 -77.21
CA VAL A 341 19.17 -9.92 -77.41
C VAL A 341 20.69 -9.85 -77.37
N PRO A 342 21.34 -9.41 -78.45
CA PRO A 342 22.80 -9.25 -78.42
C PRO A 342 23.16 -7.98 -77.65
N ALA A 343 23.97 -8.14 -76.62
CA ALA A 343 24.32 -7.01 -75.77
C ALA A 343 25.65 -7.30 -75.10
N GLN A 344 26.49 -6.27 -74.99
CA GLN A 344 27.80 -6.38 -74.38
C GLN A 344 28.33 -4.96 -74.18
N MET A 345 29.54 -4.87 -73.62
CA MET A 345 30.26 -3.61 -73.55
C MET A 345 31.73 -3.88 -73.82
N ALA A 346 32.38 -2.95 -74.52
CA ALA A 346 33.77 -3.09 -74.89
C ALA A 346 34.52 -1.80 -74.60
N VAL A 347 35.77 -1.93 -74.15
CA VAL A 347 36.61 -0.76 -73.95
C VAL A 347 36.85 -0.05 -75.26
N ASP A 348 37.11 -0.80 -76.33
CA ASP A 348 37.27 -0.25 -77.66
C ASP A 348 36.31 -0.96 -78.61
N MET A 349 35.83 -0.21 -79.60
CA MET A 349 34.83 -0.75 -80.53
C MET A 349 35.46 -1.73 -81.51
N GLN A 350 36.69 -1.44 -81.97
CA GLN A 350 37.29 -2.21 -83.06
C GLN A 350 37.45 -3.68 -82.69
N THR A 351 38.29 -3.96 -81.70
CA THR A 351 38.41 -5.32 -81.16
C THR A 351 37.44 -5.42 -79.98
N LEU A 352 36.16 -5.58 -80.31
CA LEU A 352 35.08 -5.46 -79.33
C LEU A 352 35.00 -6.70 -78.44
N THR A 353 36.10 -6.97 -77.74
CA THR A 353 36.10 -8.02 -76.74
C THR A 353 35.24 -7.58 -75.57
N PRO A 354 34.27 -8.39 -75.15
CA PRO A 354 33.41 -8.00 -74.03
C PRO A 354 34.23 -7.76 -72.76
N VAL A 355 33.82 -6.75 -72.01
CA VAL A 355 34.51 -6.32 -70.80
C VAL A 355 33.47 -6.14 -69.70
N GLY A 356 33.93 -6.12 -68.47
CA GLY A 356 33.01 -5.95 -67.36
C GLY A 356 32.16 -7.19 -67.17
N ARG A 357 30.86 -6.99 -67.04
CA ARG A 357 29.95 -8.08 -66.74
C ARG A 357 28.55 -7.72 -67.20
N LEU A 358 27.69 -8.73 -67.32
CA LEU A 358 26.30 -8.55 -67.71
C LEU A 358 25.44 -9.25 -66.65
N ILE A 359 24.67 -8.47 -65.90
CA ILE A 359 23.93 -9.02 -64.77
C ILE A 359 22.79 -9.92 -65.26
N THR A 360 22.09 -9.51 -66.32
CA THR A 360 20.94 -10.28 -66.78
C THR A 360 21.36 -11.66 -67.27
N ALA A 361 22.53 -11.77 -67.90
CA ALA A 361 23.20 -13.02 -68.22
C ALA A 361 22.52 -13.79 -69.34
N ASN A 362 21.35 -13.33 -69.78
CA ASN A 362 20.71 -13.86 -70.98
C ASN A 362 19.58 -12.96 -71.44
N PRO A 363 19.87 -11.72 -71.87
CA PRO A 363 18.78 -10.86 -72.36
C PRO A 363 18.05 -11.52 -73.52
N VAL A 364 16.73 -11.40 -73.51
CA VAL A 364 15.90 -12.10 -74.47
C VAL A 364 14.62 -11.30 -74.69
N ILE A 365 14.24 -11.17 -75.96
CA ILE A 365 12.90 -10.74 -76.33
C ILE A 365 12.02 -11.98 -76.34
N THR A 366 10.92 -11.94 -75.58
CA THR A 366 10.02 -13.08 -75.49
C THR A 366 8.74 -12.90 -76.28
N GLU A 367 8.56 -11.74 -76.91
CA GLU A 367 7.32 -11.42 -77.60
C GLU A 367 7.58 -11.35 -79.10
N SER A 368 6.72 -12.02 -79.86
CA SER A 368 6.76 -11.92 -81.32
C SER A 368 6.14 -10.64 -81.84
N THR A 369 5.89 -9.69 -80.94
CA THR A 369 5.31 -8.41 -81.32
C THR A 369 6.29 -7.60 -82.17
N GLU A 370 5.74 -6.81 -83.09
CA GLU A 370 6.58 -5.97 -83.93
C GLU A 370 7.34 -4.95 -83.09
N ASN A 371 6.70 -4.36 -82.08
CA ASN A 371 7.32 -3.37 -81.21
C ASN A 371 7.09 -3.78 -79.77
N SER A 372 8.14 -4.27 -79.12
CA SER A 372 8.07 -4.67 -77.72
C SER A 372 9.39 -4.34 -77.05
N LYS A 373 9.35 -4.20 -75.73
CA LYS A 373 10.50 -3.71 -74.96
C LYS A 373 10.88 -4.71 -73.88
N MET A 374 12.18 -4.74 -73.57
CA MET A 374 12.68 -5.48 -72.43
C MET A 374 13.74 -4.63 -71.74
N MET A 375 13.94 -4.90 -70.45
CA MET A 375 15.01 -4.27 -69.69
C MET A 375 16.13 -5.27 -69.48
N LEU A 376 17.36 -4.76 -69.43
CA LEU A 376 18.49 -5.59 -69.03
C LEU A 376 19.46 -4.70 -68.26
N GLU A 377 20.28 -5.35 -67.42
CA GLU A 377 21.17 -4.64 -66.51
C GLU A 377 22.59 -5.11 -66.78
N LEU A 378 23.53 -4.18 -66.77
CA LEU A 378 24.91 -4.46 -67.14
C LEU A 378 25.86 -3.90 -66.09
N ASP A 379 26.92 -4.65 -65.81
CA ASP A 379 27.94 -4.23 -64.86
C ASP A 379 29.18 -3.74 -65.60
N PRO A 380 29.28 -2.45 -65.89
CA PRO A 380 30.39 -1.96 -66.70
C PRO A 380 31.68 -1.90 -65.90
N PRO A 381 32.82 -1.90 -66.56
CA PRO A 381 34.09 -1.69 -65.86
C PRO A 381 34.29 -0.22 -65.55
N PHE A 382 35.13 0.02 -64.53
CA PHE A 382 35.45 1.39 -64.16
C PHE A 382 36.19 2.08 -65.29
N GLY A 383 36.00 3.39 -65.38
CA GLY A 383 36.56 4.14 -66.48
C GLY A 383 35.58 4.33 -67.60
N ASP A 384 36.05 4.29 -68.84
CA ASP A 384 35.23 4.63 -70.00
C ASP A 384 34.94 3.36 -70.80
N SER A 385 33.71 3.23 -71.27
CA SER A 385 33.31 2.06 -72.05
C SER A 385 32.06 2.41 -72.85
N TYR A 386 31.66 1.47 -73.70
CA TYR A 386 30.51 1.66 -74.59
C TYR A 386 29.55 0.50 -74.42
N ILE A 387 28.26 0.82 -74.26
CA ILE A 387 27.21 -0.19 -74.18
C ILE A 387 26.64 -0.37 -75.58
N VAL A 388 26.84 -1.54 -76.17
CA VAL A 388 26.39 -1.84 -77.53
C VAL A 388 25.33 -2.93 -77.46
N ILE A 389 24.19 -2.66 -78.10
CA ILE A 389 23.11 -3.62 -78.24
C ILE A 389 22.82 -3.79 -79.72
N GLY A 390 22.94 -5.02 -80.21
CA GLY A 390 22.80 -5.31 -81.63
C GLY A 390 24.05 -5.98 -82.18
N VAL A 391 23.98 -6.30 -83.47
CA VAL A 391 25.03 -7.06 -84.15
C VAL A 391 25.60 -6.30 -85.33
N GLY A 392 24.75 -5.85 -86.25
CA GLY A 392 25.23 -5.32 -87.51
C GLY A 392 25.69 -3.88 -87.44
N GLU A 393 25.25 -3.06 -88.40
CA GLU A 393 25.50 -1.62 -88.34
C GLU A 393 24.29 -0.84 -87.87
N LYS A 394 23.13 -1.49 -87.75
CA LYS A 394 21.92 -0.88 -87.22
C LYS A 394 21.84 -1.02 -85.71
N LYS A 395 22.93 -1.42 -85.05
CA LYS A 395 22.93 -1.51 -83.60
C LYS A 395 22.88 -0.12 -82.98
N ILE A 396 22.91 -0.08 -81.64
CA ILE A 396 22.98 1.15 -80.89
C ILE A 396 24.15 1.07 -79.94
N THR A 397 25.04 2.06 -80.01
CA THR A 397 26.18 2.16 -79.11
C THR A 397 26.01 3.40 -78.24
N HIS A 398 26.07 3.21 -76.93
CA HIS A 398 25.95 4.30 -75.98
C HIS A 398 27.21 4.35 -75.13
N HIS A 399 27.84 5.52 -75.09
CA HIS A 399 29.06 5.70 -74.30
C HIS A 399 28.74 5.64 -72.81
N TRP A 400 29.68 5.10 -72.04
CA TRP A 400 29.48 5.00 -70.60
C TRP A 400 30.77 5.30 -69.85
N HIS A 401 30.66 6.10 -68.79
CA HIS A 401 31.75 6.34 -67.86
C HIS A 401 31.33 5.86 -66.48
N ARG A 402 32.22 5.12 -65.82
CA ARG A 402 32.00 4.62 -64.46
C ARG A 402 33.12 5.14 -63.57
N SER A 403 32.75 5.70 -62.43
CA SER A 403 33.70 6.34 -61.52
C SER A 403 34.14 5.43 -60.39
N GLY A 404 33.71 4.18 -60.36
CA GLY A 404 34.00 3.33 -59.23
C GLY A 404 35.33 2.59 -59.28
N SER A 405 36.34 3.14 -58.62
CA SER A 405 37.65 2.52 -58.57
C SER A 405 37.61 1.22 -57.78
N THR A 406 38.59 0.35 -58.06
CA THR A 406 38.66 -0.92 -57.36
C THR A 406 38.89 -0.73 -55.87
N ILE A 407 39.77 0.20 -55.50
CA ILE A 407 40.00 0.49 -54.07
C ILE A 407 38.72 1.02 -53.44
N GLY A 408 38.03 1.93 -54.12
CA GLY A 408 36.79 2.46 -53.59
C GLY A 408 35.72 1.39 -53.45
N LYS A 409 35.61 0.51 -54.44
CA LYS A 409 34.64 -0.58 -54.37
C LYS A 409 34.98 -1.54 -53.23
N ALA A 410 36.27 -1.82 -53.02
CA ALA A 410 36.66 -2.67 -51.90
C ALA A 410 36.32 -2.02 -50.57
N PHE A 411 36.55 -0.71 -50.44
CA PHE A 411 36.19 0.00 -49.23
C PHE A 411 34.68 -0.04 -48.99
N GLU A 412 33.90 0.17 -50.05
CA GLU A 412 32.45 0.13 -49.92
C GLU A 412 31.96 -1.26 -49.52
N ALA A 413 32.56 -2.30 -50.10
CA ALA A 413 32.22 -3.66 -49.69
C ALA A 413 32.59 -3.91 -48.24
N THR A 414 33.73 -3.37 -47.79
CA THR A 414 34.12 -3.54 -46.40
C THR A 414 33.12 -2.88 -45.46
N VAL A 415 32.69 -1.65 -45.78
CA VAL A 415 31.73 -0.99 -44.90
C VAL A 415 30.37 -1.69 -44.95
N ARG A 416 29.99 -2.23 -46.11
CA ARG A 416 28.74 -2.98 -46.19
C ARG A 416 28.80 -4.24 -45.34
N GLY A 417 29.92 -4.96 -45.40
CA GLY A 417 30.08 -6.14 -44.57
C GLY A 417 30.10 -5.82 -43.08
N ALA A 418 30.75 -4.72 -42.71
CA ALA A 418 30.74 -4.28 -41.31
C ALA A 418 29.34 -3.92 -40.86
N LYS A 419 28.57 -3.25 -41.71
CA LYS A 419 27.19 -2.91 -41.36
C LYS A 419 26.36 -4.17 -41.17
N ARG A 420 26.53 -5.16 -42.05
CA ARG A 420 25.75 -6.39 -41.90
C ARG A 420 26.18 -7.19 -40.69
N MET A 421 27.47 -7.14 -40.33
CA MET A 421 27.92 -7.77 -39.10
C MET A 421 27.34 -7.07 -37.87
N ALA A 422 27.26 -5.74 -37.91
CA ALA A 422 26.68 -5.00 -36.81
C ALA A 422 25.19 -5.33 -36.65
N VAL A 423 24.48 -5.45 -37.76
CA VAL A 423 23.05 -5.76 -37.68
C VAL A 423 22.83 -7.20 -37.23
N LEU A 424 23.57 -8.14 -37.83
CA LEU A 424 23.26 -9.56 -37.70
C LEU A 424 24.13 -10.31 -36.69
N GLY A 425 25.40 -9.97 -36.61
CA GLY A 425 26.30 -10.66 -35.68
C GLY A 425 27.03 -11.79 -36.38
N ASP A 426 26.95 -12.99 -35.79
CA ASP A 426 27.60 -14.15 -36.39
C ASP A 426 26.82 -14.70 -37.57
N THR A 427 25.54 -14.38 -37.70
CA THR A 427 24.78 -14.77 -38.88
C THR A 427 25.31 -14.09 -40.15
N ALA A 428 26.12 -13.05 -40.00
CA ALA A 428 26.70 -12.38 -41.16
C ALA A 428 27.63 -13.31 -41.93
N TRP A 429 28.24 -14.29 -41.26
CA TRP A 429 29.13 -15.22 -41.94
C TRP A 429 28.40 -16.18 -42.86
N ASP A 430 27.07 -16.24 -42.79
CA ASP A 430 26.28 -17.14 -43.61
C ASP A 430 25.79 -16.51 -44.90
N PHE A 431 26.28 -15.33 -45.25
CA PHE A 431 25.73 -14.63 -46.41
C PHE A 431 26.50 -14.91 -47.70
N GLY A 432 27.82 -15.00 -47.62
CA GLY A 432 28.60 -15.42 -48.78
C GLY A 432 29.05 -16.85 -48.64
N SER A 433 28.42 -17.56 -47.71
CA SER A 433 28.89 -18.88 -47.32
C SER A 433 28.63 -19.90 -48.42
N VAL A 434 29.69 -20.62 -48.81
CA VAL A 434 29.59 -21.78 -49.69
C VAL A 434 30.12 -23.03 -48.99
N GLY A 435 30.25 -22.96 -47.66
CA GLY A 435 30.90 -24.02 -46.90
C GLY A 435 32.22 -23.53 -46.34
N GLY A 436 33.27 -24.31 -46.52
CA GLY A 436 34.60 -23.90 -46.13
C GLY A 436 34.89 -24.15 -44.66
N ALA A 437 36.19 -24.18 -44.35
CA ALA A 437 36.66 -24.38 -42.98
C ALA A 437 37.03 -23.07 -42.30
N LEU A 438 37.67 -22.16 -43.03
CA LEU A 438 37.98 -20.85 -42.46
C LEU A 438 36.70 -20.08 -42.16
N ASN A 439 35.71 -20.19 -43.03
CA ASN A 439 34.42 -19.54 -42.78
C ASN A 439 33.79 -20.05 -41.50
N SER A 440 33.78 -21.38 -41.31
CA SER A 440 33.19 -21.95 -40.12
C SER A 440 33.98 -21.58 -38.87
N LEU A 441 35.31 -21.57 -38.96
CA LEU A 441 36.12 -21.18 -37.82
C LEU A 441 35.87 -19.73 -37.43
N GLY A 442 35.81 -18.84 -38.41
CA GLY A 442 35.49 -17.46 -38.11
C GLY A 442 34.10 -17.29 -37.54
N LYS A 443 33.13 -18.05 -38.05
CA LYS A 443 31.77 -17.97 -37.52
C LYS A 443 31.72 -18.44 -36.08
N GLY A 444 32.43 -19.52 -35.75
CA GLY A 444 32.46 -19.99 -34.37
C GLY A 444 33.14 -19.01 -33.42
N ILE A 445 34.26 -18.43 -33.86
CA ILE A 445 34.92 -17.42 -33.05
C ILE A 445 34.00 -16.23 -32.82
N HIS A 446 33.31 -15.80 -33.88
CA HIS A 446 32.35 -14.71 -33.74
C HIS A 446 31.21 -15.09 -32.81
N GLN A 447 30.77 -16.34 -32.86
CA GLN A 447 29.70 -16.80 -31.97
C GLN A 447 30.13 -16.66 -30.51
N ILE A 448 31.34 -17.13 -30.20
CA ILE A 448 31.80 -17.09 -28.81
C ILE A 448 31.98 -15.63 -28.35
N PHE A 449 32.62 -14.82 -29.20
CA PHE A 449 32.87 -13.43 -28.82
C PHE A 449 31.56 -12.66 -28.69
N GLY A 450 30.62 -12.89 -29.60
CA GLY A 450 29.33 -12.22 -29.50
C GLY A 450 28.53 -12.67 -28.31
N ALA A 451 28.62 -13.95 -27.93
CA ALA A 451 27.95 -14.42 -26.72
C ALA A 451 28.49 -13.71 -25.49
N ALA A 452 29.83 -13.61 -25.39
CA ALA A 452 30.41 -12.88 -24.26
C ALA A 452 30.01 -11.41 -24.29
N PHE A 453 30.03 -10.81 -25.48
CA PHE A 453 29.71 -9.39 -25.62
C PHE A 453 28.26 -9.11 -25.24
N LYS A 454 27.34 -9.98 -25.64
CA LYS A 454 25.95 -9.80 -25.26
C LYS A 454 25.75 -10.07 -23.77
N SER A 455 26.51 -11.00 -23.20
CA SER A 455 26.38 -11.28 -21.78
C SER A 455 26.79 -10.08 -20.93
N LEU A 456 27.91 -9.44 -21.26
CA LEU A 456 28.44 -8.38 -20.41
C LEU A 456 28.32 -6.98 -21.01
N PHE A 457 27.58 -6.81 -22.12
CA PHE A 457 27.24 -5.50 -22.64
C PHE A 457 25.82 -5.46 -23.21
N GLY A 458 24.97 -6.44 -22.87
CA GLY A 458 23.71 -6.59 -23.59
C GLY A 458 22.79 -5.40 -23.45
N GLY A 459 22.59 -4.93 -22.22
CA GLY A 459 21.70 -3.81 -22.02
C GLY A 459 22.43 -2.49 -22.01
N MET A 460 22.48 -1.84 -23.16
CA MET A 460 23.18 -0.57 -23.33
C MET A 460 22.56 0.17 -24.49
N SER A 461 22.38 1.48 -24.35
CA SER A 461 21.86 2.29 -25.42
C SER A 461 23.03 2.80 -26.26
N TRP A 462 22.70 3.59 -27.29
CA TRP A 462 23.72 4.19 -28.13
C TRP A 462 24.63 5.11 -27.32
N PHE A 463 24.05 5.95 -26.47
CA PHE A 463 24.85 6.86 -25.65
C PHE A 463 25.66 6.09 -24.60
N SER A 464 25.04 5.10 -23.96
CA SER A 464 25.77 4.30 -22.99
C SER A 464 26.91 3.53 -23.65
N GLN A 465 26.66 2.99 -24.85
CA GLN A 465 27.72 2.30 -25.58
C GLN A 465 28.86 3.23 -25.92
N ILE A 466 28.55 4.45 -26.36
CA ILE A 466 29.63 5.40 -26.68
C ILE A 466 30.41 5.75 -25.43
N LEU A 467 29.72 5.97 -24.31
CA LEU A 467 30.41 6.30 -23.06
C LEU A 467 31.36 5.18 -22.65
N ILE A 468 30.85 3.95 -22.60
CA ILE A 468 31.69 2.84 -22.15
C ILE A 468 32.80 2.56 -23.14
N GLY A 469 32.56 2.75 -24.44
CA GLY A 469 33.61 2.56 -25.42
C GLY A 469 34.73 3.57 -25.28
N THR A 470 34.37 4.84 -25.08
CA THR A 470 35.40 5.86 -24.87
C THR A 470 36.19 5.58 -23.60
N LEU A 471 35.50 5.19 -22.52
CA LEU A 471 36.19 4.84 -21.29
C LEU A 471 37.13 3.66 -21.49
N LEU A 472 36.72 2.69 -22.31
CA LEU A 472 37.56 1.51 -22.54
C LEU A 472 38.77 1.86 -23.40
N MET A 473 38.60 2.72 -24.40
CA MET A 473 39.76 3.16 -25.18
C MET A 473 40.74 3.93 -24.31
N TRP A 474 40.22 4.70 -23.35
CA TRP A 474 41.13 5.37 -22.41
C TRP A 474 41.82 4.36 -21.50
N LEU A 475 41.09 3.38 -21.00
CA LEU A 475 41.65 2.30 -20.19
C LEU A 475 42.59 1.40 -20.99
N GLY A 476 42.61 1.58 -22.30
CA GLY A 476 43.45 0.87 -23.23
C GLY A 476 44.69 1.69 -23.49
N LEU A 477 44.60 2.61 -24.45
CA LEU A 477 45.71 3.46 -24.89
C LEU A 477 46.66 3.84 -23.75
N ASN A 478 46.12 4.18 -22.58
CA ASN A 478 46.93 4.37 -21.38
C ASN A 478 46.69 3.15 -20.47
N THR A 479 47.70 2.29 -20.36
CA THR A 479 47.66 1.09 -19.53
C THR A 479 49.05 0.47 -19.55
N LYS A 480 49.44 -0.13 -18.42
CA LYS A 480 50.79 -0.68 -18.28
C LYS A 480 51.07 -1.76 -19.32
N ASN A 481 50.35 -2.87 -19.26
CA ASN A 481 50.64 -4.02 -20.12
C ASN A 481 49.82 -3.97 -21.39
N GLY A 482 50.44 -4.40 -22.50
CA GLY A 482 49.80 -4.29 -23.80
C GLY A 482 48.66 -5.26 -24.02
N SER A 483 48.71 -6.43 -23.36
CA SER A 483 47.64 -7.41 -23.54
C SER A 483 46.31 -6.86 -23.07
N ILE A 484 46.26 -6.37 -21.83
CA ILE A 484 45.07 -5.70 -21.33
C ILE A 484 44.78 -4.45 -22.16
N SER A 485 45.84 -3.75 -22.58
CA SER A 485 45.66 -2.59 -23.45
C SER A 485 45.00 -3.00 -24.76
N LEU A 486 45.48 -4.09 -25.37
CA LEU A 486 44.90 -4.55 -26.63
C LEU A 486 43.44 -4.95 -26.46
N MET A 487 43.13 -5.67 -25.38
CA MET A 487 41.75 -6.07 -25.13
C MET A 487 40.84 -4.87 -24.93
N CYS A 488 41.30 -3.88 -24.15
CA CYS A 488 40.50 -2.69 -23.92
C CYS A 488 40.28 -1.91 -25.22
N LEU A 489 41.32 -1.77 -26.04
CA LEU A 489 41.15 -1.11 -27.33
C LEU A 489 40.17 -1.87 -28.20
N ALA A 490 40.24 -3.20 -28.20
CA ALA A 490 39.33 -3.99 -29.03
C ALA A 490 37.88 -3.76 -28.62
N LEU A 491 37.59 -3.88 -27.32
CA LEU A 491 36.21 -3.66 -26.87
C LEU A 491 35.75 -2.23 -27.09
N GLY A 492 36.62 -1.25 -26.84
CA GLY A 492 36.23 0.14 -27.05
C GLY A 492 35.90 0.43 -28.50
N GLY A 493 36.76 -0.03 -29.41
CA GLY A 493 36.50 0.15 -30.83
C GLY A 493 35.24 -0.57 -31.28
N VAL A 494 35.02 -1.77 -30.76
CA VAL A 494 33.82 -2.52 -31.13
C VAL A 494 32.56 -1.77 -30.68
N LEU A 495 32.57 -1.26 -29.45
CA LEU A 495 31.40 -0.53 -28.96
C LEU A 495 31.17 0.75 -29.76
N ILE A 496 32.24 1.50 -30.04
CA ILE A 496 32.10 2.74 -30.81
C ILE A 496 31.57 2.44 -32.21
N PHE A 497 32.10 1.38 -32.84
CA PHE A 497 31.63 1.02 -34.18
C PHE A 497 30.18 0.56 -34.15
N LEU A 498 29.78 -0.20 -33.13
CA LEU A 498 28.39 -0.63 -33.05
C LEU A 498 27.44 0.54 -32.86
N SER A 499 27.87 1.57 -32.13
CA SER A 499 27.05 2.77 -32.06
C SER A 499 27.02 3.51 -33.39
N THR A 500 28.17 3.61 -34.06
CA THR A 500 28.26 4.38 -35.30
C THR A 500 27.46 3.74 -36.43
N ALA A 501 27.54 2.42 -36.58
CA ALA A 501 26.94 1.74 -37.72
C ALA A 501 25.42 1.89 -37.73
N VAL A 502 24.80 2.07 -36.56
CA VAL A 502 23.38 2.37 -36.53
C VAL A 502 23.14 3.88 -36.53
N SER A 503 24.03 4.66 -35.92
CA SER A 503 23.90 6.12 -35.98
C SER A 503 24.11 6.63 -37.40
N ALA A 504 25.05 6.04 -38.13
CA ALA A 504 25.35 6.47 -39.50
C ALA A 504 25.42 5.27 -40.44
N GLU B 1 -19.53 -28.34 -56.76
CA GLU B 1 -18.51 -27.78 -55.89
C GLU B 1 -17.83 -26.59 -56.55
N VAL B 2 -16.61 -26.82 -57.06
CA VAL B 2 -15.89 -25.79 -57.78
C VAL B 2 -16.40 -25.76 -59.21
N HIS B 3 -17.20 -24.76 -59.54
CA HIS B 3 -17.86 -24.68 -60.83
C HIS B 3 -17.35 -23.49 -61.62
N LEU B 4 -17.42 -23.62 -62.94
CA LEU B 4 -16.99 -22.58 -63.87
C LEU B 4 -18.06 -22.42 -64.93
N LEU B 5 -18.61 -21.22 -65.05
CA LEU B 5 -19.72 -20.97 -65.96
C LEU B 5 -19.34 -19.85 -66.93
N GLU B 6 -19.54 -20.11 -68.22
CA GLU B 6 -19.26 -19.13 -69.26
C GLU B 6 -20.55 -18.44 -69.70
N SER B 7 -20.38 -17.36 -70.47
CA SER B 7 -21.50 -16.62 -71.03
C SER B 7 -20.98 -15.79 -72.19
N GLY B 8 -21.91 -15.13 -72.88
CA GLY B 8 -21.55 -14.32 -74.03
C GLY B 8 -21.43 -15.06 -75.33
N GLY B 9 -21.59 -16.39 -75.33
CA GLY B 9 -21.48 -17.15 -76.55
C GLY B 9 -22.70 -17.01 -77.44
N GLY B 10 -22.53 -17.37 -78.69
CA GLY B 10 -23.60 -17.29 -79.67
C GLY B 10 -23.02 -17.09 -81.05
N LEU B 11 -23.91 -16.80 -81.99
CA LEU B 11 -23.53 -16.55 -83.38
C LEU B 11 -23.17 -15.07 -83.53
N VAL B 12 -21.93 -14.79 -83.87
CA VAL B 12 -21.46 -13.43 -84.06
C VAL B 12 -21.22 -13.21 -85.55
N GLN B 13 -21.27 -11.94 -85.95
CA GLN B 13 -20.99 -11.58 -87.33
C GLN B 13 -19.50 -11.74 -87.60
N PRO B 14 -19.11 -12.43 -88.68
CA PRO B 14 -17.67 -12.58 -88.96
C PRO B 14 -17.02 -11.25 -89.32
N GLY B 15 -16.15 -10.76 -88.43
CA GLY B 15 -15.51 -9.47 -88.61
C GLY B 15 -15.73 -8.50 -87.47
N GLY B 16 -16.66 -8.77 -86.57
CA GLY B 16 -16.98 -7.88 -85.47
C GLY B 16 -16.23 -8.19 -84.21
N SER B 17 -16.84 -7.84 -83.07
CA SER B 17 -16.25 -8.02 -81.76
C SER B 17 -17.24 -8.69 -80.83
N LEU B 18 -16.74 -9.12 -79.67
CA LEU B 18 -17.56 -9.84 -78.69
C LEU B 18 -16.85 -9.78 -77.35
N ARG B 19 -17.63 -9.91 -76.28
CA ARG B 19 -17.12 -9.94 -74.91
C ARG B 19 -17.68 -11.17 -74.22
N LEU B 20 -16.85 -12.21 -74.09
CA LEU B 20 -17.23 -13.41 -73.36
C LEU B 20 -16.92 -13.23 -71.88
N SER B 21 -17.75 -13.86 -71.05
CA SER B 21 -17.62 -13.77 -69.60
C SER B 21 -17.63 -15.16 -69.00
N CYS B 22 -16.75 -15.39 -68.03
CA CYS B 22 -16.65 -16.65 -67.32
C CYS B 22 -16.85 -16.38 -65.84
N ALA B 23 -17.81 -17.06 -65.22
CA ALA B 23 -18.17 -16.85 -63.83
C ALA B 23 -17.62 -18.00 -62.98
N ALA B 24 -16.94 -17.66 -61.89
CA ALA B 24 -16.28 -18.63 -61.04
C ALA B 24 -16.98 -18.72 -59.68
N SER B 25 -16.94 -19.91 -59.10
CA SER B 25 -17.56 -20.14 -57.80
C SER B 25 -16.81 -21.27 -57.09
N GLY B 26 -16.94 -21.28 -55.76
CA GLY B 26 -16.32 -22.30 -54.96
C GLY B 26 -14.91 -21.96 -54.52
N PHE B 27 -13.97 -21.99 -55.46
CA PHE B 27 -12.58 -21.72 -55.17
C PHE B 27 -12.33 -20.22 -55.05
N THR B 28 -11.23 -19.88 -54.39
CA THR B 28 -10.81 -18.48 -54.26
C THR B 28 -10.28 -18.00 -55.61
N PHE B 29 -11.07 -17.19 -56.29
CA PHE B 29 -10.70 -16.72 -57.63
C PHE B 29 -9.44 -15.88 -57.62
N ASP B 30 -9.15 -15.22 -56.50
CA ASP B 30 -8.03 -14.29 -56.44
C ASP B 30 -6.67 -14.97 -56.41
N THR B 31 -6.62 -16.28 -56.15
CA THR B 31 -5.36 -16.98 -55.97
C THR B 31 -5.00 -17.89 -57.13
N TYR B 32 -5.83 -17.97 -58.15
CA TYR B 32 -5.63 -18.90 -59.26
C TYR B 32 -5.48 -18.14 -60.56
N ALA B 33 -4.45 -18.48 -61.33
CA ALA B 33 -4.33 -17.98 -62.70
C ALA B 33 -5.43 -18.57 -63.55
N MET B 34 -5.92 -17.79 -64.51
CA MET B 34 -7.06 -18.18 -65.32
C MET B 34 -6.67 -18.16 -66.79
N SER B 35 -7.13 -19.16 -67.54
CA SER B 35 -6.73 -19.32 -68.93
C SER B 35 -7.94 -19.59 -69.82
N TRP B 36 -7.83 -19.18 -71.08
CA TRP B 36 -8.85 -19.42 -72.09
C TRP B 36 -8.32 -20.41 -73.12
N VAL B 37 -9.16 -21.36 -73.50
CA VAL B 37 -8.81 -22.38 -74.48
C VAL B 37 -9.99 -22.60 -75.41
N ARG B 38 -9.71 -22.81 -76.68
CA ARG B 38 -10.74 -22.99 -77.70
C ARG B 38 -10.46 -24.26 -78.51
N GLN B 39 -11.52 -24.80 -79.08
CA GLN B 39 -11.41 -25.92 -80.02
C GLN B 39 -12.45 -25.78 -81.13
N PRO B 40 -12.02 -25.63 -82.38
CA PRO B 40 -12.99 -25.60 -83.47
C PRO B 40 -13.69 -26.94 -83.60
N PRO B 41 -14.92 -26.97 -84.08
CA PRO B 41 -15.68 -28.23 -84.18
C PRO B 41 -14.94 -29.26 -85.03
N GLY B 42 -14.62 -30.39 -84.41
CA GLY B 42 -13.93 -31.46 -85.08
C GLY B 42 -12.42 -31.36 -85.09
N LYS B 43 -11.86 -30.27 -84.60
CA LYS B 43 -10.42 -30.06 -84.58
C LYS B 43 -9.89 -30.12 -83.15
N GLY B 44 -8.58 -29.94 -83.00
CA GLY B 44 -7.93 -30.12 -81.72
C GLY B 44 -8.00 -28.91 -80.82
N LEU B 45 -7.58 -29.13 -79.58
CA LEU B 45 -7.54 -28.06 -78.59
C LEU B 45 -6.48 -27.02 -78.96
N GLU B 46 -6.71 -25.79 -78.52
CA GLU B 46 -5.73 -24.72 -78.69
C GLU B 46 -5.84 -23.78 -77.50
N TRP B 47 -4.81 -23.76 -76.66
CA TRP B 47 -4.74 -22.75 -75.61
C TRP B 47 -4.69 -21.38 -76.24
N VAL B 48 -5.53 -20.47 -75.76
CA VAL B 48 -5.71 -19.16 -76.38
C VAL B 48 -5.04 -18.06 -75.56
N SER B 49 -5.44 -17.90 -74.30
CA SER B 49 -4.92 -16.83 -73.48
C SER B 49 -4.92 -17.25 -72.02
N ALA B 50 -4.07 -16.60 -71.23
CA ALA B 50 -4.00 -16.82 -69.80
C ALA B 50 -3.72 -15.50 -69.12
N ILE B 51 -4.17 -15.39 -67.87
CA ILE B 51 -4.02 -14.17 -67.09
C ILE B 51 -3.49 -14.53 -65.71
N SER B 52 -2.80 -13.57 -65.09
CA SER B 52 -2.20 -13.79 -63.78
C SER B 52 -3.18 -13.41 -62.67
N THR B 53 -2.85 -13.83 -61.46
CA THR B 53 -3.65 -13.46 -60.28
C THR B 53 -3.57 -11.95 -60.09
N GLY B 54 -4.67 -11.26 -60.31
CA GLY B 54 -4.69 -9.81 -60.29
C GLY B 54 -4.69 -9.17 -61.67
N GLY B 55 -4.42 -9.94 -62.71
CA GLY B 55 -4.45 -9.42 -64.07
C GLY B 55 -3.27 -8.58 -64.48
N GLY B 56 -2.22 -8.53 -63.67
CA GLY B 56 -1.07 -7.71 -64.01
C GLY B 56 -0.28 -8.23 -65.20
N SER B 57 -0.42 -9.51 -65.54
CA SER B 57 0.26 -10.10 -66.68
C SER B 57 -0.72 -10.92 -67.50
N LYS B 58 -0.64 -10.76 -68.82
CA LYS B 58 -1.49 -11.49 -69.75
C LYS B 58 -0.62 -12.19 -70.78
N TYR B 59 -1.05 -13.38 -71.19
CA TYR B 59 -0.34 -14.16 -72.19
C TYR B 59 -1.33 -14.64 -73.24
N TYR B 60 -0.94 -14.55 -74.51
CA TYR B 60 -1.80 -14.92 -75.62
C TYR B 60 -1.08 -15.88 -76.54
N ALA B 61 -1.82 -16.83 -77.08
CA ALA B 61 -1.27 -17.71 -78.10
C ALA B 61 -0.99 -16.92 -79.38
N ASP B 62 0.07 -17.33 -80.09
CA ASP B 62 0.45 -16.59 -81.29
C ASP B 62 -0.39 -17.03 -82.48
N SER B 63 -1.70 -17.07 -82.30
CA SER B 63 -2.67 -17.15 -83.38
C SER B 63 -3.85 -16.20 -83.20
N VAL B 64 -4.19 -15.86 -81.96
CA VAL B 64 -5.16 -14.81 -81.66
C VAL B 64 -4.51 -13.56 -81.12
N LYS B 65 -3.21 -13.60 -80.83
CA LYS B 65 -2.54 -12.47 -80.21
C LYS B 65 -2.60 -11.24 -81.10
N GLY B 66 -2.68 -10.07 -80.46
CA GLY B 66 -2.91 -8.83 -81.16
C GLY B 66 -4.35 -8.53 -81.44
N ARG B 67 -5.24 -9.51 -81.27
CA ARG B 67 -6.67 -9.33 -81.49
C ARG B 67 -7.53 -9.72 -80.30
N LEU B 68 -6.98 -10.46 -79.34
CA LEU B 68 -7.74 -10.91 -78.17
C LEU B 68 -7.16 -10.28 -76.91
N THR B 69 -8.04 -9.94 -75.98
CA THR B 69 -7.62 -9.36 -74.70
C THR B 69 -8.33 -10.09 -73.58
N ILE B 70 -7.55 -10.58 -72.61
CA ILE B 70 -8.07 -11.29 -71.45
C ILE B 70 -8.04 -10.34 -70.25
N SER B 71 -9.15 -10.32 -69.50
CA SER B 71 -9.25 -9.48 -68.31
C SER B 71 -10.05 -10.23 -67.25
N ARG B 72 -9.85 -9.85 -66.00
CA ARG B 72 -10.52 -10.47 -64.87
C ARG B 72 -11.00 -9.40 -63.91
N ASP B 73 -12.07 -9.73 -63.17
CA ASP B 73 -12.62 -8.85 -62.15
C ASP B 73 -12.65 -9.64 -60.85
N ASN B 74 -11.62 -9.44 -60.01
CA ASN B 74 -11.49 -10.23 -58.79
C ASN B 74 -12.62 -9.96 -57.81
N SER B 75 -13.20 -8.75 -57.86
CA SER B 75 -14.28 -8.43 -56.94
C SER B 75 -15.51 -9.29 -57.19
N GLN B 76 -15.85 -9.51 -58.46
CA GLN B 76 -17.03 -10.29 -58.82
C GLN B 76 -16.69 -11.73 -59.21
N ASN B 77 -15.42 -12.12 -59.16
CA ASN B 77 -14.98 -13.48 -59.50
C ASN B 77 -15.40 -13.86 -60.91
N THR B 78 -15.15 -12.97 -61.87
CA THR B 78 -15.48 -13.21 -63.27
C THR B 78 -14.26 -12.99 -64.15
N LEU B 79 -14.24 -13.68 -65.28
CA LEU B 79 -13.16 -13.60 -66.25
C LEU B 79 -13.73 -13.16 -67.60
N TYR B 80 -13.00 -12.29 -68.28
CA TYR B 80 -13.44 -11.71 -69.55
C TYR B 80 -12.44 -12.02 -70.66
N LEU B 81 -12.97 -12.08 -71.88
CA LEU B 81 -12.16 -12.17 -73.08
C LEU B 81 -12.74 -11.24 -74.13
N GLN B 82 -11.90 -10.37 -74.70
CA GLN B 82 -12.32 -9.34 -75.64
C GLN B 82 -12.05 -9.81 -77.06
N MET B 83 -13.10 -10.12 -77.80
CA MET B 83 -12.98 -10.47 -79.20
C MET B 83 -12.76 -9.21 -80.04
N SER B 84 -11.96 -9.33 -81.08
CA SER B 84 -11.75 -8.24 -82.02
C SER B 84 -11.16 -8.79 -83.30
N SER B 85 -11.55 -8.17 -84.42
CA SER B 85 -11.08 -8.58 -85.74
C SER B 85 -11.34 -10.06 -86.00
N LEU B 86 -12.52 -10.51 -85.60
CA LEU B 86 -12.84 -11.93 -85.70
C LEU B 86 -12.87 -12.38 -87.15
N ARG B 87 -12.54 -13.66 -87.36
CA ARG B 87 -12.52 -14.24 -88.70
C ARG B 87 -13.09 -15.65 -88.62
N ALA B 88 -13.04 -16.37 -89.73
CA ALA B 88 -13.52 -17.75 -89.74
C ALA B 88 -12.64 -18.65 -88.89
N ASP B 89 -11.35 -18.31 -88.76
CA ASP B 89 -10.44 -19.13 -87.96
C ASP B 89 -10.81 -19.12 -86.48
N ASP B 90 -11.53 -18.10 -86.02
CA ASP B 90 -11.91 -18.01 -84.61
C ASP B 90 -13.19 -18.78 -84.30
N THR B 91 -13.82 -19.40 -85.29
CA THR B 91 -15.01 -20.21 -85.06
C THR B 91 -14.63 -21.45 -84.26
N ALA B 92 -14.98 -21.45 -82.97
CA ALA B 92 -14.62 -22.54 -82.07
C ALA B 92 -15.50 -22.48 -80.84
N VAL B 93 -15.36 -23.47 -79.97
CA VAL B 93 -15.99 -23.47 -78.67
C VAL B 93 -14.93 -23.06 -77.66
N TYR B 94 -15.13 -21.90 -77.03
CA TYR B 94 -14.14 -21.32 -76.13
C TYR B 94 -14.42 -21.80 -74.71
N TYR B 95 -13.43 -22.43 -74.10
CA TYR B 95 -13.55 -23.04 -72.79
C TYR B 95 -12.77 -22.21 -71.78
N CYS B 96 -13.41 -21.87 -70.67
CA CYS B 96 -12.76 -21.16 -69.57
C CYS B 96 -12.32 -22.19 -68.54
N ALA B 97 -11.04 -22.17 -68.19
CA ALA B 97 -10.47 -23.18 -67.31
C ALA B 97 -9.64 -22.53 -66.22
N ARG B 98 -9.54 -23.23 -65.09
CA ARG B 98 -8.74 -22.78 -63.96
C ARG B 98 -7.34 -23.39 -64.06
N SER B 99 -6.33 -22.54 -64.03
CA SER B 99 -4.96 -22.96 -64.23
C SER B 99 -4.13 -22.75 -62.97
N ASP B 100 -3.16 -23.64 -62.76
CA ASP B 100 -2.20 -23.53 -61.67
C ASP B 100 -0.91 -22.85 -62.10
N PHE B 101 -0.99 -21.95 -63.09
CA PHE B 101 0.20 -21.55 -63.83
C PHE B 101 1.27 -20.94 -62.92
N TRP B 102 0.88 -20.09 -61.97
CA TRP B 102 1.85 -19.53 -61.04
C TRP B 102 1.15 -19.37 -59.70
N ARG B 103 1.31 -20.35 -58.82
CA ARG B 103 0.63 -20.31 -57.53
C ARG B 103 1.60 -20.17 -56.36
N SER B 104 2.47 -21.16 -56.15
CA SER B 104 3.53 -21.16 -55.15
C SER B 104 4.22 -22.51 -55.23
N GLY B 105 5.44 -22.57 -54.73
CA GLY B 105 6.16 -23.83 -54.72
C GLY B 105 6.33 -24.41 -56.11
N ARG B 106 5.60 -25.49 -56.41
CA ARG B 106 5.74 -26.22 -57.65
C ARG B 106 4.43 -26.20 -58.43
N TYR B 107 4.52 -25.95 -59.73
CA TYR B 107 3.38 -26.05 -60.62
C TYR B 107 3.80 -26.75 -61.90
N TYR B 108 2.82 -27.11 -62.72
CA TYR B 108 3.09 -27.93 -63.90
C TYR B 108 2.32 -27.46 -65.13
N TYR B 109 1.79 -26.24 -65.11
CA TYR B 109 1.10 -25.65 -66.26
C TYR B 109 -0.08 -26.50 -66.72
N TYR B 110 -0.82 -27.04 -65.77
CA TYR B 110 -2.01 -27.82 -66.08
C TYR B 110 -3.26 -27.03 -65.71
N MET B 111 -4.41 -27.65 -65.93
CA MET B 111 -5.71 -27.04 -65.66
C MET B 111 -6.54 -27.97 -64.81
N ASP B 112 -7.04 -27.46 -63.69
CA ASP B 112 -7.79 -28.29 -62.75
C ASP B 112 -9.24 -28.47 -63.20
N VAL B 113 -9.99 -27.37 -63.27
CA VAL B 113 -11.41 -27.42 -63.61
C VAL B 113 -11.62 -26.62 -64.89
N TRP B 114 -12.69 -26.98 -65.61
CA TRP B 114 -13.01 -26.36 -66.88
C TRP B 114 -14.47 -25.93 -66.87
N GLY B 115 -14.77 -24.86 -67.61
CA GLY B 115 -16.13 -24.39 -67.73
C GLY B 115 -16.93 -25.21 -68.72
N ARG B 116 -18.20 -24.81 -68.88
CA ARG B 116 -19.06 -25.47 -69.84
C ARG B 116 -18.81 -25.00 -71.28
N GLY B 117 -18.14 -23.87 -71.45
CA GLY B 117 -17.76 -23.39 -72.77
C GLY B 117 -18.93 -22.77 -73.50
N THR B 118 -18.58 -21.93 -74.48
CA THR B 118 -19.56 -21.28 -75.34
C THR B 118 -19.08 -21.33 -76.78
N THR B 119 -20.03 -21.32 -77.70
CA THR B 119 -19.75 -21.41 -79.13
C THR B 119 -19.71 -20.01 -79.74
N VAL B 120 -18.66 -19.73 -80.50
CA VAL B 120 -18.51 -18.47 -81.21
C VAL B 120 -18.21 -18.78 -82.67
N THR B 121 -18.91 -18.11 -83.58
CA THR B 121 -18.71 -18.33 -85.01
C THR B 121 -17.76 -17.28 -85.60
N SER C 1 6.57 -25.52 -83.18
CA SER C 1 6.71 -26.06 -81.84
C SER C 1 5.47 -26.87 -81.46
N ALA C 2 4.51 -26.94 -82.38
CA ALA C 2 3.29 -27.69 -82.12
C ALA C 2 3.59 -29.16 -81.88
N LEU C 3 2.99 -29.73 -80.84
CA LEU C 3 3.17 -31.15 -80.56
C LEU C 3 2.46 -31.98 -81.62
N THR C 4 3.15 -33.01 -82.10
CA THR C 4 2.60 -33.91 -83.11
C THR C 4 2.20 -35.22 -82.46
N GLN C 5 0.99 -35.67 -82.76
CA GLN C 5 0.42 -36.89 -82.19
C GLN C 5 -0.03 -37.81 -83.32
N PRO C 6 -0.11 -39.11 -83.05
CA PRO C 6 -0.63 -40.03 -84.07
C PRO C 6 -2.10 -39.73 -84.37
N ALA C 7 -2.52 -40.11 -85.57
CA ALA C 7 -3.89 -39.82 -86.00
C ALA C 7 -4.90 -40.52 -85.10
N SER C 8 -4.74 -41.83 -84.90
CA SER C 8 -5.67 -42.58 -84.07
C SER C 8 -5.00 -43.87 -83.62
N VAL C 9 -5.52 -44.42 -82.52
CA VAL C 9 -5.08 -45.71 -82.00
C VAL C 9 -6.32 -46.52 -81.63
N SER C 10 -6.17 -47.85 -81.65
CA SER C 10 -7.26 -48.75 -81.38
C SER C 10 -6.79 -49.89 -80.48
N ALA C 11 -7.71 -50.38 -79.65
CA ALA C 11 -7.42 -51.51 -78.78
C ALA C 11 -8.74 -52.10 -78.29
N SER C 12 -8.73 -53.40 -78.01
CA SER C 12 -9.87 -54.08 -77.43
C SER C 12 -9.91 -53.84 -75.92
N PRO C 13 -11.10 -53.89 -75.32
CA PRO C 13 -11.19 -53.71 -73.87
C PRO C 13 -10.36 -54.74 -73.12
N GLY C 14 -9.76 -54.30 -72.00
CA GLY C 14 -8.92 -55.14 -71.19
C GLY C 14 -7.45 -55.16 -71.57
N GLN C 15 -7.07 -54.46 -72.64
CA GLN C 15 -5.69 -54.42 -73.08
C GLN C 15 -5.06 -53.07 -72.70
N SER C 16 -3.82 -52.87 -73.13
CA SER C 16 -3.06 -51.66 -72.86
C SER C 16 -2.62 -51.02 -74.17
N ILE C 17 -2.97 -49.75 -74.34
CA ILE C 17 -2.56 -48.97 -75.50
C ILE C 17 -1.75 -47.78 -75.02
N THR C 18 -0.64 -47.52 -75.69
CA THR C 18 0.28 -46.44 -75.33
C THR C 18 0.15 -45.33 -76.35
N ILE C 19 -0.40 -44.20 -75.92
CA ILE C 19 -0.50 -43.00 -76.74
C ILE C 19 0.75 -42.16 -76.55
N SER C 20 1.29 -41.62 -77.64
CA SER C 20 2.58 -40.95 -77.60
C SER C 20 2.44 -39.51 -78.09
N CYS C 21 3.14 -38.60 -77.41
CA CYS C 21 3.23 -37.21 -77.80
C CYS C 21 4.70 -36.83 -77.93
N THR C 22 5.10 -36.37 -79.10
CA THR C 22 6.48 -35.97 -79.34
C THR C 22 6.53 -34.50 -79.66
N GLY C 23 7.67 -33.88 -79.35
CA GLY C 23 7.82 -32.45 -79.54
C GLY C 23 9.28 -32.07 -79.64
N THR C 24 9.51 -30.81 -79.97
CA THR C 24 10.86 -30.28 -80.15
C THR C 24 11.47 -29.98 -78.79
N HIS C 25 12.61 -29.29 -78.78
CA HIS C 25 13.26 -28.89 -77.55
C HIS C 25 12.69 -27.60 -76.97
N PHE C 26 11.74 -26.97 -77.66
CA PHE C 26 11.09 -25.80 -77.11
C PHE C 26 10.11 -26.15 -76.01
N ASP C 27 9.61 -27.39 -75.97
CA ASP C 27 8.54 -27.75 -75.06
C ASP C 27 8.73 -29.05 -74.30
N ILE C 28 9.55 -29.98 -74.78
CA ILE C 28 9.50 -31.34 -74.25
C ILE C 28 10.83 -31.75 -73.61
N VAL C 29 11.92 -31.69 -74.39
CA VAL C 29 13.16 -32.31 -73.96
C VAL C 29 13.81 -31.62 -72.76
N ASP C 30 13.32 -30.44 -72.39
CA ASP C 30 13.83 -29.73 -71.22
C ASP C 30 12.89 -29.72 -70.03
N TYR C 31 11.59 -29.74 -70.26
CA TYR C 31 10.60 -29.44 -69.23
C TYR C 31 9.69 -30.63 -68.98
N ASP C 32 9.39 -30.88 -67.70
CA ASP C 32 8.42 -31.89 -67.30
C ASP C 32 7.03 -31.31 -67.11
N TYR C 33 6.71 -30.22 -67.80
CA TYR C 33 5.39 -29.60 -67.73
C TYR C 33 4.44 -30.19 -68.75
N LEU C 34 4.28 -31.51 -68.75
CA LEU C 34 3.40 -32.19 -69.68
C LEU C 34 2.13 -32.64 -68.99
N SER C 35 0.99 -32.32 -69.61
CA SER C 35 -0.31 -32.69 -69.08
C SER C 35 -1.09 -33.45 -70.14
N TRP C 36 -1.85 -34.44 -69.71
CA TRP C 36 -2.65 -35.29 -70.59
C TRP C 36 -4.13 -35.05 -70.32
N TYR C 37 -4.88 -34.74 -71.36
CA TYR C 37 -6.29 -34.43 -71.26
C TYR C 37 -7.11 -35.43 -72.06
N GLN C 38 -8.21 -35.89 -71.47
CA GLN C 38 -9.15 -36.80 -72.12
C GLN C 38 -10.43 -36.03 -72.38
N GLN C 39 -10.85 -36.00 -73.65
CA GLN C 39 -12.04 -35.25 -74.06
C GLN C 39 -13.03 -36.22 -74.71
N HIS C 40 -14.14 -36.46 -74.03
CA HIS C 40 -15.25 -37.14 -74.67
C HIS C 40 -15.91 -36.20 -75.67
N PRO C 41 -16.51 -36.73 -76.74
CA PRO C 41 -17.16 -35.87 -77.73
C PRO C 41 -18.24 -35.00 -77.10
N GLY C 42 -18.02 -33.69 -77.13
CA GLY C 42 -18.92 -32.72 -76.54
C GLY C 42 -18.55 -32.28 -75.14
N ASN C 43 -18.11 -33.22 -74.29
CA ASN C 43 -17.75 -32.91 -72.93
C ASN C 43 -16.41 -32.19 -72.85
N ALA C 44 -16.23 -31.40 -71.80
CA ALA C 44 -15.01 -30.64 -71.62
C ALA C 44 -13.83 -31.56 -71.31
N PRO C 45 -12.62 -31.12 -71.61
CA PRO C 45 -11.44 -31.95 -71.32
C PRO C 45 -11.31 -32.22 -69.83
N LYS C 46 -10.51 -33.25 -69.51
CA LYS C 46 -10.36 -33.69 -68.14
C LYS C 46 -8.91 -34.08 -67.91
N LEU C 47 -8.36 -33.68 -66.76
CA LEU C 47 -6.94 -33.87 -66.48
C LEU C 47 -6.70 -35.28 -65.93
N LEU C 48 -5.80 -36.01 -66.58
CA LEU C 48 -5.38 -37.33 -66.12
C LEU C 48 -3.94 -37.34 -65.61
N ILE C 49 -3.01 -36.82 -66.40
CA ILE C 49 -1.62 -36.65 -66.02
C ILE C 49 -1.30 -35.17 -66.13
N TYR C 50 -0.59 -34.63 -65.13
CA TYR C 50 -0.26 -33.21 -65.17
C TYR C 50 1.23 -32.96 -64.94
N GLY C 51 1.87 -33.84 -64.19
CA GLY C 51 3.28 -33.67 -63.89
C GLY C 51 4.09 -34.74 -64.56
N VAL C 52 3.87 -34.91 -65.87
CA VAL C 52 4.43 -35.92 -66.79
C VAL C 52 4.14 -37.32 -66.27
N SER C 53 4.23 -37.53 -64.95
CA SER C 53 3.91 -38.81 -64.35
C SER C 53 3.11 -38.64 -63.06
N ASN C 54 2.34 -37.55 -62.95
CA ASN C 54 1.59 -37.25 -61.74
C ASN C 54 0.09 -37.36 -62.01
N ARG C 55 -0.64 -37.85 -61.02
CA ARG C 55 -2.05 -38.18 -61.16
C ARG C 55 -2.88 -37.39 -60.18
N PRO C 56 -3.81 -36.54 -60.63
CA PRO C 56 -4.69 -35.85 -59.69
C PRO C 56 -5.62 -36.82 -58.98
N SER C 57 -5.98 -36.45 -57.75
CA SER C 57 -6.90 -37.26 -56.97
C SER C 57 -8.24 -37.37 -57.69
N GLY C 58 -8.81 -38.58 -57.67
CA GLY C 58 -10.04 -38.85 -58.38
C GLY C 58 -9.87 -39.43 -59.77
N VAL C 59 -8.66 -39.85 -60.13
CA VAL C 59 -8.39 -40.46 -61.43
C VAL C 59 -7.88 -41.87 -61.18
N SER C 60 -8.43 -42.84 -61.91
CA SER C 60 -8.03 -44.23 -61.74
C SER C 60 -6.57 -44.42 -62.09
N SER C 61 -5.93 -45.36 -61.40
CA SER C 61 -4.50 -45.63 -61.59
C SER C 61 -4.19 -46.30 -62.92
N ARG C 62 -5.18 -46.50 -63.79
CA ARG C 62 -4.95 -47.13 -65.08
C ARG C 62 -4.16 -46.25 -66.03
N PHE C 63 -4.01 -44.96 -65.72
CA PHE C 63 -3.29 -44.03 -66.58
C PHE C 63 -1.92 -43.74 -65.99
N SER C 64 -0.89 -43.86 -66.82
CA SER C 64 0.49 -43.62 -66.40
C SER C 64 1.21 -42.85 -67.50
N GLY C 65 2.00 -41.86 -67.09
CA GLY C 65 2.74 -41.02 -68.02
C GLY C 65 4.23 -41.23 -67.89
N SER C 66 4.95 -40.96 -68.97
CA SER C 66 6.39 -41.08 -68.97
C SER C 66 6.95 -40.13 -70.01
N LYS C 67 8.24 -39.79 -69.86
CA LYS C 67 8.93 -38.95 -70.82
C LYS C 67 10.32 -39.52 -71.07
N SER C 68 10.68 -39.63 -72.35
CA SER C 68 12.02 -40.08 -72.72
C SER C 68 12.43 -39.32 -73.97
N GLY C 69 13.50 -38.55 -73.87
CA GLY C 69 13.95 -37.78 -75.02
C GLY C 69 12.91 -36.76 -75.45
N ASN C 70 12.72 -36.66 -76.77
CA ASN C 70 11.81 -35.67 -77.33
C ASN C 70 10.35 -36.12 -77.32
N THR C 71 10.06 -37.34 -76.88
CA THR C 71 8.71 -37.86 -76.87
C THR C 71 8.28 -38.23 -75.46
N ALA C 72 7.00 -38.05 -75.18
CA ALA C 72 6.40 -38.43 -73.90
C ALA C 72 5.11 -39.17 -74.19
N SER C 73 4.91 -40.31 -73.52
CA SER C 73 3.82 -41.21 -73.85
C SER C 73 3.00 -41.54 -72.61
N LEU C 74 1.70 -41.75 -72.83
CA LEU C 74 0.76 -42.14 -71.79
C LEU C 74 0.22 -43.53 -72.09
N THR C 75 0.16 -44.37 -71.06
CA THR C 75 -0.29 -45.74 -71.19
C THR C 75 -1.60 -45.92 -70.43
N ILE C 76 -2.59 -46.53 -71.09
CA ILE C 76 -3.88 -46.84 -70.48
C ILE C 76 -3.95 -48.36 -70.36
N SER C 77 -3.58 -48.87 -69.19
CA SER C 77 -3.60 -50.32 -68.95
C SER C 77 -4.98 -50.75 -68.48
N GLY C 78 -5.37 -51.96 -68.87
CA GLY C 78 -6.68 -52.49 -68.52
C GLY C 78 -7.80 -51.65 -69.09
N LEU C 79 -7.84 -51.53 -70.41
CA LEU C 79 -8.74 -50.58 -71.07
C LEU C 79 -10.20 -50.96 -70.88
N GLN C 80 -11.05 -49.95 -70.75
CA GLN C 80 -12.50 -50.10 -70.78
C GLN C 80 -13.05 -49.58 -72.11
N ALA C 81 -14.33 -49.84 -72.34
CA ALA C 81 -14.98 -49.38 -73.56
C ALA C 81 -15.32 -47.91 -73.52
N GLU C 82 -15.64 -47.38 -72.34
CA GLU C 82 -16.06 -45.98 -72.22
C GLU C 82 -14.91 -45.00 -72.40
N ASP C 83 -13.67 -45.47 -72.46
CA ASP C 83 -12.51 -44.60 -72.62
C ASP C 83 -12.40 -43.99 -74.03
N GLU C 84 -13.39 -44.18 -74.90
CA GLU C 84 -13.33 -43.57 -76.22
C GLU C 84 -13.43 -42.06 -76.11
N GLY C 85 -12.61 -41.37 -76.89
CA GLY C 85 -12.58 -39.92 -76.88
C GLY C 85 -11.19 -39.42 -77.24
N ASP C 86 -11.14 -38.14 -77.61
CA ASP C 86 -9.88 -37.53 -77.99
C ASP C 86 -8.94 -37.44 -76.79
N TYR C 87 -7.65 -37.65 -77.03
CA TYR C 87 -6.63 -37.53 -76.01
C TYR C 87 -5.63 -36.47 -76.45
N TYR C 88 -5.39 -35.49 -75.59
CA TYR C 88 -4.55 -34.35 -75.91
C TYR C 88 -3.34 -34.30 -74.97
N CYS C 89 -2.22 -33.81 -75.50
CA CYS C 89 -1.02 -33.55 -74.73
C CYS C 89 -0.75 -32.06 -74.75
N SER C 90 -0.56 -31.47 -73.58
CA SER C 90 -0.22 -30.06 -73.45
C SER C 90 1.14 -29.93 -72.82
N SER C 91 2.00 -29.11 -73.41
CA SER C 91 3.34 -28.88 -72.91
C SER C 91 3.62 -27.38 -72.86
N TYR C 92 4.46 -26.99 -71.92
CA TYR C 92 4.89 -25.60 -71.83
C TYR C 92 5.99 -25.35 -72.85
N SER C 93 5.82 -24.31 -73.66
CA SER C 93 6.73 -23.99 -74.73
C SER C 93 7.47 -22.70 -74.41
N ILE C 94 8.79 -22.70 -74.61
CA ILE C 94 9.58 -21.47 -74.44
C ILE C 94 9.54 -20.77 -75.79
N SER C 95 8.45 -20.07 -76.02
CA SER C 95 8.17 -19.38 -77.28
C SER C 95 6.89 -18.59 -77.06
N SER C 96 6.37 -17.99 -78.13
CA SER C 96 4.99 -17.54 -78.09
C SER C 96 4.08 -18.77 -78.01
N THR C 97 2.80 -18.53 -77.70
CA THR C 97 1.85 -19.59 -77.41
C THR C 97 2.37 -20.46 -76.25
N LEU C 98 2.40 -19.81 -75.08
CA LEU C 98 2.93 -20.40 -73.85
C LEU C 98 2.59 -21.87 -73.67
N LEU C 99 1.31 -22.23 -73.87
CA LEU C 99 0.88 -23.62 -73.84
C LEU C 99 0.62 -24.09 -75.27
N VAL C 100 1.27 -25.19 -75.65
CA VAL C 100 1.07 -25.81 -76.95
C VAL C 100 0.38 -27.15 -76.75
N PHE C 101 -0.64 -27.42 -77.55
CA PHE C 101 -1.38 -28.66 -77.47
C PHE C 101 -1.00 -29.59 -78.62
N GLY C 102 -1.22 -30.88 -78.40
CA GLY C 102 -1.02 -31.84 -79.46
C GLY C 102 -2.11 -31.73 -80.52
N GLY C 103 -1.87 -32.42 -81.63
CA GLY C 103 -2.86 -32.42 -82.71
C GLY C 103 -4.18 -33.05 -82.32
N GLY C 104 -4.19 -33.91 -81.31
CA GLY C 104 -5.40 -34.57 -80.90
C GLY C 104 -5.57 -35.93 -81.56
N THR C 105 -5.50 -37.00 -80.78
CA THR C 105 -5.58 -38.36 -81.28
C THR C 105 -6.91 -38.98 -80.87
N LYS C 106 -7.62 -39.53 -81.84
CA LYS C 106 -8.88 -40.21 -81.56
C LYS C 106 -8.61 -41.61 -81.05
N LEU C 107 -9.16 -41.94 -79.89
CA LEU C 107 -9.03 -43.28 -79.32
C LEU C 107 -10.22 -44.12 -79.73
N SER C 108 -9.95 -45.31 -80.25
CA SER C 108 -10.98 -46.22 -80.71
C SER C 108 -10.94 -47.51 -79.90
N VAL C 109 -12.12 -48.01 -79.51
CA VAL C 109 -12.25 -49.25 -78.78
C VAL C 109 -13.05 -50.22 -79.62
N VAL C 110 -12.53 -51.42 -79.81
CA VAL C 110 -13.21 -52.44 -80.61
C VAL C 110 -13.78 -53.52 -79.70
N GLU D 1 -40.26 5.64 45.75
CA GLU D 1 -38.83 5.49 45.51
C GLU D 1 -38.22 4.48 46.48
N VAL D 2 -37.42 4.99 47.42
CA VAL D 2 -36.79 4.14 48.43
C VAL D 2 -37.80 3.89 49.54
N HIS D 3 -38.32 2.67 49.61
CA HIS D 3 -39.36 2.33 50.57
C HIS D 3 -38.92 1.14 51.41
N LEU D 4 -39.21 1.22 52.72
CA LEU D 4 -38.95 0.15 53.65
C LEU D 4 -40.25 -0.25 54.31
N LEU D 5 -40.66 -1.51 54.13
CA LEU D 5 -41.90 -2.03 54.66
C LEU D 5 -41.59 -3.09 55.72
N GLU D 6 -42.15 -2.91 56.91
CA GLU D 6 -42.00 -3.85 58.00
C GLU D 6 -43.20 -4.78 58.08
N SER D 7 -43.03 -5.87 58.82
CA SER D 7 -44.10 -6.83 59.02
C SER D 7 -43.81 -7.66 60.27
N GLY D 8 -44.84 -8.32 60.77
CA GLY D 8 -44.73 -9.19 61.92
C GLY D 8 -45.06 -8.57 63.24
N GLY D 9 -45.16 -7.24 63.32
CA GLY D 9 -45.48 -6.60 64.58
C GLY D 9 -46.89 -6.94 65.06
N GLY D 10 -47.05 -6.94 66.37
CA GLY D 10 -48.34 -7.28 66.96
C GLY D 10 -48.22 -7.50 68.45
N LEU D 11 -49.26 -8.11 69.01
CA LEU D 11 -49.32 -8.37 70.44
C LEU D 11 -48.76 -9.76 70.72
N VAL D 12 -47.85 -9.83 71.71
CA VAL D 12 -47.25 -11.09 72.13
C VAL D 12 -47.20 -11.12 73.64
N GLN D 13 -47.51 -12.29 74.23
CA GLN D 13 -47.46 -12.43 75.67
C GLN D 13 -46.03 -12.28 76.18
N PRO D 14 -45.86 -11.72 77.38
CA PRO D 14 -44.50 -11.55 77.92
C PRO D 14 -43.80 -12.88 78.11
N GLY D 15 -42.48 -12.86 77.93
CA GLY D 15 -41.68 -14.06 78.02
C GLY D 15 -41.62 -14.90 76.77
N GLY D 16 -42.28 -14.49 75.69
CA GLY D 16 -42.30 -15.23 74.46
C GLY D 16 -41.29 -14.73 73.45
N SER D 17 -41.56 -15.02 72.18
CA SER D 17 -40.69 -14.61 71.07
C SER D 17 -41.55 -14.04 69.95
N LEU D 18 -40.89 -13.58 68.89
CA LEU D 18 -41.55 -12.96 67.75
C LEU D 18 -40.52 -12.80 66.64
N ARG D 19 -40.99 -12.85 65.40
CA ARG D 19 -40.13 -12.83 64.22
C ARG D 19 -40.52 -11.63 63.36
N LEU D 20 -39.74 -10.56 63.45
CA LEU D 20 -39.96 -9.38 62.62
C LEU D 20 -39.43 -9.60 61.21
N SER D 21 -39.75 -8.64 60.33
CA SER D 21 -39.31 -8.69 58.95
C SER D 21 -39.49 -7.31 58.33
N CYS D 22 -38.43 -6.77 57.75
CA CYS D 22 -38.47 -5.50 57.04
C CYS D 22 -38.08 -5.72 55.59
N ALA D 23 -38.90 -5.21 54.67
CA ALA D 23 -38.67 -5.38 53.24
C ALA D 23 -38.05 -4.12 52.66
N ALA D 24 -37.16 -4.29 51.70
CA ALA D 24 -36.44 -3.19 51.07
C ALA D 24 -36.71 -3.17 49.57
N SER D 25 -36.69 -1.97 49.00
CA SER D 25 -36.94 -1.79 47.58
C SER D 25 -36.24 -0.53 47.11
N GLY D 26 -36.05 -0.45 45.79
CA GLY D 26 -35.41 0.71 45.19
C GLY D 26 -33.90 0.66 45.24
N PHE D 27 -33.33 0.85 46.42
CA PHE D 27 -31.89 0.84 46.58
C PHE D 27 -31.35 -0.59 46.57
N THR D 28 -30.04 -0.71 46.38
CA THR D 28 -29.36 -1.99 46.47
C THR D 28 -29.23 -2.36 47.94
N PHE D 29 -30.08 -3.28 48.40
CA PHE D 29 -30.12 -3.65 49.81
C PHE D 29 -28.84 -4.34 50.26
N ASP D 30 -28.11 -4.97 49.34
CA ASP D 30 -26.90 -5.70 49.71
C ASP D 30 -25.72 -4.77 49.99
N THR D 31 -25.73 -3.55 49.47
CA THR D 31 -24.62 -2.62 49.65
C THR D 31 -24.81 -1.68 50.84
N TYR D 32 -25.90 -1.84 51.58
CA TYR D 32 -26.27 -0.92 52.66
C TYR D 32 -26.31 -1.67 53.97
N ALA D 33 -25.69 -1.09 55.00
CA ALA D 33 -25.78 -1.64 56.35
C ALA D 33 -27.06 -1.14 57.00
N MET D 34 -27.95 -2.06 57.35
CA MET D 34 -29.27 -1.72 57.87
C MET D 34 -29.29 -1.82 59.39
N SER D 35 -29.99 -0.89 60.03
CA SER D 35 -30.05 -0.81 61.47
C SER D 35 -31.49 -0.86 61.96
N TRP D 36 -31.62 -1.05 63.27
CA TRP D 36 -32.90 -1.26 63.95
C TRP D 36 -33.02 -0.28 65.10
N VAL D 37 -34.12 0.46 65.13
CA VAL D 37 -34.35 1.49 66.14
C VAL D 37 -35.78 1.36 66.65
N ARG D 38 -35.95 1.50 67.96
CA ARG D 38 -37.27 1.39 68.58
C ARG D 38 -37.59 2.65 69.38
N GLN D 39 -38.88 2.81 69.66
CA GLN D 39 -39.39 3.93 70.44
C GLN D 39 -40.61 3.51 71.24
N PRO D 40 -40.47 3.30 72.54
CA PRO D 40 -41.66 3.02 73.36
C PRO D 40 -42.61 4.20 73.33
N PRO D 41 -43.91 3.94 73.42
CA PRO D 41 -44.89 5.03 73.29
C PRO D 41 -44.67 6.11 74.33
N GLY D 42 -44.56 7.35 73.86
CA GLY D 42 -44.33 8.48 74.75
C GLY D 42 -42.91 8.66 75.21
N LYS D 43 -41.97 7.89 74.68
CA LYS D 43 -40.57 7.95 75.11
C LYS D 43 -39.67 8.15 73.89
N GLY D 44 -38.36 8.18 74.13
CA GLY D 44 -37.41 8.49 73.09
C GLY D 44 -36.96 7.29 72.29
N LEU D 45 -36.35 7.57 71.15
CA LEU D 45 -35.77 6.54 70.30
C LEU D 45 -34.52 5.95 70.95
N GLU D 46 -34.26 4.69 70.67
CA GLU D 46 -33.02 4.04 71.07
C GLU D 46 -32.61 3.05 69.98
N TRP D 47 -31.39 3.22 69.49
CA TRP D 47 -30.86 2.28 68.50
C TRP D 47 -30.68 0.92 69.14
N VAL D 48 -31.21 -0.12 68.50
CA VAL D 48 -31.24 -1.46 69.06
C VAL D 48 -30.15 -2.34 68.45
N SER D 49 -30.12 -2.45 67.13
CA SER D 49 -29.18 -3.35 66.49
C SER D 49 -28.86 -2.86 65.09
N ALA D 50 -27.73 -3.30 64.57
CA ALA D 50 -27.31 -3.02 63.21
C ALA D 50 -26.59 -4.24 62.64
N ILE D 51 -26.71 -4.42 61.33
CA ILE D 51 -26.08 -5.55 60.65
C ILE D 51 -25.28 -5.02 59.48
N SER D 52 -24.24 -5.76 59.10
CA SER D 52 -23.34 -5.33 58.06
C SER D 52 -23.92 -5.61 56.68
N THR D 53 -23.21 -5.20 55.64
CA THR D 53 -23.61 -5.45 54.26
C THR D 53 -23.17 -6.87 53.88
N GLY D 54 -23.95 -7.83 54.35
CA GLY D 54 -23.64 -9.23 54.11
C GLY D 54 -23.95 -10.11 55.30
N GLY D 55 -24.27 -9.48 56.44
CA GLY D 55 -24.64 -10.22 57.63
C GLY D 55 -23.47 -10.80 58.40
N GLY D 56 -22.24 -10.51 58.00
CA GLY D 56 -21.09 -11.08 58.67
C GLY D 56 -20.76 -10.48 60.02
N SER D 57 -21.39 -9.36 60.37
CA SER D 57 -21.15 -8.72 61.65
C SER D 57 -22.46 -8.17 62.19
N LYS D 58 -22.72 -8.42 63.47
CA LYS D 58 -23.93 -7.98 64.14
C LYS D 58 -23.57 -7.11 65.33
N TYR D 59 -24.35 -6.07 65.54
CA TYR D 59 -24.15 -5.16 66.66
C TYR D 59 -25.47 -4.95 67.39
N TYR D 60 -25.39 -4.68 68.68
CA TYR D 60 -26.57 -4.53 69.51
C TYR D 60 -26.34 -3.46 70.57
N ALA D 61 -27.44 -2.96 71.13
CA ALA D 61 -27.37 -2.07 72.27
C ALA D 61 -27.24 -2.87 73.55
N ASP D 62 -26.65 -2.26 74.58
CA ASP D 62 -26.50 -2.96 75.84
C ASP D 62 -27.77 -2.87 76.67
N SER D 63 -28.91 -3.14 76.03
CA SER D 63 -30.17 -3.40 76.71
C SER D 63 -30.93 -4.57 76.12
N VAL D 64 -30.66 -4.94 74.87
CA VAL D 64 -31.26 -6.09 74.21
C VAL D 64 -30.22 -7.14 73.84
N LYS D 65 -28.94 -6.88 74.10
CA LYS D 65 -27.88 -7.82 73.75
C LYS D 65 -28.12 -9.15 74.44
N GLY D 66 -28.02 -10.24 73.67
CA GLY D 66 -28.34 -11.55 74.16
C GLY D 66 -29.81 -11.89 74.14
N ARG D 67 -30.67 -10.95 73.74
CA ARG D 67 -32.10 -11.16 73.71
C ARG D 67 -32.72 -11.01 72.33
N LEU D 68 -32.09 -10.26 71.42
CA LEU D 68 -32.55 -10.14 70.05
C LEU D 68 -31.41 -10.42 69.09
N THR D 69 -31.75 -10.95 67.92
CA THR D 69 -30.79 -11.24 66.87
C THR D 69 -31.30 -10.64 65.57
N ILE D 70 -30.44 -9.88 64.89
CA ILE D 70 -30.78 -9.22 63.64
C ILE D 70 -30.17 -10.00 62.49
N SER D 71 -30.98 -10.34 61.50
CA SER D 71 -30.55 -11.12 60.35
C SER D 71 -31.08 -10.49 59.08
N ARG D 72 -30.36 -10.71 57.99
CA ARG D 72 -30.74 -10.20 56.68
C ARG D 72 -30.58 -11.29 55.64
N ASP D 73 -31.35 -11.18 54.56
CA ASP D 73 -31.25 -12.08 53.43
C ASP D 73 -31.20 -11.24 52.16
N ASN D 74 -30.03 -11.22 51.51
CA ASN D 74 -29.80 -10.27 50.43
C ASN D 74 -30.57 -10.63 49.17
N SER D 75 -30.78 -11.93 48.91
CA SER D 75 -31.42 -12.35 47.67
C SER D 75 -32.86 -11.86 47.59
N GLN D 76 -33.62 -11.99 48.66
CA GLN D 76 -34.99 -11.52 48.69
C GLN D 76 -35.11 -10.08 49.19
N ASN D 77 -33.98 -9.40 49.40
CA ASN D 77 -33.95 -7.96 49.67
C ASN D 77 -34.74 -7.60 50.92
N THR D 78 -34.65 -8.44 51.95
CA THR D 78 -35.39 -8.22 53.18
C THR D 78 -34.49 -8.48 54.38
N LEU D 79 -34.88 -7.90 55.51
CA LEU D 79 -34.14 -8.01 56.76
C LEU D 79 -35.11 -8.28 57.89
N TYR D 80 -34.69 -9.11 58.86
CA TYR D 80 -35.54 -9.56 59.95
C TYR D 80 -34.95 -9.14 61.29
N LEU D 81 -35.72 -9.37 62.34
CA LEU D 81 -35.26 -9.26 63.72
C LEU D 81 -35.87 -10.41 64.50
N GLN D 82 -35.09 -11.01 65.38
CA GLN D 82 -35.51 -12.18 66.14
C GLN D 82 -35.73 -11.79 67.60
N MET D 83 -36.99 -11.71 68.01
CA MET D 83 -37.31 -11.54 69.43
C MET D 83 -36.96 -12.81 70.20
N SER D 84 -36.53 -12.64 71.44
CA SER D 84 -36.29 -13.78 72.32
C SER D 84 -36.33 -13.29 73.76
N SER D 85 -36.95 -14.08 74.62
CA SER D 85 -37.10 -13.75 76.05
C SER D 85 -37.72 -12.37 76.22
N LEU D 86 -38.80 -12.12 75.49
CA LEU D 86 -39.46 -10.83 75.48
C LEU D 86 -39.96 -10.46 76.88
N ARG D 87 -40.19 -9.16 77.07
CA ARG D 87 -40.72 -8.64 78.32
C ARG D 87 -41.48 -7.36 78.04
N ALA D 88 -42.02 -6.75 79.10
CA ALA D 88 -42.80 -5.53 78.93
C ALA D 88 -41.93 -4.37 78.46
N ASP D 89 -40.64 -4.39 78.78
CA ASP D 89 -39.76 -3.30 78.36
C ASP D 89 -39.56 -3.26 76.86
N ASP D 90 -39.85 -4.35 76.16
CA ASP D 90 -39.73 -4.40 74.70
C ASP D 90 -40.97 -3.87 73.99
N THR D 91 -41.98 -3.42 74.73
CA THR D 91 -43.20 -2.87 74.13
C THR D 91 -42.85 -1.53 73.48
N ALA D 92 -42.75 -1.52 72.15
CA ALA D 92 -42.38 -0.32 71.41
C ALA D 92 -42.75 -0.53 69.95
N VAL D 93 -42.43 0.47 69.14
CA VAL D 93 -42.57 0.39 67.69
C VAL D 93 -41.18 0.35 67.07
N TYR D 94 -40.93 -0.67 66.25
CA TYR D 94 -39.59 -0.94 65.74
C TYR D 94 -39.45 -0.33 64.35
N TYR D 95 -38.51 0.59 64.20
CA TYR D 95 -38.28 1.29 62.94
C TYR D 95 -37.11 0.64 62.20
N CYS D 96 -37.36 0.25 60.94
CA CYS D 96 -36.33 -0.32 60.09
C CYS D 96 -35.70 0.82 59.28
N ALA D 97 -34.47 1.19 59.64
CA ALA D 97 -33.80 2.34 59.07
C ALA D 97 -32.56 1.92 58.31
N ARG D 98 -32.39 2.47 57.11
CA ARG D 98 -31.18 2.25 56.32
C ARG D 98 -30.06 3.15 56.83
N SER D 99 -28.88 2.57 57.04
CA SER D 99 -27.76 3.30 57.59
C SER D 99 -26.58 3.29 56.62
N ASP D 100 -25.74 4.31 56.72
CA ASP D 100 -24.50 4.39 55.97
C ASP D 100 -23.30 3.94 56.80
N PHE D 101 -23.51 2.98 57.69
CA PHE D 101 -22.58 2.76 58.79
C PHE D 101 -21.18 2.45 58.29
N TRP D 102 -21.05 1.55 57.32
CA TRP D 102 -19.74 1.22 56.78
C TRP D 102 -19.93 0.92 55.28
N ARG D 103 -19.72 1.95 54.45
CA ARG D 103 -19.96 1.81 53.02
C ARG D 103 -18.67 1.96 52.20
N SER D 104 -18.05 3.12 52.23
CA SER D 104 -16.80 3.43 51.56
C SER D 104 -16.49 4.90 51.82
N GLY D 105 -15.23 5.28 51.65
CA GLY D 105 -14.84 6.65 51.87
C GLY D 105 -15.18 7.15 53.25
N ARG D 106 -16.10 8.11 53.34
CA ARG D 106 -16.43 8.76 54.59
C ARG D 106 -17.89 8.52 54.93
N TYR D 107 -18.16 8.21 56.20
CA TYR D 107 -19.52 8.01 56.70
C TYR D 107 -19.65 8.67 58.06
N TYR D 108 -20.89 8.82 58.51
CA TYR D 108 -21.16 9.59 59.72
C TYR D 108 -22.19 8.93 60.63
N TYR D 109 -22.43 7.62 60.48
CA TYR D 109 -23.33 6.87 61.35
C TYR D 109 -24.73 7.49 61.40
N TYR D 110 -25.23 7.90 60.24
CA TYR D 110 -26.58 8.45 60.14
C TYR D 110 -27.50 7.45 59.47
N MET D 111 -28.77 7.82 59.35
CA MET D 111 -29.80 6.96 58.79
C MET D 111 -30.62 7.76 57.79
N ASP D 112 -30.69 7.25 56.55
CA ASP D 112 -31.35 8.00 55.48
C ASP D 112 -32.86 7.80 55.48
N VAL D 113 -33.30 6.56 55.27
CA VAL D 113 -34.71 6.25 55.06
C VAL D 113 -35.15 5.26 56.13
N TRP D 114 -36.29 5.54 56.75
CA TRP D 114 -36.83 4.71 57.82
C TRP D 114 -38.16 4.12 57.37
N GLY D 115 -38.50 2.95 57.92
CA GLY D 115 -39.74 2.30 57.59
C GLY D 115 -40.92 2.88 58.35
N ARG D 116 -42.08 2.27 58.13
CA ARG D 116 -43.29 2.72 58.82
C ARG D 116 -43.27 2.34 60.30
N GLY D 117 -42.69 1.20 60.63
CA GLY D 117 -42.67 0.73 62.00
C GLY D 117 -43.75 -0.29 62.28
N THR D 118 -43.50 -1.16 63.25
CA THR D 118 -44.44 -2.20 63.65
C THR D 118 -44.61 -2.18 65.16
N THR D 119 -45.83 -2.44 65.61
CA THR D 119 -46.16 -2.36 67.03
C THR D 119 -45.87 -3.69 67.71
N VAL D 120 -45.13 -3.63 68.82
CA VAL D 120 -44.79 -4.81 69.61
C VAL D 120 -45.20 -4.54 71.05
N THR D 121 -45.78 -5.54 71.70
CA THR D 121 -46.17 -5.42 73.10
C THR D 121 -45.35 -6.36 73.98
N SER E 1 -23.24 6.22 78.99
CA SER E 1 -22.83 7.30 78.11
C SER E 1 -24.01 7.79 77.26
N ALA E 2 -25.20 7.75 77.82
CA ALA E 2 -26.38 8.22 77.12
C ALA E 2 -26.34 9.73 76.96
N LEU E 3 -26.97 10.21 75.90
CA LEU E 3 -27.04 11.64 75.62
C LEU E 3 -28.22 12.26 76.35
N THR E 4 -28.00 13.44 76.91
CA THR E 4 -29.02 14.17 77.64
C THR E 4 -29.50 15.35 76.82
N GLN E 5 -30.81 15.51 76.73
CA GLN E 5 -31.45 16.58 75.98
C GLN E 5 -32.44 17.31 76.87
N PRO E 6 -32.68 18.61 76.61
CA PRO E 6 -33.73 19.31 77.33
C PRO E 6 -35.08 18.66 77.05
N ALA E 7 -35.93 18.66 78.08
CA ALA E 7 -37.23 17.99 77.97
C ALA E 7 -38.09 18.63 76.89
N SER E 8 -38.15 19.95 76.87
CA SER E 8 -38.99 20.65 75.89
C SER E 8 -38.49 22.09 75.74
N VAL E 9 -38.77 22.66 74.58
CA VAL E 9 -38.51 24.07 74.32
C VAL E 9 -39.76 24.67 73.65
N SER E 10 -39.92 25.98 73.81
CA SER E 10 -41.03 26.71 73.24
C SER E 10 -40.53 27.98 72.58
N ALA E 11 -41.05 28.27 71.39
CA ALA E 11 -40.65 29.47 70.67
C ALA E 11 -41.76 29.87 69.70
N SER E 12 -41.85 31.17 69.44
CA SER E 12 -42.82 31.72 68.51
C SER E 12 -42.27 31.67 67.07
N PRO E 13 -43.15 31.60 66.07
CA PRO E 13 -42.67 31.60 64.68
C PRO E 13 -41.91 32.86 64.34
N GLY E 14 -40.95 32.72 63.42
CA GLY E 14 -40.13 33.82 62.98
C GLY E 14 -38.87 34.03 63.79
N GLN E 15 -38.66 33.27 64.85
CA GLN E 15 -37.48 33.38 65.69
C GLN E 15 -36.56 32.19 65.46
N SER E 16 -35.49 32.13 66.24
CA SER E 16 -34.53 31.03 66.20
C SER E 16 -34.47 30.37 67.57
N ILE E 17 -34.63 29.05 67.59
CA ILE E 17 -34.55 28.27 68.81
C ILE E 17 -33.36 27.33 68.70
N THR E 18 -32.49 27.35 69.71
CA THR E 18 -31.27 26.55 69.72
C THR E 18 -31.52 25.31 70.59
N ILE E 19 -31.56 24.16 69.95
CA ILE E 19 -31.64 22.90 70.67
C ILE E 19 -30.22 22.37 70.87
N SER E 20 -29.99 21.75 72.03
CA SER E 20 -28.66 21.35 72.44
C SER E 20 -28.63 19.87 72.81
N CYS E 21 -27.49 19.24 72.54
CA CYS E 21 -27.25 17.85 72.91
C CYS E 21 -25.86 17.75 73.53
N THR E 22 -25.78 17.14 74.70
CA THR E 22 -24.51 16.95 75.39
C THR E 22 -24.39 15.51 75.85
N GLY E 23 -23.15 15.02 75.89
CA GLY E 23 -22.87 13.65 76.27
C GLY E 23 -21.49 13.53 76.85
N THR E 24 -21.14 12.32 77.24
CA THR E 24 -19.86 12.05 77.88
C THR E 24 -18.76 11.99 76.82
N HIS E 25 -17.55 11.60 77.24
CA HIS E 25 -16.42 11.50 76.32
C HIS E 25 -16.49 10.27 75.44
N PHE E 26 -17.44 9.37 75.68
CA PHE E 26 -17.54 8.16 74.89
C PHE E 26 -18.13 8.40 73.49
N ASP E 27 -18.86 9.49 73.29
CA ASP E 27 -19.61 9.67 72.05
C ASP E 27 -19.49 11.04 71.39
N ILE E 28 -19.12 12.10 72.11
CA ILE E 28 -19.29 13.44 71.56
C ILE E 28 -17.95 14.14 71.31
N VAL E 29 -17.14 14.27 72.35
CA VAL E 29 -16.00 15.20 72.30
C VAL E 29 -15.03 14.82 71.20
N ASP E 30 -14.94 13.53 70.87
CA ASP E 30 -13.95 13.06 69.91
C ASP E 30 -14.51 12.80 68.52
N TYR E 31 -15.82 12.71 68.37
CA TYR E 31 -16.45 12.26 67.13
C TYR E 31 -17.36 13.30 66.54
N ASP E 32 -17.28 13.45 65.22
CA ASP E 32 -18.25 14.24 64.47
C ASP E 32 -19.42 13.41 63.96
N TYR E 33 -19.48 12.13 64.32
CA TYR E 33 -20.56 11.26 63.87
C TYR E 33 -21.83 11.61 64.64
N LEU E 34 -22.34 12.81 64.45
CA LEU E 34 -23.48 13.34 65.19
C LEU E 34 -24.59 13.66 64.20
N SER E 35 -25.77 13.09 64.43
CA SER E 35 -26.90 13.26 63.53
C SER E 35 -28.13 13.69 64.32
N TRP E 36 -28.91 14.60 63.74
CA TRP E 36 -30.12 15.11 64.34
C TRP E 36 -31.34 14.57 63.59
N TYR E 37 -32.35 14.14 64.34
CA TYR E 37 -33.56 13.59 63.77
C TYR E 37 -34.78 14.27 64.37
N GLN E 38 -35.76 14.57 63.52
CA GLN E 38 -37.04 15.11 63.93
C GLN E 38 -38.13 14.11 63.61
N GLN E 39 -39.19 14.11 64.42
CA GLN E 39 -40.23 13.09 64.30
C GLN E 39 -41.58 13.70 64.67
N HIS E 40 -42.45 13.89 63.69
CA HIS E 40 -43.84 14.19 63.98
C HIS E 40 -44.49 12.99 64.64
N PRO E 41 -45.45 13.22 65.55
CA PRO E 41 -46.11 12.09 66.22
C PRO E 41 -46.79 11.17 65.22
N GLY E 42 -46.63 9.87 65.45
CA GLY E 42 -47.17 8.89 64.52
C GLY E 42 -46.52 8.94 63.15
N ASN E 43 -45.22 9.21 63.09
CA ASN E 43 -44.50 9.29 61.82
C ASN E 43 -43.09 8.79 62.01
N ALA E 44 -42.45 8.41 60.90
CA ALA E 44 -41.06 7.99 60.96
C ALA E 44 -40.15 9.20 61.12
N PRO E 45 -39.05 9.05 61.86
CA PRO E 45 -38.12 10.19 62.03
C PRO E 45 -37.43 10.54 60.72
N LYS E 46 -37.00 11.80 60.63
CA LYS E 46 -36.35 12.33 59.45
C LYS E 46 -35.01 12.95 59.84
N LEU E 47 -33.98 12.69 59.03
CA LEU E 47 -32.65 13.22 59.30
C LEU E 47 -32.53 14.65 58.77
N LEU E 48 -32.07 15.56 59.63
CA LEU E 48 -31.87 16.95 59.26
C LEU E 48 -30.41 17.31 59.08
N ILE E 49 -29.54 16.87 59.98
CA ILE E 49 -28.11 17.17 59.92
C ILE E 49 -27.34 15.90 60.21
N TYR E 50 -26.30 15.65 59.42
CA TYR E 50 -25.37 14.55 59.65
C TYR E 50 -23.97 15.10 59.69
N GLY E 51 -23.11 14.45 60.47
CA GLY E 51 -21.72 14.89 60.57
C GLY E 51 -21.57 16.29 61.11
N VAL E 52 -22.32 16.60 62.17
CA VAL E 52 -22.24 17.86 62.90
C VAL E 52 -22.83 19.00 62.08
N SER E 53 -22.30 19.23 60.88
CA SER E 53 -22.68 20.39 60.08
C SER E 53 -23.34 20.06 58.75
N ASN E 54 -22.98 18.95 58.12
CA ASN E 54 -23.48 18.67 56.77
C ASN E 54 -24.97 18.36 56.79
N ARG E 55 -25.64 18.68 55.69
CA ARG E 55 -27.09 18.59 55.58
C ARG E 55 -27.46 17.78 54.35
N PRO E 56 -28.41 16.85 54.46
CA PRO E 56 -28.84 16.08 53.29
C PRO E 56 -29.61 16.94 52.30
N SER E 57 -29.58 16.51 51.04
CA SER E 57 -30.39 17.17 50.02
C SER E 57 -31.87 17.00 50.35
N GLY E 58 -32.63 18.07 50.14
CA GLY E 58 -34.03 18.10 50.48
C GLY E 58 -34.34 18.55 51.90
N VAL E 59 -33.37 19.16 52.58
CA VAL E 59 -33.55 19.67 53.93
C VAL E 59 -33.29 21.17 53.92
N SER E 60 -34.18 21.93 54.55
CA SER E 60 -34.08 23.38 54.50
C SER E 60 -32.80 23.87 55.19
N SER E 61 -32.29 25.00 54.71
CA SER E 61 -31.07 25.58 55.27
C SER E 61 -31.29 26.17 56.66
N ARG E 62 -32.54 26.24 57.12
CA ARG E 62 -32.81 26.82 58.44
C ARG E 62 -32.15 26.01 59.55
N PHE E 63 -31.96 24.71 59.34
CA PHE E 63 -31.33 23.85 60.33
C PHE E 63 -29.81 23.89 60.13
N SER E 64 -29.10 24.41 61.13
CA SER E 64 -27.65 24.47 61.11
C SER E 64 -27.10 23.85 62.40
N GLY E 65 -26.23 22.87 62.25
CA GLY E 65 -25.64 22.19 63.39
C GLY E 65 -24.23 22.64 63.67
N SER E 66 -23.81 22.44 64.93
CA SER E 66 -22.46 22.78 65.35
C SER E 66 -22.11 21.95 66.58
N LYS E 67 -20.81 21.86 66.84
CA LYS E 67 -20.31 21.12 67.99
C LYS E 67 -19.20 21.92 68.66
N SER E 68 -19.20 21.93 69.99
CA SER E 68 -18.13 22.56 70.75
C SER E 68 -18.01 21.83 72.08
N GLY E 69 -16.99 21.00 72.22
CA GLY E 69 -16.77 20.30 73.46
C GLY E 69 -17.84 19.27 73.75
N ASN E 70 -18.18 19.12 75.03
CA ASN E 70 -19.12 18.09 75.46
C ASN E 70 -20.52 18.29 74.89
N THR E 71 -20.83 19.49 74.40
CA THR E 71 -22.17 19.83 73.96
C THR E 71 -22.15 20.21 72.49
N ALA E 72 -23.10 19.69 71.73
CA ALA E 72 -23.31 20.08 70.35
C ALA E 72 -24.77 20.49 70.17
N SER E 73 -24.99 21.58 69.44
CA SER E 73 -26.30 22.19 69.34
C SER E 73 -26.75 22.29 67.89
N LEU E 74 -28.07 22.29 67.71
CA LEU E 74 -28.71 22.48 66.41
C LEU E 74 -29.61 23.69 66.51
N THR E 75 -29.53 24.58 65.53
CA THR E 75 -30.28 25.83 65.52
C THR E 75 -31.27 25.82 64.36
N ILE E 76 -32.51 26.20 64.63
CA ILE E 76 -33.56 26.32 63.63
C ILE E 76 -33.95 27.78 63.55
N SER E 77 -33.59 28.43 62.45
CA SER E 77 -33.95 29.83 62.23
C SER E 77 -35.25 29.91 61.42
N GLY E 78 -35.95 31.03 61.58
CA GLY E 78 -37.19 31.25 60.86
C GLY E 78 -38.24 30.21 61.19
N LEU E 79 -38.48 29.99 62.48
CA LEU E 79 -39.35 28.92 62.93
C LEU E 79 -40.74 29.05 62.34
N GLN E 80 -41.31 27.92 61.94
CA GLN E 80 -42.67 27.84 61.41
C GLN E 80 -43.53 26.98 62.32
N ALA E 81 -44.82 26.89 61.98
CA ALA E 81 -45.75 26.12 62.81
C ALA E 81 -45.56 24.63 62.62
N GLU E 82 -45.25 24.19 61.39
CA GLU E 82 -45.10 22.77 61.12
C GLU E 82 -43.84 22.18 61.74
N ASP E 83 -42.93 23.00 62.27
CA ASP E 83 -41.73 22.48 62.92
C ASP E 83 -42.02 21.85 64.28
N GLU E 84 -43.28 21.76 64.69
CA GLU E 84 -43.62 21.08 65.92
C GLU E 84 -43.31 19.59 65.81
N GLY E 85 -42.77 19.03 66.87
CA GLY E 85 -42.42 17.62 66.89
C GLY E 85 -41.18 17.37 67.71
N ASP E 86 -40.96 16.09 68.01
CA ASP E 86 -39.80 15.71 68.80
C ASP E 86 -38.53 15.82 67.99
N TYR E 87 -37.42 16.12 68.69
CA TYR E 87 -36.10 16.23 68.08
C TYR E 87 -35.12 15.36 68.85
N TYR E 88 -34.31 14.59 68.13
CA TYR E 88 -33.38 13.67 68.76
C TYR E 88 -31.98 13.88 68.20
N CYS E 89 -30.99 13.61 69.05
CA CYS E 89 -29.58 13.62 68.66
C CYS E 89 -29.03 12.21 68.83
N SER E 90 -28.32 11.73 67.82
CA SER E 90 -27.69 10.41 67.85
C SER E 90 -26.20 10.56 67.60
N SER E 91 -25.40 9.77 68.32
CA SER E 91 -23.95 9.82 68.19
C SER E 91 -23.39 8.41 68.28
N TYR E 92 -22.15 8.27 67.84
CA TYR E 92 -21.43 7.01 67.87
C TYR E 92 -20.66 6.90 69.18
N SER E 93 -20.89 5.82 69.93
CA SER E 93 -20.29 5.62 71.23
C SER E 93 -19.23 4.53 71.18
N ILE E 94 -18.10 4.79 71.82
CA ILE E 94 -17.04 3.77 71.94
C ILE E 94 -17.35 2.99 73.21
N SER E 95 -18.26 2.05 73.08
CA SER E 95 -18.73 1.20 74.17
C SER E 95 -19.66 0.16 73.55
N SER E 96 -20.33 -0.62 74.40
CA SER E 96 -21.52 -1.28 73.94
C SER E 96 -22.55 -0.22 73.53
N THR E 97 -23.58 -0.65 72.81
CA THR E 97 -24.57 0.27 72.24
C THR E 97 -23.87 1.28 71.33
N LEU E 98 -23.37 0.72 70.22
CA LEU E 98 -22.65 1.49 69.19
C LEU E 98 -23.25 2.87 68.94
N LEU E 99 -24.55 2.92 68.67
CA LEU E 99 -25.25 4.19 68.48
C LEU E 99 -26.14 4.47 69.69
N VAL E 100 -26.00 5.66 70.24
CA VAL E 100 -26.83 6.10 71.35
C VAL E 100 -27.62 7.32 70.89
N PHE E 101 -28.82 7.47 71.45
CA PHE E 101 -29.71 8.55 71.11
C PHE E 101 -29.86 9.50 72.29
N GLY E 102 -30.32 10.71 71.99
CA GLY E 102 -30.63 11.68 73.02
C GLY E 102 -31.92 11.34 73.74
N GLY E 103 -32.20 12.10 74.79
CA GLY E 103 -33.43 11.90 75.53
C GLY E 103 -34.68 12.26 74.75
N GLY E 104 -34.54 13.10 73.73
CA GLY E 104 -35.69 13.50 72.92
C GLY E 104 -36.34 14.75 73.47
N THR E 105 -36.30 15.83 72.70
CA THR E 105 -36.90 17.10 73.11
C THR E 105 -38.20 17.31 72.37
N LYS E 106 -39.27 17.62 73.10
CA LYS E 106 -40.55 17.95 72.51
C LYS E 106 -40.54 19.44 72.19
N LEU E 107 -40.36 19.77 70.91
CA LEU E 107 -40.40 21.16 70.48
C LEU E 107 -41.85 21.62 70.35
N SER E 108 -42.14 22.80 70.90
CA SER E 108 -43.46 23.39 70.83
C SER E 108 -43.37 24.77 70.20
N VAL E 109 -44.29 25.06 69.28
CA VAL E 109 -44.36 26.35 68.60
C VAL E 109 -45.56 27.10 69.16
N VAL E 110 -45.31 28.29 69.69
CA VAL E 110 -46.36 29.09 70.30
C VAL E 110 -46.78 30.21 69.36
N ILE F 1 -9.56 27.70 21.03
CA ILE F 1 -8.86 26.54 21.55
C ILE F 1 -8.46 25.61 20.41
N ARG F 2 -8.08 26.18 19.28
CA ARG F 2 -7.51 25.40 18.19
C ARG F 2 -6.08 25.02 18.59
N CYS F 3 -5.33 24.45 17.65
CA CYS F 3 -3.93 24.10 17.83
C CYS F 3 -3.71 22.99 18.84
N ILE F 4 -4.75 22.48 19.47
CA ILE F 4 -4.62 21.44 20.49
C ILE F 4 -4.83 20.09 19.81
N GLY F 5 -3.75 19.32 19.70
CA GLY F 5 -3.81 18.02 19.06
C GLY F 5 -3.57 18.10 17.56
N VAL F 6 -2.53 18.84 17.17
CA VAL F 6 -2.17 18.98 15.76
C VAL F 6 -0.80 18.41 15.45
N SER F 7 -0.02 18.01 16.45
CA SER F 7 1.21 17.25 16.28
C SER F 7 2.29 18.04 15.56
N ASN F 8 1.95 19.23 15.07
CA ASN F 8 2.91 20.21 14.59
C ASN F 8 2.48 21.49 15.28
N ARG F 9 2.92 21.64 16.52
CA ARG F 9 2.48 22.70 17.41
C ARG F 9 3.70 23.29 18.08
N ASP F 10 3.69 24.59 18.28
CA ASP F 10 4.83 25.28 18.84
C ASP F 10 4.39 26.18 19.99
N PHE F 11 5.30 26.36 20.94
CA PHE F 11 5.10 27.21 22.09
C PHE F 11 6.20 28.27 22.08
N VAL F 12 5.80 29.54 22.08
CA VAL F 12 6.73 30.65 22.19
C VAL F 12 6.38 31.43 23.45
N GLU F 13 7.40 31.69 24.28
CA GLU F 13 7.23 32.42 25.52
C GLU F 13 7.87 33.80 25.35
N GLY F 14 7.05 34.83 25.34
CA GLY F 14 7.57 36.18 25.28
C GLY F 14 8.45 36.49 26.47
N MET F 15 9.66 36.97 26.20
CA MET F 15 10.61 37.21 27.28
C MET F 15 10.17 38.40 28.14
N SER F 16 10.72 38.46 29.34
CA SER F 16 10.50 39.58 30.24
C SER F 16 11.23 40.79 29.68
N GLY F 17 10.49 41.68 29.01
CA GLY F 17 11.09 42.81 28.33
C GLY F 17 10.62 42.89 26.89
N GLY F 18 10.02 44.01 26.53
CA GLY F 18 9.38 44.15 25.23
C GLY F 18 8.02 43.50 25.22
N THR F 19 7.28 43.77 24.14
CA THR F 19 5.93 43.21 24.00
C THR F 19 5.67 42.69 22.59
N TRP F 20 6.71 42.32 21.85
CA TRP F 20 6.55 41.71 20.54
C TRP F 20 7.45 40.50 20.43
N VAL F 21 6.95 39.47 19.75
CA VAL F 21 7.74 38.28 19.42
C VAL F 21 7.51 38.00 17.94
N ASP F 22 8.58 37.56 17.26
CA ASP F 22 8.52 37.20 15.86
C ASP F 22 8.21 35.72 15.73
N VAL F 23 7.17 35.39 14.97
CA VAL F 23 6.80 34.01 14.71
C VAL F 23 6.68 33.80 13.20
N VAL F 24 6.88 32.57 12.77
CA VAL F 24 6.71 32.18 11.38
C VAL F 24 5.52 31.23 11.32
N LEU F 25 4.47 31.65 10.62
CA LEU F 25 3.23 30.89 10.53
C LEU F 25 3.33 29.93 9.35
N GLU F 26 3.91 28.76 9.58
CA GLU F 26 4.00 27.75 8.53
C GLU F 26 2.63 27.17 8.25
N HIS F 27 2.31 27.04 6.96
CA HIS F 27 1.03 26.48 6.56
C HIS F 27 1.01 24.98 6.84
N GLY F 28 0.05 24.54 7.65
CA GLY F 28 -0.02 23.15 8.03
C GLY F 28 0.30 22.94 9.49
N GLY F 29 1.30 23.66 9.99
CA GLY F 29 1.62 23.67 11.40
C GLY F 29 0.80 24.70 12.16
N CYS F 30 1.19 24.92 13.40
CA CYS F 30 0.52 25.91 14.23
C CYS F 30 1.42 26.24 15.41
N VAL F 31 1.06 27.31 16.12
CA VAL F 31 1.85 27.78 17.26
C VAL F 31 0.92 28.47 18.23
N THR F 32 1.12 28.22 19.51
CA THR F 32 0.39 28.86 20.59
C THR F 32 1.31 29.82 21.32
N VAL F 33 0.82 31.03 21.59
CA VAL F 33 1.63 32.11 22.13
C VAL F 33 1.21 32.35 23.57
N MET F 34 2.19 32.33 24.47
CA MET F 34 1.96 32.60 25.89
C MET F 34 3.04 33.52 26.41
N ALA F 35 2.64 34.70 26.89
CA ALA F 35 3.55 35.64 27.52
C ALA F 35 3.31 35.66 29.02
N GLN F 36 4.16 36.40 29.73
CA GLN F 36 4.14 36.38 31.19
C GLN F 36 2.80 36.86 31.73
N ASP F 37 2.26 37.94 31.18
CA ASP F 37 1.02 38.53 31.67
C ASP F 37 0.06 38.78 30.52
N LYS F 38 0.00 37.85 29.57
CA LYS F 38 -0.93 37.93 28.44
C LYS F 38 -1.65 36.61 28.31
N PRO F 39 -2.89 36.62 27.81
CA PRO F 39 -3.61 35.36 27.60
C PRO F 39 -2.96 34.52 26.53
N THR F 40 -3.16 33.20 26.63
CA THR F 40 -2.58 32.26 25.69
C THR F 40 -3.38 32.27 24.41
N VAL F 41 -2.72 32.59 23.30
CA VAL F 41 -3.35 32.66 21.98
C VAL F 41 -2.63 31.69 21.06
N ASP F 42 -3.39 30.82 20.41
CA ASP F 42 -2.85 29.91 19.41
C ASP F 42 -3.18 30.43 18.02
N ILE F 43 -2.15 30.61 17.20
CA ILE F 43 -2.24 31.36 15.96
C ILE F 43 -1.82 30.45 14.81
N GLU F 44 -2.66 30.36 13.77
CA GLU F 44 -2.43 29.43 12.68
C GLU F 44 -2.81 30.06 11.34
N LEU F 45 -1.92 29.91 10.37
CA LEU F 45 -2.21 30.27 8.98
C LEU F 45 -3.06 29.18 8.35
N VAL F 46 -4.24 29.55 7.83
CA VAL F 46 -5.20 28.58 7.33
C VAL F 46 -5.17 28.47 5.81
N THR F 47 -5.33 29.59 5.10
CA THR F 47 -5.40 29.57 3.64
C THR F 47 -4.43 30.57 3.05
N THR F 48 -4.13 30.39 1.77
CA THR F 48 -3.30 31.31 1.00
C THR F 48 -3.84 31.32 -0.43
N THR F 49 -4.59 32.36 -0.77
CA THR F 49 -5.21 32.46 -2.08
C THR F 49 -4.45 33.43 -2.98
N VAL F 50 -4.42 33.12 -4.27
CA VAL F 50 -3.86 34.00 -5.29
C VAL F 50 -5.01 34.40 -6.22
N SER F 51 -5.20 35.71 -6.37
CA SER F 51 -6.43 36.23 -6.95
C SER F 51 -6.36 36.39 -8.46
N ASN F 52 -5.40 37.17 -8.94
CA ASN F 52 -5.30 37.51 -10.36
C ASN F 52 -4.09 36.78 -10.92
N MET F 53 -4.35 35.82 -11.81
CA MET F 53 -3.32 34.96 -12.37
C MET F 53 -3.27 35.19 -13.88
N ALA F 54 -2.09 35.49 -14.39
CA ALA F 54 -1.90 35.84 -15.79
C ALA F 54 -1.26 34.66 -16.51
N GLU F 55 -1.93 34.20 -17.58
CA GLU F 55 -1.38 33.12 -18.39
C GLU F 55 -0.05 33.54 -18.99
N VAL F 56 0.95 32.69 -18.85
CA VAL F 56 2.29 32.95 -19.34
C VAL F 56 2.64 32.06 -20.53
N ARG F 57 2.21 30.80 -20.49
CA ARG F 57 2.55 29.83 -21.51
C ARG F 57 1.66 28.61 -21.34
N SER F 58 1.15 28.10 -22.45
CA SER F 58 0.30 26.92 -22.46
C SER F 58 0.95 25.84 -23.32
N TYR F 59 1.12 24.65 -22.76
CA TYR F 59 1.68 23.53 -23.49
C TYR F 59 0.59 22.59 -23.98
N CYS F 60 0.93 21.80 -24.98
CA CYS F 60 0.06 20.75 -25.51
C CYS F 60 0.59 19.39 -25.10
N TYR F 61 -0.30 18.51 -24.66
CA TYR F 61 0.07 17.13 -24.37
C TYR F 61 -0.79 16.10 -25.08
N GLU F 62 -1.89 16.51 -25.71
CA GLU F 62 -2.82 15.58 -26.35
C GLU F 62 -2.98 16.00 -27.82
N ALA F 63 -1.87 16.13 -28.51
CA ALA F 63 -1.85 16.61 -29.89
C ALA F 63 -2.64 15.68 -30.83
N SER F 64 -2.85 16.18 -32.03
CA SER F 64 -3.54 15.45 -33.09
C SER F 64 -3.03 15.96 -34.44
N ILE F 65 -3.22 15.14 -35.47
CA ILE F 65 -2.91 15.52 -36.85
C ILE F 65 -4.04 15.03 -37.74
N SER F 66 -4.43 15.86 -38.72
CA SER F 66 -5.67 15.64 -39.46
C SER F 66 -5.51 15.53 -40.96
N ASP F 67 -4.66 16.33 -41.59
CA ASP F 67 -4.58 16.41 -43.05
C ASP F 67 -3.16 16.04 -43.47
N MET F 68 -2.95 14.75 -43.75
CA MET F 68 -1.63 14.28 -44.17
C MET F 68 -1.53 14.27 -45.69
N ALA F 69 -0.38 14.68 -46.19
CA ALA F 69 -0.12 14.68 -47.63
C ALA F 69 1.38 14.61 -47.84
N SER F 70 1.78 14.10 -49.01
CA SER F 70 3.18 13.97 -49.35
C SER F 70 3.40 14.41 -50.78
N ASP F 71 4.61 14.88 -51.05
CA ASP F 71 5.04 15.23 -52.39
C ASP F 71 6.43 14.67 -52.60
N SER F 72 6.69 14.17 -53.81
CA SER F 72 7.95 13.50 -54.10
C SER F 72 8.56 14.08 -55.36
N ARG F 73 9.89 14.14 -55.37
CA ARG F 73 10.66 14.53 -56.55
C ARG F 73 11.73 13.49 -56.81
N CYS F 74 12.06 13.32 -58.08
CA CYS F 74 13.01 12.32 -58.53
C CYS F 74 14.43 12.86 -58.44
N PRO F 75 15.44 12.00 -58.52
CA PRO F 75 16.82 12.48 -58.45
C PRO F 75 17.13 13.45 -59.57
N THR F 76 18.00 14.43 -59.25
CA THR F 76 18.37 15.49 -60.19
C THR F 76 17.15 16.24 -60.71
N GLN F 77 16.14 16.36 -59.87
CA GLN F 77 14.99 17.23 -60.08
C GLN F 77 14.99 18.26 -58.96
N GLY F 78 13.91 19.02 -58.85
CA GLY F 78 13.84 20.01 -57.80
C GLY F 78 13.60 19.39 -56.44
N GLU F 79 12.85 20.07 -55.60
CA GLU F 79 12.50 19.57 -54.28
C GLU F 79 11.00 19.62 -54.12
N ALA F 80 10.47 18.69 -53.31
CA ALA F 80 9.04 18.60 -53.12
C ALA F 80 8.52 19.84 -52.39
N TYR F 81 7.32 20.26 -52.76
CA TYR F 81 6.80 21.56 -52.35
C TYR F 81 5.56 21.47 -51.46
N LEU F 82 4.51 20.79 -51.92
CA LEU F 82 3.34 20.43 -51.10
C LEU F 82 2.48 21.62 -50.66
N ASP F 83 2.93 22.85 -50.91
CA ASP F 83 2.15 24.08 -50.72
C ASP F 83 1.75 24.31 -49.26
N LYS F 84 2.10 23.39 -48.37
CA LYS F 84 1.76 23.52 -46.96
C LYS F 84 2.95 23.81 -46.08
N GLN F 85 4.16 23.82 -46.64
CA GLN F 85 5.33 24.25 -45.88
C GLN F 85 5.26 25.72 -45.50
N SER F 86 4.42 26.50 -46.18
CA SER F 86 4.18 27.88 -45.84
C SER F 86 3.05 28.07 -44.84
N ASP F 87 2.33 26.99 -44.50
CA ASP F 87 1.29 27.06 -43.49
C ASP F 87 1.88 26.73 -42.13
N THR F 88 1.61 27.57 -41.14
CA THR F 88 2.16 27.38 -39.81
C THR F 88 1.38 26.37 -38.99
N GLN F 89 0.12 26.11 -39.33
CA GLN F 89 -0.65 25.07 -38.66
C GLN F 89 -0.18 23.67 -39.03
N TYR F 90 0.70 23.55 -40.02
CA TYR F 90 1.15 22.27 -40.53
C TYR F 90 2.58 22.01 -40.10
N VAL F 91 2.86 20.80 -39.64
CA VAL F 91 4.21 20.36 -39.31
C VAL F 91 4.72 19.54 -40.49
N CYS F 92 5.95 19.81 -40.92
CA CYS F 92 6.49 19.22 -42.14
C CYS F 92 7.86 18.64 -41.88
N LYS F 93 8.23 17.65 -42.69
CA LYS F 93 9.55 17.04 -42.64
C LYS F 93 10.01 16.72 -44.06
N ARG F 94 11.29 16.92 -44.32
CA ARG F 94 11.90 16.66 -45.61
C ARG F 94 12.88 15.52 -45.48
N THR F 95 12.73 14.51 -46.34
CA THR F 95 13.58 13.32 -46.29
C THR F 95 13.98 12.94 -47.71
N LEU F 96 15.00 12.10 -47.81
CA LEU F 96 15.48 11.54 -49.07
C LEU F 96 15.07 10.07 -49.13
N VAL F 97 14.35 9.71 -50.18
CA VAL F 97 13.91 8.33 -50.37
C VAL F 97 14.63 7.74 -51.56
N ASP F 98 14.44 6.46 -51.81
CA ASP F 98 15.02 5.79 -52.95
C ASP F 98 14.08 5.91 -54.14
N ARG F 99 14.61 6.41 -55.27
CA ARG F 99 13.84 6.55 -56.48
C ARG F 99 14.54 5.82 -57.63
N GLY F 100 13.74 5.34 -58.57
CA GLY F 100 14.30 4.60 -59.68
C GLY F 100 13.24 4.30 -60.72
N TRP F 101 13.62 3.43 -61.66
CA TRP F 101 12.71 3.09 -62.76
C TRP F 101 11.44 2.43 -62.25
N GLY F 102 11.51 1.69 -61.16
CA GLY F 102 10.31 1.11 -60.58
C GLY F 102 9.38 2.15 -60.00
N ASN F 103 9.95 3.16 -59.33
CA ASN F 103 9.14 4.22 -58.74
C ASN F 103 8.53 5.14 -59.78
N GLY F 104 9.10 5.20 -60.98
CA GLY F 104 8.45 5.91 -62.06
C GLY F 104 9.18 7.11 -62.63
N CYS F 105 10.51 7.09 -62.64
CA CYS F 105 11.27 8.13 -63.32
C CYS F 105 12.65 7.62 -63.68
N GLY F 106 13.43 8.49 -64.32
CA GLY F 106 14.62 8.10 -65.05
C GLY F 106 15.85 7.73 -64.24
N LEU F 107 16.30 8.61 -63.35
CA LEU F 107 17.55 8.37 -62.67
C LEU F 107 17.34 7.56 -61.38
N PHE F 108 18.44 7.05 -60.84
CA PHE F 108 18.45 6.20 -59.66
C PHE F 108 19.13 6.95 -58.52
N GLY F 109 18.43 7.09 -57.39
CA GLY F 109 19.10 7.45 -56.16
C GLY F 109 18.74 8.77 -55.51
N LYS F 110 18.16 8.69 -54.31
CA LYS F 110 17.95 9.82 -53.41
C LYS F 110 17.08 10.91 -54.05
N GLY F 111 15.83 10.53 -54.28
CA GLY F 111 14.80 11.51 -54.57
C GLY F 111 14.41 12.29 -53.33
N SER F 112 13.62 13.33 -53.55
CA SER F 112 13.21 14.23 -52.48
C SER F 112 11.75 14.01 -52.15
N LEU F 113 11.45 13.97 -50.85
CA LEU F 113 10.08 13.78 -50.36
C LEU F 113 9.84 14.72 -49.19
N VAL F 114 8.62 15.27 -49.14
CA VAL F 114 8.18 16.12 -48.03
C VAL F 114 6.79 15.65 -47.59
N THR F 115 6.57 15.61 -46.28
CA THR F 115 5.29 15.23 -45.72
C THR F 115 4.83 16.32 -44.77
N CYS F 116 3.55 16.68 -44.84
CA CYS F 116 2.99 17.70 -43.98
C CYS F 116 1.65 17.24 -43.44
N ALA F 117 1.42 17.50 -42.15
CA ALA F 117 0.16 17.18 -41.48
C ALA F 117 -0.31 18.39 -40.69
N LYS F 118 -1.63 18.51 -40.56
CA LYS F 118 -2.25 19.63 -39.86
C LYS F 118 -2.28 19.32 -38.36
N PHE F 119 -1.33 19.90 -37.62
CA PHE F 119 -1.26 19.71 -36.18
C PHE F 119 -2.44 20.36 -35.48
N ALA F 120 -2.91 19.73 -34.41
CA ALA F 120 -3.97 20.28 -33.58
C ALA F 120 -3.73 19.88 -32.13
N CYS F 121 -4.35 20.62 -31.22
CA CYS F 121 -4.29 20.32 -29.80
C CYS F 121 -5.69 19.97 -29.31
N SER F 122 -5.80 18.83 -28.64
CA SER F 122 -7.06 18.42 -28.04
C SER F 122 -7.14 18.78 -26.56
N LYS F 123 -6.04 18.67 -25.83
CA LYS F 123 -5.98 19.04 -24.43
C LYS F 123 -4.67 19.77 -24.19
N LYS F 124 -4.73 20.90 -23.49
CA LYS F 124 -3.55 21.70 -23.23
C LYS F 124 -3.31 21.85 -21.73
N MET F 125 -2.13 22.36 -21.41
CA MET F 125 -1.66 22.50 -20.02
C MET F 125 -1.25 23.95 -19.82
N THR F 126 -1.97 24.66 -18.96
CA THR F 126 -1.79 26.10 -18.79
C THR F 126 -0.85 26.43 -17.64
N GLY F 127 -0.09 27.49 -17.82
CA GLY F 127 0.75 28.04 -16.76
C GLY F 127 0.40 29.49 -16.50
N LYS F 128 0.32 29.86 -15.22
CA LYS F 128 -0.07 31.20 -14.82
C LYS F 128 0.95 31.77 -13.87
N SER F 129 1.40 32.99 -14.13
CA SER F 129 2.37 33.64 -13.28
C SER F 129 1.71 34.13 -11.99
N ILE F 130 2.51 34.27 -10.94
CA ILE F 130 2.05 34.72 -9.65
C ILE F 130 2.80 36.01 -9.30
N GLN F 131 2.07 37.09 -9.10
CA GLN F 131 2.73 38.30 -8.65
C GLN F 131 2.81 38.33 -7.13
N PRO F 132 3.95 38.76 -6.58
CA PRO F 132 4.05 38.90 -5.12
C PRO F 132 2.88 39.60 -4.46
N GLU F 133 2.22 40.53 -5.14
CA GLU F 133 1.04 41.17 -4.59
C GLU F 133 -0.19 40.33 -4.92
N ASN F 134 -1.39 40.90 -4.71
CA ASN F 134 -2.68 40.26 -4.94
C ASN F 134 -2.75 38.80 -4.47
N LEU F 135 -2.07 38.48 -3.38
CA LEU F 135 -2.25 37.21 -2.68
C LEU F 135 -2.67 37.49 -1.25
N GLU F 136 -3.58 36.68 -0.73
CA GLU F 136 -4.26 36.96 0.52
C GLU F 136 -3.99 35.82 1.50
N TYR F 137 -3.30 36.13 2.59
CA TYR F 137 -3.07 35.17 3.67
C TYR F 137 -4.20 35.30 4.69
N ARG F 138 -4.95 34.21 4.88
CA ARG F 138 -5.95 34.14 5.94
C ARG F 138 -5.32 33.46 7.15
N ILE F 139 -5.47 34.08 8.32
CA ILE F 139 -4.89 33.55 9.54
C ILE F 139 -5.99 33.46 10.59
N MET F 140 -5.90 32.44 11.44
CA MET F 140 -6.87 32.21 12.51
C MET F 140 -6.16 32.23 13.85
N LEU F 141 -6.73 32.95 14.80
CA LEU F 141 -6.25 32.95 16.17
C LEU F 141 -7.41 32.62 17.11
N SER F 142 -7.11 31.80 18.10
CA SER F 142 -8.07 31.47 19.14
C SER F 142 -7.45 31.74 20.49
N VAL F 143 -8.29 32.01 21.47
CA VAL F 143 -7.84 32.36 22.82
C VAL F 143 -8.07 31.17 23.73
N HIS F 144 -7.06 30.85 24.53
CA HIS F 144 -7.21 29.90 25.63
C HIS F 144 -7.99 30.62 26.72
N GLY F 145 -9.30 30.69 26.53
CA GLY F 145 -10.15 31.45 27.44
C GLY F 145 -11.07 30.58 28.26
N SER F 146 -12.36 30.61 27.92
CA SER F 146 -13.36 29.90 28.69
C SER F 146 -14.06 28.79 27.92
N GLN F 147 -13.99 28.80 26.59
CA GLN F 147 -14.76 27.85 25.80
C GLN F 147 -14.31 26.42 26.08
N HIS F 148 -15.28 25.52 26.22
CA HIS F 148 -15.02 24.14 26.54
C HIS F 148 -14.63 23.36 25.29
N SER F 149 -14.09 22.17 25.49
CA SER F 149 -13.93 21.23 24.38
C SER F 149 -15.30 20.93 23.79
N GLY F 150 -15.44 21.17 22.50
CA GLY F 150 -16.74 21.13 21.87
C GLY F 150 -16.82 22.18 20.78
N MET F 151 -15.94 23.17 20.84
CA MET F 151 -15.71 24.07 19.70
C MET F 151 -14.21 24.06 19.41
N ILE F 152 -13.76 23.01 18.73
CA ILE F 152 -12.55 22.99 17.93
C ILE F 152 -12.99 22.30 16.65
N VAL F 153 -14.23 21.82 16.67
CA VAL F 153 -14.75 20.94 15.63
C VAL F 153 -14.81 21.67 14.30
N ASN F 154 -14.50 20.94 13.22
CA ASN F 154 -14.55 21.46 11.85
C ASN F 154 -13.61 22.64 11.68
N ASP F 155 -12.31 22.38 11.90
CA ASP F 155 -11.29 23.36 11.56
C ASP F 155 -11.29 23.59 10.06
N THR F 156 -10.98 24.83 9.67
CA THR F 156 -11.20 25.46 8.36
C THR F 156 -12.66 25.92 8.27
N GLY F 157 -13.48 25.63 9.27
CA GLY F 157 -14.83 26.14 9.37
C GLY F 157 -14.82 27.56 9.87
N HIS F 158 -14.52 28.50 8.98
CA HIS F 158 -14.15 29.86 9.36
C HIS F 158 -15.34 30.64 9.92
N GLU F 159 -15.56 30.50 11.22
CA GLU F 159 -16.59 31.25 11.94
C GLU F 159 -15.94 31.98 13.09
N THR F 160 -16.21 33.27 13.21
CA THR F 160 -15.67 34.07 14.29
C THR F 160 -16.58 34.02 15.52
N ASP F 161 -16.01 34.40 16.65
CA ASP F 161 -16.73 34.37 17.92
C ASP F 161 -16.05 35.34 18.88
N GLU F 162 -16.40 35.24 20.16
CA GLU F 162 -15.72 36.04 21.18
C GLU F 162 -14.25 35.65 21.28
N ASN F 163 -13.95 34.35 21.28
CA ASN F 163 -12.59 33.85 21.42
C ASN F 163 -11.91 33.55 20.10
N ARG F 164 -12.64 33.61 18.98
CA ARG F 164 -12.08 33.31 17.67
C ARG F 164 -12.25 34.52 16.76
N ALA F 165 -11.18 34.92 16.11
CA ALA F 165 -11.20 36.02 15.15
C ALA F 165 -10.43 35.62 13.91
N LYS F 166 -10.85 36.16 12.77
CA LYS F 166 -10.23 35.88 11.48
C LYS F 166 -9.59 37.14 10.94
N VAL F 167 -8.33 37.06 10.55
CA VAL F 167 -7.62 38.17 9.94
C VAL F 167 -7.22 37.77 8.52
N GLU F 168 -7.37 38.70 7.60
CA GLU F 168 -7.04 38.49 6.19
C GLU F 168 -6.02 39.54 5.79
N ILE F 169 -4.76 39.15 5.70
CA ILE F 169 -3.69 40.09 5.41
C ILE F 169 -3.33 40.00 3.94
N THR F 170 -2.72 41.07 3.45
CA THR F 170 -2.35 41.25 2.05
C THR F 170 -1.05 42.04 2.02
N PRO F 171 -0.25 41.93 0.96
CA PRO F 171 0.89 42.85 0.82
C PRO F 171 0.47 44.30 0.74
N ASN F 172 -0.78 44.59 0.40
CA ASN F 172 -1.30 45.94 0.47
C ASN F 172 -1.76 46.32 1.87
N SER F 173 -2.14 45.34 2.69
CA SER F 173 -2.60 45.56 4.05
C SER F 173 -1.91 44.56 4.98
N PRO F 174 -0.60 44.69 5.17
CA PRO F 174 0.15 43.67 5.90
C PRO F 174 0.18 43.88 7.40
N ARG F 175 -0.72 44.72 7.91
CA ARG F 175 -0.65 45.21 9.28
C ARG F 175 -2.01 45.09 9.96
N ALA F 176 -2.62 43.92 9.86
CA ALA F 176 -3.92 43.70 10.46
C ALA F 176 -3.86 43.79 11.98
N GLU F 177 -4.97 44.25 12.56
CA GLU F 177 -5.12 44.38 14.01
C GLU F 177 -6.25 43.45 14.43
N ALA F 178 -5.92 42.36 15.11
CA ALA F 178 -6.88 41.32 15.45
C ALA F 178 -7.55 41.69 16.77
N THR F 179 -8.84 42.00 16.72
CA THR F 179 -9.60 42.36 17.90
C THR F 179 -10.40 41.15 18.38
N LEU F 180 -10.31 40.86 19.67
CA LEU F 180 -11.05 39.79 20.30
C LEU F 180 -11.71 40.33 21.54
N GLY F 181 -13.03 40.15 21.64
CA GLY F 181 -13.81 40.74 22.72
C GLY F 181 -13.38 40.31 24.10
N GLY F 182 -13.15 41.29 24.97
CA GLY F 182 -12.75 41.04 26.35
C GLY F 182 -11.26 40.98 26.58
N PHE F 183 -10.52 40.38 25.66
CA PHE F 183 -9.09 40.20 25.81
C PHE F 183 -8.27 41.34 25.22
N GLY F 184 -8.93 42.37 24.68
CA GLY F 184 -8.22 43.47 24.08
C GLY F 184 -8.09 43.32 22.59
N SER F 185 -6.86 43.30 22.08
CA SER F 185 -6.63 43.12 20.67
C SER F 185 -5.18 42.69 20.46
N LEU F 186 -4.93 42.03 19.34
CA LEU F 186 -3.60 41.58 18.97
C LEU F 186 -3.17 42.26 17.68
N GLY F 187 -1.87 42.53 17.58
CA GLY F 187 -1.29 43.19 16.42
C GLY F 187 -0.39 42.24 15.66
N LEU F 188 -0.51 42.24 14.34
CA LEU F 188 0.24 41.34 13.46
C LEU F 188 1.01 42.18 12.44
N ASP F 189 2.33 42.13 12.51
CA ASP F 189 3.21 42.83 11.59
C ASP F 189 3.89 41.79 10.72
N CYS F 190 3.22 41.43 9.62
CA CYS F 190 3.64 40.32 8.78
C CYS F 190 4.44 40.80 7.57
N GLU F 191 4.97 39.84 6.83
CA GLU F 191 5.76 40.09 5.63
C GLU F 191 5.21 39.24 4.49
N PRO F 192 4.04 39.62 3.96
CA PRO F 192 3.43 38.81 2.90
C PRO F 192 4.28 38.70 1.65
N ARG F 193 5.04 39.75 1.31
CA ARG F 193 5.82 39.71 0.09
C ARG F 193 7.01 38.76 0.20
N THR F 194 7.60 38.65 1.39
CA THR F 194 8.71 37.72 1.61
C THR F 194 8.16 36.47 2.28
N GLY F 195 7.50 35.64 1.48
CA GLY F 195 6.94 34.40 1.97
C GLY F 195 7.52 33.17 1.31
N LEU F 196 6.73 32.52 0.46
CA LEU F 196 7.16 31.32 -0.24
C LEU F 196 7.95 31.62 -1.50
N ASP F 197 8.24 32.90 -1.77
CA ASP F 197 8.97 33.32 -2.97
C ASP F 197 8.17 32.95 -4.23
N PHE F 198 6.96 33.51 -4.32
CA PHE F 198 6.08 33.25 -5.45
C PHE F 198 6.57 33.88 -6.75
N SER F 199 7.73 34.54 -6.75
CA SER F 199 8.26 35.07 -8.00
C SER F 199 8.70 33.95 -8.93
N ASP F 200 9.40 32.95 -8.39
CA ASP F 200 9.83 31.80 -9.18
C ASP F 200 8.84 30.64 -9.09
N LEU F 201 7.56 30.92 -9.33
CA LEU F 201 6.52 29.91 -9.18
C LEU F 201 5.35 30.26 -10.09
N TYR F 202 5.01 29.36 -11.01
CA TYR F 202 3.77 29.48 -11.76
C TYR F 202 2.70 28.60 -11.15
N TYR F 203 1.50 28.70 -11.71
CA TYR F 203 0.34 27.91 -11.32
C TYR F 203 0.00 26.97 -12.46
N LEU F 204 0.51 25.74 -12.40
CA LEU F 204 0.21 24.77 -13.44
C LEU F 204 -1.22 24.29 -13.33
N THR F 205 -1.90 24.19 -14.45
CA THR F 205 -3.25 23.65 -14.53
C THR F 205 -3.32 22.64 -15.66
N MET F 206 -3.92 21.48 -15.40
CA MET F 206 -3.96 20.41 -16.39
C MET F 206 -5.11 19.48 -16.02
N ASN F 207 -6.15 19.46 -16.84
CA ASN F 207 -7.29 18.56 -16.66
C ASN F 207 -7.92 18.74 -15.27
N ASN F 208 -8.22 20.00 -14.93
CA ASN F 208 -8.88 20.36 -13.68
C ASN F 208 -8.08 19.91 -12.46
N LYS F 209 -6.76 19.92 -12.57
CA LYS F 209 -5.88 19.63 -11.44
C LYS F 209 -4.75 20.65 -11.45
N HIS F 210 -4.44 21.20 -10.28
CA HIS F 210 -3.59 22.37 -10.18
C HIS F 210 -2.37 22.09 -9.33
N TRP F 211 -1.24 22.66 -9.72
CA TRP F 211 0.01 22.53 -8.99
C TRP F 211 0.67 23.89 -8.83
N LEU F 212 1.68 23.95 -7.98
CA LEU F 212 2.52 25.12 -7.82
C LEU F 212 3.92 24.72 -8.25
N VAL F 213 4.33 25.18 -9.43
CA VAL F 213 5.52 24.65 -10.09
C VAL F 213 6.56 25.75 -10.21
N HIS F 214 7.82 25.32 -10.31
CA HIS F 214 8.93 26.24 -10.45
C HIS F 214 8.91 26.89 -11.83
N LYS F 215 9.57 28.05 -11.92
CA LYS F 215 9.68 28.74 -13.20
C LYS F 215 10.57 27.97 -14.17
N GLU F 216 11.76 27.56 -13.70
CA GLU F 216 12.71 26.88 -14.57
C GLU F 216 12.16 25.56 -15.08
N TRP F 217 11.49 24.81 -14.22
CA TRP F 217 10.87 23.56 -14.67
C TRP F 217 9.87 23.83 -15.77
N PHE F 218 8.93 24.75 -15.52
CA PHE F 218 7.88 25.04 -16.50
C PHE F 218 8.45 25.60 -17.80
N HIS F 219 9.61 26.23 -17.73
CA HIS F 219 10.25 26.75 -18.94
C HIS F 219 11.17 25.74 -19.60
N ASP F 220 11.38 24.57 -18.98
CA ASP F 220 12.23 23.54 -19.56
C ASP F 220 11.48 22.34 -20.11
N ILE F 221 10.17 22.28 -20.00
CA ILE F 221 9.46 21.10 -20.48
C ILE F 221 9.38 21.16 -22.00
N PRO F 222 9.82 20.12 -22.72
CA PRO F 222 9.75 20.12 -24.18
C PRO F 222 8.39 19.66 -24.67
N LEU F 223 7.59 20.59 -25.16
CA LEU F 223 6.26 20.32 -25.66
C LEU F 223 5.85 21.45 -26.59
N PRO F 224 4.84 21.24 -27.44
CA PRO F 224 4.31 22.35 -28.23
C PRO F 224 3.68 23.40 -27.33
N TRP F 225 4.15 24.63 -27.46
CA TRP F 225 3.79 25.70 -26.53
C TRP F 225 3.42 26.96 -27.29
N HIS F 226 2.71 27.85 -26.59
CA HIS F 226 2.38 29.15 -27.12
C HIS F 226 2.22 30.12 -25.95
N ALA F 227 2.56 31.39 -26.20
CA ALA F 227 2.40 32.41 -25.19
C ALA F 227 0.92 32.62 -24.87
N GLY F 228 0.64 32.92 -23.60
CA GLY F 228 -0.73 32.87 -23.09
C GLY F 228 -1.69 33.82 -23.76
N ALA F 229 -1.17 34.84 -24.47
CA ALA F 229 -2.03 35.80 -25.14
C ALA F 229 -2.74 35.22 -26.37
N ASP F 230 -2.37 34.00 -26.78
CA ASP F 230 -2.95 33.39 -27.98
C ASP F 230 -4.41 33.04 -27.72
N THR F 231 -5.32 33.74 -28.40
CA THR F 231 -6.75 33.56 -28.23
C THR F 231 -7.35 33.02 -29.52
N GLY F 232 -8.19 31.99 -29.40
CA GLY F 232 -8.78 31.35 -30.55
C GLY F 232 -8.14 30.01 -30.87
N THR F 233 -7.69 29.83 -32.11
CA THR F 233 -6.91 28.66 -32.47
C THR F 233 -5.44 29.04 -32.40
N PRO F 234 -4.67 28.51 -31.45
CA PRO F 234 -3.33 29.01 -31.22
C PRO F 234 -2.35 28.60 -32.31
N HIS F 235 -1.21 29.28 -32.31
CA HIS F 235 -0.05 28.86 -33.09
C HIS F 235 0.91 28.14 -32.16
N TRP F 236 1.18 26.88 -32.45
CA TRP F 236 1.99 26.03 -31.59
C TRP F 236 3.43 26.03 -32.07
N ASN F 237 4.36 26.17 -31.12
CA ASN F 237 5.76 26.41 -31.48
C ASN F 237 6.51 25.12 -31.79
N ASN F 238 6.68 24.27 -30.78
CA ASN F 238 7.52 23.08 -30.90
C ASN F 238 6.65 21.86 -31.17
N LYS F 239 6.00 21.86 -32.34
CA LYS F 239 5.13 20.74 -32.71
C LYS F 239 5.91 19.45 -32.90
N GLU F 240 7.20 19.54 -33.23
CA GLU F 240 8.02 18.37 -33.46
C GLU F 240 8.25 17.59 -32.18
N ALA F 241 7.79 18.12 -31.05
CA ALA F 241 7.86 17.39 -29.79
C ALA F 241 6.81 16.29 -29.71
N LEU F 242 5.66 16.48 -30.33
CA LEU F 242 4.56 15.52 -30.25
C LEU F 242 4.23 14.89 -31.59
N VAL F 243 5.08 15.06 -32.61
CA VAL F 243 4.87 14.47 -33.92
C VAL F 243 6.16 13.80 -34.35
N GLU F 244 6.08 12.54 -34.75
CA GLU F 244 7.23 11.77 -35.18
C GLU F 244 7.08 11.37 -36.64
N PHE F 245 8.12 11.59 -37.42
CA PHE F 245 8.15 11.19 -38.82
C PHE F 245 9.00 9.94 -38.96
N LYS F 246 8.38 8.84 -39.37
CA LYS F 246 9.09 7.60 -39.63
C LYS F 246 9.03 7.28 -41.11
N ASP F 247 10.13 6.77 -41.64
CA ASP F 247 10.25 6.42 -43.04
C ASP F 247 10.30 4.90 -43.20
N ALA F 248 9.49 4.37 -44.10
CA ALA F 248 9.69 3.00 -44.56
C ALA F 248 11.12 2.84 -45.05
N HIS F 249 11.57 1.58 -45.11
CA HIS F 249 13.00 1.26 -45.19
C HIS F 249 13.77 2.25 -46.07
N ALA F 250 13.36 2.40 -47.32
CA ALA F 250 13.82 3.52 -48.13
C ALA F 250 12.75 4.02 -49.08
N LYS F 251 11.47 3.87 -48.73
CA LYS F 251 10.38 4.06 -49.68
C LYS F 251 9.50 5.25 -49.34
N ARG F 252 8.93 5.30 -48.14
CA ARG F 252 7.93 6.31 -47.81
C ARG F 252 8.27 7.06 -46.54
N GLN F 253 7.32 7.86 -46.06
CA GLN F 253 7.45 8.57 -44.79
C GLN F 253 6.08 8.69 -44.14
N THR F 254 5.98 8.26 -42.89
CA THR F 254 4.72 8.25 -42.16
C THR F 254 4.79 9.19 -40.97
N VAL F 255 3.64 9.69 -40.55
CA VAL F 255 3.53 10.63 -39.45
C VAL F 255 2.67 10.01 -38.37
N VAL F 256 3.17 10.04 -37.14
CA VAL F 256 2.41 9.61 -35.97
C VAL F 256 2.49 10.70 -34.91
N VAL F 257 1.36 10.97 -34.26
CA VAL F 257 1.34 11.86 -33.11
C VAL F 257 1.46 11.02 -31.85
N LEU F 258 2.40 11.39 -30.98
CA LEU F 258 2.69 10.61 -29.79
C LEU F 258 1.50 10.64 -28.82
N GLY F 259 1.65 9.95 -27.70
CA GLY F 259 0.55 9.69 -26.80
C GLY F 259 0.12 10.92 -26.02
N SER F 260 -0.69 10.66 -25.00
CA SER F 260 -1.36 11.73 -24.27
C SER F 260 -0.43 12.50 -23.33
N GLN F 261 0.71 11.93 -22.96
CA GLN F 261 1.77 12.68 -22.27
C GLN F 261 1.35 13.26 -20.94
N GLU F 262 0.10 13.05 -20.51
CA GLU F 262 -0.36 13.62 -19.25
C GLU F 262 0.28 12.90 -18.07
N GLY F 263 0.30 11.57 -18.10
CA GLY F 263 0.97 10.82 -17.05
C GLY F 263 2.46 11.07 -17.02
N ALA F 264 3.07 11.30 -18.18
CA ALA F 264 4.52 11.56 -18.21
C ALA F 264 4.86 12.83 -17.45
N VAL F 265 4.05 13.89 -17.62
CA VAL F 265 4.33 15.12 -16.89
C VAL F 265 3.84 15.03 -15.45
N HIS F 266 2.84 14.20 -15.17
CA HIS F 266 2.54 13.89 -13.77
C HIS F 266 3.74 13.28 -13.08
N THR F 267 4.41 12.34 -13.74
CA THR F 267 5.67 11.81 -13.22
C THR F 267 6.74 12.87 -13.17
N ALA F 268 6.68 13.86 -14.07
CA ALA F 268 7.62 14.97 -14.02
C ALA F 268 7.31 15.95 -12.90
N LEU F 269 6.05 16.02 -12.47
CA LEU F 269 5.65 16.83 -11.32
C LEU F 269 5.98 16.09 -10.02
N ALA F 270 7.28 15.93 -9.77
CA ALA F 270 7.71 15.17 -8.61
C ALA F 270 7.71 16.01 -7.35
N GLY F 271 8.50 17.09 -7.33
CA GLY F 271 8.64 17.92 -6.16
C GLY F 271 7.70 19.10 -6.15
N ALA F 272 6.64 19.03 -6.94
CA ALA F 272 5.67 20.12 -7.04
C ALA F 272 4.76 20.09 -5.81
N LEU F 273 3.77 20.98 -5.81
CA LEU F 273 2.81 21.07 -4.72
C LEU F 273 1.43 21.25 -5.31
N GLU F 274 0.47 20.42 -4.88
CA GLU F 274 -0.88 20.54 -5.38
C GLU F 274 -1.51 21.85 -4.93
N ALA F 275 -2.63 22.19 -5.56
CA ALA F 275 -3.35 23.42 -5.25
C ALA F 275 -4.79 23.25 -5.69
N GLU F 276 -5.61 24.25 -5.39
CA GLU F 276 -7.04 24.22 -5.72
C GLU F 276 -7.44 25.55 -6.34
N MET F 277 -8.71 25.67 -6.67
CA MET F 277 -9.28 26.92 -7.14
C MET F 277 -10.65 27.14 -6.50
N ASP F 278 -10.91 28.39 -6.12
CA ASP F 278 -12.21 28.79 -5.57
C ASP F 278 -13.15 29.32 -6.64
N GLY F 279 -12.84 29.07 -7.92
CA GLY F 279 -13.64 29.55 -9.02
C GLY F 279 -12.86 30.50 -9.90
N ALA F 280 -12.13 31.42 -9.26
CA ALA F 280 -11.16 32.24 -9.96
C ALA F 280 -9.89 32.46 -9.14
N LYS F 281 -9.83 31.96 -7.91
CA LYS F 281 -8.73 32.20 -6.99
C LYS F 281 -8.01 30.90 -6.69
N GLY F 282 -6.69 30.93 -6.78
CA GLY F 282 -5.89 29.74 -6.55
C GLY F 282 -5.53 29.52 -5.10
N ARG F 283 -6.49 29.09 -4.29
CA ARG F 283 -6.21 28.79 -2.89
C ARG F 283 -5.19 27.65 -2.80
N LEU F 284 -4.24 27.79 -1.89
CA LEU F 284 -3.15 26.84 -1.80
C LEU F 284 -2.73 26.70 -0.34
N SER F 285 -1.76 25.81 -0.10
CA SER F 285 -1.26 25.52 1.24
C SER F 285 0.25 25.36 1.14
N SER F 286 0.86 24.85 2.21
CA SER F 286 2.29 24.62 2.29
C SER F 286 3.09 25.91 2.11
N GLY F 287 2.50 27.04 2.46
CA GLY F 287 3.22 28.30 2.52
C GLY F 287 3.78 28.56 3.90
N HIS F 288 4.34 29.75 4.06
CA HIS F 288 4.79 30.19 5.38
C HIS F 288 4.83 31.71 5.39
N LEU F 289 4.52 32.28 6.55
CA LEU F 289 4.39 33.72 6.71
C LEU F 289 5.06 34.14 8.00
N LYS F 290 5.91 35.15 7.92
CA LYS F 290 6.62 35.67 9.09
C LYS F 290 5.90 36.93 9.56
N CYS F 291 5.40 36.89 10.80
CA CYS F 291 4.69 38.00 11.40
C CYS F 291 5.37 38.40 12.70
N ARG F 292 5.19 39.67 13.08
CA ARG F 292 5.56 40.16 14.39
C ARG F 292 4.31 40.29 15.23
N LEU F 293 4.31 39.66 16.40
CA LEU F 293 3.13 39.56 17.25
C LEU F 293 3.22 40.64 18.33
N LYS F 294 2.39 41.67 18.21
CA LYS F 294 2.39 42.79 19.15
C LYS F 294 1.27 42.57 20.16
N MET F 295 1.64 42.20 21.38
CA MET F 295 0.69 41.90 22.44
C MET F 295 0.46 43.08 23.38
N ASP F 296 0.74 44.30 22.91
CA ASP F 296 0.58 45.48 23.76
C ASP F 296 -0.85 45.60 24.28
N LYS F 297 -1.83 45.47 23.38
CA LYS F 297 -3.23 45.60 23.75
C LYS F 297 -3.83 44.28 24.20
N LEU F 298 -3.03 43.21 24.25
CA LEU F 298 -3.48 41.96 24.84
C LEU F 298 -3.32 42.01 26.34
N ARG F 299 -4.32 41.48 27.06
CA ARG F 299 -4.24 41.42 28.51
C ARG F 299 -5.29 40.46 29.02
N LEU F 300 -5.02 39.85 30.17
CA LEU F 300 -5.92 38.87 30.75
C LEU F 300 -7.31 39.46 30.96
N LYS F 301 -8.32 38.73 30.51
CA LYS F 301 -9.70 39.14 30.78
C LYS F 301 -10.08 38.86 32.22
N GLY F 302 -9.60 37.74 32.76
CA GLY F 302 -9.96 37.29 34.09
C GLY F 302 -9.04 37.68 35.24
N VAL F 303 -8.92 38.96 35.55
CA VAL F 303 -8.14 39.40 36.71
C VAL F 303 -8.99 40.10 37.75
N SER F 304 -10.29 40.26 37.52
CA SER F 304 -11.18 40.92 38.47
C SER F 304 -12.31 40.01 38.93
N TYR F 305 -12.12 38.70 38.83
CA TYR F 305 -13.12 37.73 39.27
C TYR F 305 -12.64 36.99 40.50
N SER F 306 -13.59 36.64 41.36
CA SER F 306 -13.30 35.84 42.53
C SER F 306 -13.11 34.38 42.13
N LEU F 307 -12.31 33.66 42.93
CA LEU F 307 -12.17 32.23 42.70
C LEU F 307 -13.52 31.55 42.84
N CYS F 308 -13.80 30.61 41.94
CA CYS F 308 -15.06 29.89 41.98
C CYS F 308 -15.16 29.11 43.29
N THR F 309 -16.32 29.22 43.93
CA THR F 309 -16.57 28.57 45.22
C THR F 309 -17.78 27.66 45.07
N ALA F 310 -17.53 26.46 44.56
CA ALA F 310 -18.54 25.42 44.40
C ALA F 310 -17.82 24.14 43.99
N ALA F 311 -18.60 23.08 43.75
CA ALA F 311 -18.04 21.78 43.43
C ALA F 311 -17.83 21.65 41.92
N PHE F 312 -16.60 21.36 41.52
CA PHE F 312 -16.28 21.03 40.14
C PHE F 312 -16.41 19.53 39.93
N THR F 313 -16.70 19.14 38.69
CA THR F 313 -16.75 17.74 38.30
C THR F 313 -16.04 17.56 36.97
N PHE F 314 -15.34 16.45 36.82
CA PHE F 314 -14.73 16.10 35.55
C PHE F 314 -15.80 15.61 34.59
N THR F 315 -15.94 16.28 33.44
CA THR F 315 -16.85 15.82 32.41
C THR F 315 -16.19 14.87 31.43
N LYS F 316 -14.90 15.07 31.18
CA LYS F 316 -14.10 14.15 30.37
C LYS F 316 -12.79 13.89 31.09
N ILE F 317 -12.28 12.68 30.93
CA ILE F 317 -11.02 12.32 31.59
C ILE F 317 -9.89 13.16 31.00
N PRO F 318 -9.00 13.72 31.82
CA PRO F 318 -7.87 14.46 31.28
C PRO F 318 -7.04 13.60 30.32
N ALA F 319 -6.66 14.19 29.20
CA ALA F 319 -5.91 13.49 28.16
C ALA F 319 -4.62 14.23 27.88
N GLU F 320 -3.67 13.50 27.30
CA GLU F 320 -2.33 14.03 27.02
C GLU F 320 -2.18 14.30 25.54
N THR F 321 -1.76 15.51 25.20
CA THR F 321 -1.41 15.84 23.84
C THR F 321 0.00 15.33 23.51
N LEU F 322 0.36 15.39 22.24
CA LEU F 322 1.61 14.80 21.78
C LEU F 322 2.84 15.56 22.25
N HIS F 323 2.68 16.61 23.07
CA HIS F 323 3.79 17.44 23.49
C HIS F 323 4.01 17.40 25.00
N GLY F 324 3.55 16.35 25.66
CA GLY F 324 3.64 16.28 27.10
C GLY F 324 2.76 17.31 27.78
N THR F 325 1.59 17.59 27.23
CA THR F 325 0.68 18.62 27.71
C THR F 325 -0.68 17.98 27.93
N VAL F 326 -1.28 18.21 29.09
CA VAL F 326 -2.51 17.55 29.48
C VAL F 326 -3.68 18.51 29.30
N THR F 327 -4.80 17.98 28.82
CA THR F 327 -5.99 18.76 28.56
C THR F 327 -7.10 18.32 29.50
N VAL F 328 -7.69 19.28 30.23
CA VAL F 328 -8.66 18.99 31.28
C VAL F 328 -9.92 19.80 31.02
N GLU F 329 -11.07 19.16 31.14
CA GLU F 329 -12.37 19.83 31.06
C GLU F 329 -13.17 19.50 32.31
N VAL F 330 -13.77 20.52 32.92
CA VAL F 330 -14.53 20.37 34.15
C VAL F 330 -15.88 21.07 34.01
N GLN F 331 -16.78 20.75 34.92
CA GLN F 331 -18.12 21.32 34.97
C GLN F 331 -18.32 22.03 36.30
N TYR F 332 -19.05 23.13 36.28
CA TYR F 332 -19.35 23.90 37.48
C TYR F 332 -20.77 23.62 37.94
N ALA F 333 -20.94 23.49 39.25
CA ALA F 333 -22.26 23.29 39.85
C ALA F 333 -22.86 24.56 40.41
N GLY F 334 -22.04 25.52 40.82
CA GLY F 334 -22.55 26.75 41.39
C GLY F 334 -23.15 27.67 40.34
N THR F 335 -24.02 28.56 40.82
CA THR F 335 -24.69 29.53 39.97
C THR F 335 -24.22 30.96 40.25
N ASP F 336 -23.03 31.12 40.84
CA ASP F 336 -22.54 32.46 41.16
C ASP F 336 -22.31 33.28 39.90
N GLY F 337 -21.72 32.68 38.88
CA GLY F 337 -21.48 33.35 37.63
C GLY F 337 -20.02 33.36 37.23
N PRO F 338 -19.59 34.44 36.57
CA PRO F 338 -18.19 34.53 36.13
C PRO F 338 -17.24 34.53 37.33
N CYS F 339 -16.42 33.49 37.41
CA CYS F 339 -15.48 33.35 38.51
C CYS F 339 -14.22 32.67 38.03
N LYS F 340 -13.11 32.97 38.69
CA LYS F 340 -11.84 32.34 38.38
C LYS F 340 -11.88 30.87 38.74
N VAL F 341 -11.44 30.02 37.82
CA VAL F 341 -11.35 28.58 38.10
C VAL F 341 -10.06 28.33 38.88
N PRO F 342 -10.15 27.79 40.09
CA PRO F 342 -8.94 27.45 40.84
C PRO F 342 -8.41 26.10 40.38
N ALA F 343 -7.29 26.13 39.66
CA ALA F 343 -6.74 24.92 39.06
C ALA F 343 -5.22 24.94 39.15
N GLN F 344 -4.66 23.82 39.57
CA GLN F 344 -3.22 23.68 39.69
C GLN F 344 -2.88 22.20 39.75
N MET F 345 -1.59 21.91 39.72
CA MET F 345 -1.08 20.55 39.85
C MET F 345 0.06 20.55 40.85
N ALA F 346 0.01 19.60 41.77
CA ALA F 346 1.01 19.46 42.82
C ALA F 346 1.42 18.01 42.94
N VAL F 347 2.70 17.80 43.28
CA VAL F 347 3.20 16.44 43.45
C VAL F 347 2.63 15.81 44.71
N ASP F 348 2.49 16.58 45.78
CA ASP F 348 1.92 16.10 47.04
C ASP F 348 0.80 17.01 47.48
N MET F 349 -0.25 16.41 48.04
CA MET F 349 -1.46 17.14 48.38
C MET F 349 -1.47 17.69 49.80
N GLN F 350 -0.42 17.47 50.58
CA GLN F 350 -0.33 18.10 51.88
C GLN F 350 0.22 19.52 51.76
N THR F 351 1.46 19.66 51.29
CA THR F 351 2.04 20.95 50.95
C THR F 351 1.93 21.11 49.43
N LEU F 352 0.73 21.45 48.97
CA LEU F 352 0.46 21.50 47.55
C LEU F 352 1.11 22.70 46.86
N THR F 353 2.43 22.77 46.95
CA THR F 353 3.17 23.80 46.24
C THR F 353 3.00 23.60 44.74
N PRO F 354 2.68 24.65 43.99
CA PRO F 354 2.42 24.49 42.55
C PRO F 354 3.65 23.97 41.82
N VAL F 355 3.41 23.10 40.84
CA VAL F 355 4.45 22.53 40.01
C VAL F 355 4.01 22.60 38.56
N GLY F 356 4.98 22.57 37.65
CA GLY F 356 4.69 22.67 36.24
C GLY F 356 4.36 24.08 35.79
N ARG F 357 3.34 24.20 34.94
CA ARG F 357 2.94 25.48 34.36
C ARG F 357 1.55 25.31 33.75
N LEU F 358 0.73 26.34 33.87
CA LEU F 358 -0.63 26.34 33.35
C LEU F 358 -0.65 27.03 31.99
N ILE F 359 -1.05 26.29 30.96
CA ILE F 359 -1.03 26.83 29.60
C ILE F 359 -2.09 27.91 29.42
N THR F 360 -3.32 27.64 29.90
CA THR F 360 -4.39 28.61 29.77
C THR F 360 -4.09 29.90 30.52
N ALA F 361 -3.41 29.80 31.65
CA ALA F 361 -2.85 30.93 32.38
C ALA F 361 -3.91 31.79 33.07
N ASN F 362 -5.19 31.49 32.82
CA ASN F 362 -6.27 32.21 33.47
C ASN F 362 -7.60 31.47 33.30
N PRO F 363 -7.75 30.28 33.86
CA PRO F 363 -9.01 29.55 33.68
C PRO F 363 -10.16 30.25 34.38
N VAL F 364 -11.24 30.49 33.64
CA VAL F 364 -12.38 31.25 34.14
C VAL F 364 -13.66 30.56 33.67
N ILE F 365 -14.60 30.38 34.59
CA ILE F 365 -15.98 30.09 34.23
C ILE F 365 -16.66 31.40 33.87
N THR F 366 -17.29 31.46 32.70
CA THR F 366 -17.91 32.70 32.23
C THR F 366 -19.41 32.55 32.05
N GLU F 367 -20.02 31.52 32.62
CA GLU F 367 -21.44 31.28 32.48
C GLU F 367 -22.09 31.21 33.86
N SER F 368 -23.24 31.87 34.00
CA SER F 368 -23.96 31.91 35.25
C SER F 368 -25.02 30.82 35.37
N THR F 369 -25.11 29.92 34.39
CA THR F 369 -26.07 28.83 34.43
C THR F 369 -25.66 27.82 35.51
N GLU F 370 -26.63 26.99 35.91
CA GLU F 370 -26.41 26.03 36.99
C GLU F 370 -25.23 25.12 36.68
N ASN F 371 -25.22 24.49 35.51
CA ASN F 371 -24.16 23.60 35.10
C ASN F 371 -23.51 24.14 33.84
N SER F 372 -22.23 24.50 33.93
CA SER F 372 -21.48 25.02 32.81
C SER F 372 -20.11 24.35 32.76
N LYS F 373 -19.66 24.02 31.55
CA LYS F 373 -18.40 23.34 31.34
C LYS F 373 -17.38 24.30 30.76
N MET F 374 -16.11 23.95 30.93
CA MET F 374 -15.00 24.73 30.40
C MET F 374 -13.73 23.89 30.46
N MET F 375 -12.76 24.27 29.63
CA MET F 375 -11.59 23.44 29.36
C MET F 375 -10.31 24.20 29.64
N LEU F 376 -9.28 23.46 30.09
CA LEU F 376 -7.97 24.02 30.41
C LEU F 376 -6.89 23.41 29.52
N GLU F 377 -5.65 23.75 29.84
CA GLU F 377 -4.48 23.12 29.26
C GLU F 377 -3.33 23.34 30.24
N LEU F 378 -2.61 22.26 30.56
CA LEU F 378 -1.59 22.30 31.60
C LEU F 378 -0.30 21.67 31.10
N ASP F 379 0.80 21.99 31.76
CA ASP F 379 2.12 21.52 31.38
C ASP F 379 2.77 20.87 32.59
N PRO F 380 2.37 19.64 32.92
CA PRO F 380 2.85 18.99 34.14
C PRO F 380 4.33 18.66 34.04
N PRO F 381 5.02 18.52 35.17
CA PRO F 381 6.42 18.09 35.15
C PRO F 381 6.51 16.59 34.88
N PHE F 382 7.74 16.16 34.60
CA PHE F 382 7.95 14.75 34.34
C PHE F 382 7.69 13.93 35.60
N GLY F 383 7.23 12.70 35.40
CA GLY F 383 6.87 11.85 36.52
C GLY F 383 5.43 12.03 36.97
N ASP F 384 5.19 11.82 38.25
CA ASP F 384 3.84 11.83 38.79
C ASP F 384 3.44 13.23 39.23
N SER F 385 2.12 13.45 39.27
CA SER F 385 1.53 14.70 39.74
C SER F 385 0.03 14.50 39.82
N TYR F 386 -0.62 15.40 40.57
CA TYR F 386 -2.08 15.41 40.72
C TYR F 386 -2.62 16.70 40.13
N ILE F 387 -3.66 16.58 39.31
CA ILE F 387 -4.34 17.74 38.74
C ILE F 387 -5.52 18.03 39.64
N VAL F 388 -5.33 18.95 40.59
CA VAL F 388 -6.35 19.31 41.56
C VAL F 388 -7.09 20.54 41.06
N ILE F 389 -8.41 20.47 41.03
CA ILE F 389 -9.26 21.56 40.55
C ILE F 389 -10.30 21.85 41.62
N GLY F 390 -10.35 23.08 42.07
CA GLY F 390 -11.10 23.46 43.24
C GLY F 390 -10.18 23.95 44.34
N VAL F 391 -10.80 24.42 45.43
CA VAL F 391 -10.08 25.02 46.53
C VAL F 391 -10.39 24.34 47.86
N GLY F 392 -11.66 24.05 48.14
CA GLY F 392 -12.04 23.63 49.47
C GLY F 392 -11.82 22.16 49.75
N GLU F 393 -12.80 21.52 50.41
CA GLU F 393 -12.77 20.10 50.64
C GLU F 393 -13.57 19.32 49.60
N LYS F 394 -14.30 20.01 48.73
CA LYS F 394 -15.05 19.39 47.64
C LYS F 394 -14.29 19.47 46.33
N LYS F 395 -12.97 19.60 46.37
CA LYS F 395 -12.18 19.62 45.16
C LYS F 395 -12.29 18.29 44.42
N ILE F 396 -11.80 18.29 43.19
CA ILE F 396 -11.65 17.08 42.39
C ILE F 396 -10.19 16.97 41.99
N THR F 397 -9.64 15.78 42.17
CA THR F 397 -8.24 15.51 41.85
C THR F 397 -8.19 14.38 40.83
N HIS F 398 -7.25 14.48 39.89
CA HIS F 398 -7.01 13.44 38.91
C HIS F 398 -5.53 13.13 38.90
N HIS F 399 -5.20 11.84 39.00
CA HIS F 399 -3.81 11.44 38.97
C HIS F 399 -3.25 11.61 37.56
N TRP F 400 -1.97 11.94 37.49
CA TRP F 400 -1.35 12.16 36.20
C TRP F 400 0.11 11.72 36.22
N HIS F 401 0.53 11.09 35.14
CA HIS F 401 1.93 10.75 34.91
C HIS F 401 2.37 11.33 33.57
N ARG F 402 3.64 11.74 33.50
CA ARG F 402 4.23 12.30 32.30
C ARG F 402 5.60 11.66 32.08
N SER F 403 5.78 11.04 30.93
CA SER F 403 7.00 10.29 30.63
C SER F 403 8.06 11.13 29.94
N GLY F 404 7.80 12.42 29.70
CA GLY F 404 8.76 13.24 29.00
C GLY F 404 9.85 13.79 29.89
N SER F 405 11.04 13.19 29.84
CA SER F 405 12.17 13.66 30.62
C SER F 405 12.71 14.97 30.07
N THR F 406 13.45 15.68 30.93
CA THR F 406 13.99 16.97 30.53
C THR F 406 15.01 16.83 29.40
N ILE F 407 15.90 15.85 29.49
CA ILE F 407 16.88 15.63 28.43
C ILE F 407 16.19 15.21 27.14
N GLY F 408 15.20 14.31 27.25
CA GLY F 408 14.46 13.90 26.07
C GLY F 408 13.68 15.04 25.44
N LYS F 409 13.08 15.89 26.27
CA LYS F 409 12.38 17.07 25.74
C LYS F 409 13.35 18.02 25.06
N ALA F 410 14.54 18.20 25.63
CA ALA F 410 15.53 19.07 25.00
C ALA F 410 15.97 18.50 23.65
N PHE F 411 16.18 17.19 23.57
CA PHE F 411 16.58 16.58 22.31
C PHE F 411 15.46 16.70 21.27
N GLU F 412 14.21 16.49 21.68
CA GLU F 412 13.11 16.62 20.74
C GLU F 412 12.93 18.06 20.29
N ALA F 413 13.18 19.03 21.17
CA ALA F 413 13.14 20.43 20.76
C ALA F 413 14.28 20.74 19.79
N THR F 414 15.45 20.14 20.01
CA THR F 414 16.55 20.34 19.07
C THR F 414 16.22 19.79 17.70
N VAL F 415 15.61 18.59 17.63
CA VAL F 415 15.28 18.05 16.32
C VAL F 415 14.13 18.82 15.67
N ARG F 416 13.19 19.35 16.47
CA ARG F 416 12.15 20.20 15.91
C ARG F 416 12.73 21.49 15.33
N GLY F 417 13.67 22.10 16.04
CA GLY F 417 14.34 23.28 15.51
C GLY F 417 15.13 22.97 14.26
N ALA F 418 15.78 21.80 14.21
CA ALA F 418 16.51 21.40 13.02
C ALA F 418 15.56 21.18 11.84
N LYS F 419 14.39 20.58 12.09
CA LYS F 419 13.39 20.43 11.04
C LYS F 419 12.94 21.79 10.52
N ARG F 420 12.71 22.73 11.43
CA ARG F 420 12.30 24.07 11.02
C ARG F 420 13.39 24.76 10.22
N MET F 421 14.65 24.56 10.61
CA MET F 421 15.76 25.12 9.84
C MET F 421 15.83 24.53 8.44
N ALA F 422 15.60 23.21 8.34
CA ALA F 422 15.62 22.56 7.03
C ALA F 422 14.50 23.09 6.14
N VAL F 423 13.30 23.24 6.71
CA VAL F 423 12.16 23.68 5.90
C VAL F 423 12.30 25.13 5.49
N LEU F 424 12.71 26.00 6.42
CA LEU F 424 12.67 27.44 6.20
C LEU F 424 14.02 28.06 5.90
N GLY F 425 15.12 27.46 6.32
CA GLY F 425 16.42 28.07 6.12
C GLY F 425 16.66 29.18 7.11
N ASP F 426 17.05 30.35 6.61
CA ASP F 426 17.36 31.47 7.49
C ASP F 426 16.12 31.99 8.22
N THR F 427 14.94 31.79 7.64
CA THR F 427 13.71 32.25 8.27
C THR F 427 13.41 31.52 9.58
N ALA F 428 14.11 30.42 9.84
CA ALA F 428 13.94 29.70 11.11
C ALA F 428 14.29 30.58 12.30
N TRP F 429 15.31 31.44 12.14
CA TRP F 429 15.75 32.29 13.23
C TRP F 429 14.73 33.34 13.62
N ASP F 430 13.69 33.55 12.82
CA ASP F 430 12.65 34.54 13.11
C ASP F 430 11.47 33.94 13.86
N PHE F 431 11.63 32.77 14.46
CA PHE F 431 10.53 32.12 15.18
C PHE F 431 10.64 32.30 16.69
N GLY F 432 11.83 32.13 17.27
CA GLY F 432 12.03 32.38 18.68
C GLY F 432 12.68 33.72 18.92
N SER F 433 12.62 34.58 17.91
CA SER F 433 13.39 35.82 17.91
C SER F 433 12.63 36.93 18.61
N VAL F 434 13.29 37.56 19.58
CA VAL F 434 12.85 38.81 20.18
C VAL F 434 13.88 39.91 19.93
N GLY F 435 14.62 39.81 18.83
CA GLY F 435 15.75 40.68 18.59
C GLY F 435 17.03 40.08 19.13
N GLY F 436 18.00 40.94 19.35
CA GLY F 436 19.26 40.50 19.92
C GLY F 436 20.37 40.44 18.88
N ALA F 437 21.59 40.70 19.35
CA ALA F 437 22.74 40.69 18.45
C ALA F 437 23.10 39.27 18.01
N LEU F 438 23.05 38.31 18.94
CA LEU F 438 23.41 36.95 18.60
C LEU F 438 22.43 36.34 17.59
N ASN F 439 21.14 36.58 17.79
CA ASN F 439 20.13 36.06 16.87
C ASN F 439 20.35 36.59 15.46
N SER F 440 20.48 37.92 15.31
CA SER F 440 20.65 38.51 13.99
C SER F 440 21.97 38.08 13.37
N LEU F 441 23.03 38.01 14.16
CA LEU F 441 24.32 37.57 13.62
C LEU F 441 24.22 36.15 13.09
N GLY F 442 23.73 35.22 13.91
CA GLY F 442 23.62 33.83 13.49
C GLY F 442 22.73 33.68 12.27
N LYS F 443 21.63 34.43 12.22
CA LYS F 443 20.81 34.45 11.01
C LYS F 443 21.62 34.95 9.82
N GLY F 444 22.52 35.89 10.03
CA GLY F 444 23.35 36.36 8.93
C GLY F 444 24.30 35.29 8.38
N ILE F 445 25.03 34.62 9.26
CA ILE F 445 25.94 33.58 8.76
C ILE F 445 25.12 32.45 8.15
N HIS F 446 24.00 32.09 8.76
CA HIS F 446 23.17 31.04 8.17
C HIS F 446 22.61 31.48 6.82
N GLN F 447 22.33 32.76 6.64
CA GLN F 447 21.81 33.24 5.37
C GLN F 447 22.87 33.12 4.27
N ILE F 448 24.10 33.57 4.55
CA ILE F 448 25.14 33.48 3.53
C ILE F 448 25.49 32.02 3.26
N PHE F 449 25.50 31.19 4.31
CA PHE F 449 25.81 29.77 4.13
C PHE F 449 24.71 29.06 3.35
N GLY F 450 23.45 29.41 3.61
CA GLY F 450 22.36 28.82 2.85
C GLY F 450 22.36 29.27 1.41
N ALA F 451 22.74 30.53 1.15
CA ALA F 451 22.87 30.99 -0.23
C ALA F 451 23.94 30.18 -0.96
N ALA F 452 25.10 29.99 -0.34
CA ALA F 452 26.15 29.18 -0.97
C ALA F 452 25.69 27.73 -1.15
N PHE F 453 25.02 27.19 -0.14
CA PHE F 453 24.55 25.80 -0.21
C PHE F 453 23.54 25.61 -1.31
N LYS F 454 22.64 26.58 -1.50
CA LYS F 454 21.65 26.47 -2.56
C LYS F 454 22.24 26.74 -3.94
N SER F 455 23.31 27.53 -4.03
CA SER F 455 23.97 27.69 -5.31
C SER F 455 24.87 26.52 -5.67
N LEU F 456 25.27 25.72 -4.68
CA LEU F 456 26.16 24.58 -4.94
C LEU F 456 25.46 23.23 -4.91
N PHE F 457 24.28 23.12 -4.29
CA PHE F 457 23.56 21.86 -4.18
C PHE F 457 22.06 22.06 -4.38
N GLY F 458 21.64 23.17 -4.97
CA GLY F 458 20.23 23.51 -5.03
C GLY F 458 19.38 22.56 -5.84
N GLY F 459 19.77 22.30 -7.08
CA GLY F 459 18.99 21.40 -7.89
C GLY F 459 19.46 19.97 -7.70
N MET F 460 18.81 19.27 -6.77
CA MET F 460 19.16 17.92 -6.36
C MET F 460 17.92 17.29 -5.76
N SER F 461 17.92 15.97 -5.72
CA SER F 461 16.80 15.21 -5.18
C SER F 461 17.21 14.56 -3.86
N TRP F 462 16.26 13.83 -3.27
CA TRP F 462 16.51 13.10 -2.05
C TRP F 462 17.62 12.06 -2.25
N PHE F 463 17.49 11.25 -3.31
CA PHE F 463 18.45 10.19 -3.57
C PHE F 463 19.83 10.75 -3.88
N SER F 464 19.89 11.79 -4.72
CA SER F 464 21.17 12.41 -5.04
C SER F 464 21.79 13.07 -3.82
N GLN F 465 20.95 13.67 -2.96
CA GLN F 465 21.45 14.24 -1.72
C GLN F 465 22.09 13.18 -0.85
N ILE F 466 21.44 12.02 -0.72
CA ILE F 466 22.00 10.93 0.09
C ILE F 466 23.32 10.46 -0.52
N LEU F 467 23.35 10.27 -1.84
CA LEU F 467 24.57 9.81 -2.50
C LEU F 467 25.73 10.77 -2.27
N ILE F 468 25.50 12.06 -2.53
CA ILE F 468 26.58 13.03 -2.38
C ILE F 468 26.97 13.21 -0.93
N GLY F 469 26.01 13.07 0.00
CA GLY F 469 26.35 13.17 1.41
C GLY F 469 27.23 12.03 1.87
N THR F 470 26.92 10.80 1.45
CA THR F 470 27.77 9.68 1.77
C THR F 470 29.16 9.83 1.15
N LEU F 471 29.21 10.27 -0.11
CA LEU F 471 30.50 10.49 -0.75
C LEU F 471 31.31 11.55 -0.02
N LEU F 472 30.65 12.61 0.45
CA LEU F 472 31.36 13.66 1.16
C LEU F 472 31.82 13.19 2.54
N MET F 473 31.01 12.41 3.23
CA MET F 473 31.45 11.86 4.51
C MET F 473 32.67 10.97 4.31
N TRP F 474 32.72 10.22 3.22
CA TRP F 474 33.91 9.42 2.92
C TRP F 474 35.11 10.32 2.62
N LEU F 475 34.93 11.30 1.73
CA LEU F 475 35.98 12.27 1.43
C LEU F 475 36.32 13.16 2.62
N GLY F 476 35.62 12.93 3.72
CA GLY F 476 35.85 13.54 5.01
C GLY F 476 36.73 12.61 5.81
N LEU F 477 36.10 11.66 6.51
CA LEU F 477 36.79 10.69 7.38
C LEU F 477 38.18 10.30 6.86
N ASN F 478 38.30 10.03 5.56
CA ASN F 478 39.58 9.71 4.95
C ASN F 478 40.05 10.95 4.18
N THR F 479 40.82 11.80 4.86
CA THR F 479 41.41 12.98 4.24
C THR F 479 42.69 13.33 4.97
N LYS F 480 43.60 14.00 4.25
CA LYS F 480 44.91 14.33 4.78
C LYS F 480 44.85 15.26 5.98
N ASN F 481 44.38 16.49 5.77
CA ASN F 481 44.33 17.50 6.81
C ASN F 481 42.94 17.51 7.47
N GLY F 482 42.68 18.54 8.28
CA GLY F 482 41.43 18.61 9.02
C GLY F 482 40.50 19.72 8.61
N SER F 483 40.97 20.65 7.77
CA SER F 483 40.13 21.76 7.36
C SER F 483 39.08 21.31 6.36
N ILE F 484 39.52 20.83 5.19
CA ILE F 484 38.58 20.28 4.24
C ILE F 484 37.93 19.01 4.77
N SER F 485 38.59 18.30 5.69
CA SER F 485 37.96 17.17 6.35
C SER F 485 36.71 17.61 7.09
N LEU F 486 36.83 18.66 7.90
CA LEU F 486 35.67 19.18 8.61
C LEU F 486 34.64 19.74 7.64
N MET F 487 35.10 20.37 6.56
CA MET F 487 34.16 20.86 5.54
C MET F 487 33.32 19.72 4.97
N CYS F 488 33.97 18.63 4.58
CA CYS F 488 33.25 17.49 4.02
C CYS F 488 32.34 16.84 5.05
N LEU F 489 32.80 16.71 6.30
CA LEU F 489 31.93 16.17 7.35
C LEU F 489 30.67 17.01 7.51
N ALA F 490 30.83 18.33 7.60
CA ALA F 490 29.68 19.20 7.78
C ALA F 490 28.74 19.13 6.57
N LEU F 491 29.30 19.16 5.36
CA LEU F 491 28.46 19.14 4.16
C LEU F 491 27.70 17.83 4.03
N GLY F 492 28.39 16.70 4.24
CA GLY F 492 27.71 15.42 4.17
C GLY F 492 26.64 15.26 5.23
N GLY F 493 26.95 15.68 6.47
CA GLY F 493 25.93 15.63 7.51
C GLY F 493 24.72 16.48 7.19
N VAL F 494 24.95 17.68 6.67
CA VAL F 494 23.83 18.57 6.35
C VAL F 494 22.99 17.97 5.23
N LEU F 495 23.63 17.42 4.19
CA LEU F 495 22.87 16.84 3.08
C LEU F 495 22.08 15.62 3.55
N ILE F 496 22.70 14.75 4.33
CA ILE F 496 22.01 13.55 4.83
C ILE F 496 20.85 13.94 5.71
N PHE F 497 21.05 14.92 6.61
CA PHE F 497 19.97 15.37 7.47
C PHE F 497 18.84 16.01 6.66
N LEU F 498 19.19 16.77 5.63
CA LEU F 498 18.15 17.38 4.80
C LEU F 498 17.32 16.33 4.09
N SER F 499 17.96 15.26 3.63
CA SER F 499 17.21 14.16 3.02
C SER F 499 16.33 13.46 4.05
N THR F 500 16.88 13.17 5.22
CA THR F 500 16.16 12.34 6.20
C THR F 500 15.04 13.11 6.91
N ALA F 501 15.17 14.42 7.06
CA ALA F 501 14.13 15.19 7.73
C ALA F 501 12.82 15.13 6.94
N VAL F 502 12.90 15.21 5.62
CA VAL F 502 11.70 15.05 4.80
C VAL F 502 11.35 13.58 4.66
N SER F 503 12.36 12.72 4.54
CA SER F 503 12.09 11.28 4.47
C SER F 503 11.44 10.77 5.74
N ALA F 504 11.93 11.22 6.90
CA ALA F 504 11.36 10.81 8.18
C ALA F 504 10.63 11.98 8.84
N ILE G 1 -8.61 -8.10 60.89
CA ILE G 1 -7.31 -8.68 61.22
C ILE G 1 -6.79 -9.50 60.07
N ARG G 2 -7.01 -9.03 58.85
CA ARG G 2 -6.38 -9.64 57.69
C ARG G 2 -4.87 -9.42 57.76
N CYS G 3 -4.16 -9.91 56.75
CA CYS G 3 -2.71 -9.76 56.62
C CYS G 3 -1.95 -10.60 57.64
N ILE G 4 -2.65 -11.46 58.38
CA ILE G 4 -2.04 -12.29 59.41
C ILE G 4 -1.82 -13.68 58.83
N GLY G 5 -0.58 -14.13 58.80
CA GLY G 5 -0.24 -15.40 58.22
C GLY G 5 -0.41 -15.45 56.71
N VAL G 6 -0.01 -14.39 56.01
CA VAL G 6 -0.06 -14.38 54.55
C VAL G 6 1.29 -14.69 53.92
N SER G 7 2.38 -14.68 54.70
CA SER G 7 3.70 -15.12 54.29
C SER G 7 4.36 -14.12 53.34
N ASN G 8 3.62 -13.12 52.90
CA ASN G 8 4.15 -11.97 52.16
C ASN G 8 3.59 -10.75 52.88
N ARG G 9 4.29 -10.35 53.94
CA ARG G 9 3.80 -9.33 54.86
C ARG G 9 4.89 -8.31 55.10
N ASP G 10 4.48 -7.07 55.31
CA ASP G 10 5.40 -5.97 55.52
C ASP G 10 4.99 -5.18 56.74
N PHE G 11 5.99 -4.64 57.42
CA PHE G 11 5.78 -3.81 58.61
C PHE G 11 6.43 -2.46 58.36
N VAL G 12 5.61 -1.45 58.12
CA VAL G 12 6.07 -0.08 57.96
C VAL G 12 5.82 0.64 59.29
N GLU G 13 6.87 1.27 59.81
CA GLU G 13 6.81 1.97 61.09
C GLU G 13 6.79 3.47 60.79
N GLY G 14 5.63 4.10 60.98
CA GLY G 14 5.54 5.53 60.82
C GLY G 14 6.46 6.26 61.77
N MET G 15 7.47 6.93 61.23
CA MET G 15 8.48 7.58 62.06
C MET G 15 7.86 8.74 62.84
N SER G 16 8.44 9.00 64.02
CA SER G 16 7.99 10.12 64.83
C SER G 16 8.26 11.44 64.11
N GLY G 17 7.24 12.28 64.03
CA GLY G 17 7.32 13.48 63.22
C GLY G 17 6.93 13.19 61.79
N GLY G 18 5.97 13.94 61.27
CA GLY G 18 5.41 13.62 59.96
C GLY G 18 4.33 12.57 60.10
N THR G 19 3.18 12.82 59.50
CA THR G 19 2.01 11.97 59.68
C THR G 19 1.70 11.10 58.47
N TRP G 20 2.59 11.07 57.49
CA TRP G 20 2.34 10.33 56.26
C TRP G 20 3.49 9.37 55.97
N VAL G 21 3.14 8.23 55.38
CA VAL G 21 4.11 7.25 54.90
C VAL G 21 3.70 6.83 53.50
N ASP G 22 4.69 6.46 52.70
CA ASP G 22 4.49 5.94 51.35
C ASP G 22 4.55 4.42 51.38
N VAL G 23 3.56 3.78 50.78
CA VAL G 23 3.54 2.32 50.66
C VAL G 23 3.27 1.93 49.22
N VAL G 24 3.72 0.74 48.86
CA VAL G 24 3.46 0.15 47.55
C VAL G 24 2.59 -1.07 47.79
N LEU G 25 1.29 -0.93 47.56
CA LEU G 25 0.33 -2.01 47.76
C LEU G 25 0.46 -3.01 46.63
N GLU G 26 1.22 -4.07 46.87
CA GLU G 26 1.42 -5.11 45.87
C GLU G 26 0.28 -6.12 45.90
N HIS G 27 -0.15 -6.54 44.72
CA HIS G 27 -1.25 -7.48 44.58
C HIS G 27 -0.74 -8.88 44.87
N GLY G 28 -1.19 -9.47 45.98
CA GLY G 28 -0.71 -10.75 46.45
C GLY G 28 0.02 -10.67 47.78
N GLY G 29 0.73 -9.56 48.00
CA GLY G 29 1.33 -9.28 49.29
C GLY G 29 0.40 -8.46 50.17
N CYS G 30 0.98 -7.89 51.22
CA CYS G 30 0.22 -7.05 52.13
C CYS G 30 1.20 -6.29 53.02
N VAL G 31 0.65 -5.35 53.79
CA VAL G 31 1.46 -4.50 54.66
C VAL G 31 0.61 -4.03 55.83
N THR G 32 1.18 -4.03 57.03
CA THR G 32 0.54 -3.51 58.23
C THR G 32 1.27 -2.25 58.68
N VAL G 33 0.51 -1.20 58.95
CA VAL G 33 1.06 0.11 59.29
C VAL G 33 0.79 0.37 60.76
N MET G 34 1.83 0.73 61.51
CA MET G 34 1.73 0.97 62.94
C MET G 34 2.56 2.19 63.29
N ALA G 35 1.90 3.24 63.77
CA ALA G 35 2.58 4.45 64.19
C ALA G 35 2.68 4.49 65.71
N GLN G 36 3.24 5.58 66.23
CA GLN G 36 3.68 5.60 67.63
C GLN G 36 2.49 5.58 68.59
N ASP G 37 1.41 6.28 68.26
CA ASP G 37 0.21 6.21 69.10
C ASP G 37 -1.05 6.03 68.26
N LYS G 38 -0.93 5.43 67.10
CA LYS G 38 -2.07 5.19 66.23
C LYS G 38 -2.41 3.71 66.22
N PRO G 39 -3.67 3.35 65.98
CA PRO G 39 -4.01 1.92 65.86
C PRO G 39 -3.32 1.31 64.65
N THR G 40 -3.01 0.03 64.75
CA THR G 40 -2.36 -0.68 63.66
C THR G 40 -3.40 -1.06 62.62
N VAL G 41 -3.15 -0.67 61.38
CA VAL G 41 -4.02 -0.98 60.25
C VAL G 41 -3.20 -1.75 59.22
N ASP G 42 -3.72 -2.89 58.78
CA ASP G 42 -3.10 -3.65 57.71
C ASP G 42 -3.90 -3.43 56.43
N ILE G 43 -3.19 -3.14 55.35
CA ILE G 43 -3.79 -2.69 54.10
C ILE G 43 -3.39 -3.64 52.98
N GLU G 44 -4.37 -4.08 52.20
CA GLU G 44 -4.12 -5.03 51.12
C GLU G 44 -4.88 -4.59 49.87
N LEU G 45 -4.21 -4.69 48.72
CA LEU G 45 -4.85 -4.48 47.44
C LEU G 45 -5.50 -5.79 46.99
N VAL G 46 -6.82 -5.78 46.85
CA VAL G 46 -7.57 -7.01 46.63
C VAL G 46 -7.88 -7.25 45.16
N THR G 47 -8.45 -6.27 44.46
CA THR G 47 -8.84 -6.46 43.07
C THR G 47 -8.38 -5.28 42.23
N THR G 48 -8.06 -5.57 40.97
CA THR G 48 -7.80 -4.56 39.94
C THR G 48 -8.71 -4.89 38.76
N THR G 49 -9.65 -4.01 38.47
CA THR G 49 -10.57 -4.21 37.36
C THR G 49 -10.33 -3.17 36.28
N VAL G 50 -10.54 -3.58 35.04
CA VAL G 50 -10.49 -2.68 33.89
C VAL G 50 -11.89 -2.64 33.30
N SER G 51 -12.45 -1.43 33.19
CA SER G 51 -13.88 -1.29 32.92
C SER G 51 -14.21 -1.16 31.44
N ASN G 52 -13.46 -0.34 30.71
CA ASN G 52 -13.73 -0.09 29.30
C ASN G 52 -12.66 -0.78 28.46
N MET G 53 -13.09 -1.62 27.54
CA MET G 53 -12.20 -2.41 26.70
C MET G 53 -12.55 -2.18 25.24
N ALA G 54 -11.53 -1.89 24.44
CA ALA G 54 -11.70 -1.66 23.01
C ALA G 54 -11.01 -2.78 22.25
N GLU G 55 -11.77 -3.48 21.41
CA GLU G 55 -11.19 -4.53 20.58
C GLU G 55 -10.21 -3.90 19.60
N VAL G 56 -8.99 -4.45 19.56
CA VAL G 56 -7.96 -3.95 18.68
C VAL G 56 -7.70 -4.87 17.50
N ARG G 57 -7.86 -6.18 17.66
CA ARG G 57 -7.53 -7.16 16.64
C ARG G 57 -8.08 -8.49 17.09
N SER G 58 -8.30 -9.38 16.11
CA SER G 58 -8.83 -10.71 16.39
C SER G 58 -8.12 -11.71 15.50
N TYR G 59 -7.21 -12.49 16.09
CA TYR G 59 -6.49 -13.51 15.34
C TYR G 59 -7.35 -14.76 15.17
N CYS G 60 -6.93 -15.61 14.24
CA CYS G 60 -7.58 -16.88 13.96
C CYS G 60 -6.63 -18.01 14.30
N TYR G 61 -7.12 -19.02 15.01
CA TYR G 61 -6.35 -20.23 15.26
C TYR G 61 -7.04 -21.50 14.80
N GLU G 62 -8.29 -21.43 14.37
CA GLU G 62 -9.08 -22.61 13.98
C GLU G 62 -9.69 -22.38 12.59
N ALA G 63 -8.84 -22.02 11.64
CA ALA G 63 -9.28 -21.78 10.28
C ALA G 63 -9.82 -23.05 9.63
N SER G 64 -10.51 -22.85 8.50
CA SER G 64 -11.06 -23.95 7.72
C SER G 64 -11.11 -23.52 6.26
N ILE G 65 -11.12 -24.50 5.37
CA ILE G 65 -11.19 -24.27 3.93
C ILE G 65 -12.21 -25.22 3.33
N SER G 66 -13.06 -24.69 2.43
CA SER G 66 -14.17 -25.47 1.90
C SER G 66 -14.10 -25.67 0.39
N ASP G 67 -14.00 -24.60 -0.39
CA ASP G 67 -14.14 -24.68 -1.85
C ASP G 67 -12.76 -24.65 -2.48
N MET G 68 -12.31 -25.80 -2.97
CA MET G 68 -11.03 -25.91 -3.64
C MET G 68 -11.23 -25.93 -5.14
N ALA G 69 -10.50 -25.07 -5.84
CA ALA G 69 -10.55 -25.00 -7.29
C ALA G 69 -9.19 -24.60 -7.81
N SER G 70 -8.88 -25.05 -9.02
CA SER G 70 -7.59 -24.75 -9.63
C SER G 70 -7.80 -24.33 -11.08
N ASP G 71 -6.86 -23.52 -11.57
CA ASP G 71 -6.80 -23.13 -12.97
C ASP G 71 -5.36 -23.26 -13.44
N SER G 72 -5.18 -23.71 -14.67
CA SER G 72 -3.86 -23.91 -15.23
C SER G 72 -3.78 -23.30 -16.62
N ARG G 73 -2.60 -22.81 -16.97
CA ARG G 73 -2.32 -22.29 -18.30
C ARG G 73 -1.07 -22.95 -18.83
N CYS G 74 -1.06 -23.21 -20.14
CA CYS G 74 0.04 -23.90 -20.77
C CYS G 74 1.28 -23.00 -20.85
N PRO G 75 2.45 -23.57 -21.11
CA PRO G 75 3.65 -22.74 -21.23
C PRO G 75 3.52 -21.76 -22.38
N THR G 76 4.30 -20.67 -22.29
CA THR G 76 4.27 -19.57 -23.25
C THR G 76 2.85 -19.03 -23.44
N GLN G 77 2.07 -19.06 -22.37
CA GLN G 77 0.78 -18.38 -22.27
C GLN G 77 0.87 -17.38 -21.12
N GLY G 78 -0.28 -16.82 -20.75
CA GLY G 78 -0.28 -15.87 -19.66
C GLY G 78 -0.24 -16.56 -18.32
N GLU G 79 -1.12 -16.15 -17.40
CA GLU G 79 -1.22 -16.78 -16.10
C GLU G 79 -2.66 -17.19 -15.86
N ALA G 80 -2.84 -18.24 -15.07
CA ALA G 80 -4.17 -18.71 -14.75
C ALA G 80 -4.88 -17.68 -13.86
N TYR G 81 -6.21 -17.65 -13.97
CA TYR G 81 -6.99 -16.64 -13.28
C TYR G 81 -7.93 -17.22 -12.22
N LEU G 82 -8.80 -18.16 -12.59
CA LEU G 82 -9.65 -18.91 -11.67
C LEU G 82 -10.79 -18.09 -11.09
N ASP G 83 -10.80 -16.78 -11.34
CA ASP G 83 -11.92 -15.89 -11.00
C ASP G 83 -12.13 -15.75 -9.50
N LYS G 84 -11.43 -16.53 -8.70
CA LYS G 84 -11.55 -16.44 -7.24
C LYS G 84 -10.50 -15.53 -6.62
N GLN G 85 -9.47 -15.16 -7.38
CA GLN G 85 -8.51 -14.17 -6.90
C GLN G 85 -9.12 -12.79 -6.78
N SER G 86 -10.29 -12.57 -7.38
CA SER G 86 -11.06 -11.36 -7.17
C SER G 86 -11.90 -11.41 -5.90
N ASP G 87 -11.96 -12.56 -5.24
CA ASP G 87 -12.67 -12.71 -3.98
C ASP G 87 -11.67 -12.69 -2.82
N THR G 88 -11.94 -11.83 -1.84
CA THR G 88 -11.05 -11.72 -0.70
C THR G 88 -11.30 -12.80 0.35
N GLN G 89 -12.44 -13.48 0.28
CA GLN G 89 -12.72 -14.59 1.19
C GLN G 89 -11.87 -15.82 0.88
N TYR G 90 -11.16 -15.82 -0.24
CA TYR G 90 -10.35 -16.95 -0.65
C TYR G 90 -8.88 -16.63 -0.51
N VAL G 91 -8.08 -17.67 -0.28
CA VAL G 91 -6.62 -17.56 -0.28
C VAL G 91 -6.11 -18.34 -1.47
N CYS G 92 -5.18 -17.74 -2.22
CA CYS G 92 -4.75 -18.30 -3.49
C CYS G 92 -3.23 -18.26 -3.58
N LYS G 93 -2.70 -19.14 -4.43
CA LYS G 93 -1.26 -19.23 -4.64
C LYS G 93 -1.00 -19.59 -6.09
N ARG G 94 -0.08 -18.89 -6.73
CA ARG G 94 0.29 -19.13 -8.11
C ARG G 94 1.62 -19.86 -8.15
N THR G 95 1.70 -20.90 -8.97
CA THR G 95 2.90 -21.74 -9.05
C THR G 95 3.10 -22.19 -10.49
N LEU G 96 4.30 -22.71 -10.75
CA LEU G 96 4.67 -23.25 -12.05
C LEU G 96 4.72 -24.78 -11.95
N VAL G 97 4.04 -25.45 -12.88
CA VAL G 97 4.00 -26.90 -12.93
C VAL G 97 4.41 -27.37 -14.32
N ASP G 98 4.86 -28.62 -14.39
CA ASP G 98 5.23 -29.21 -15.66
C ASP G 98 4.00 -29.41 -16.53
N ARG G 99 4.09 -28.98 -17.79
CA ARG G 99 3.02 -29.14 -18.75
C ARG G 99 3.58 -29.77 -20.02
N GLY G 100 2.73 -30.52 -20.72
CA GLY G 100 3.18 -31.21 -21.91
C GLY G 100 2.03 -31.85 -22.64
N TRP G 101 2.39 -32.64 -23.66
CA TRP G 101 1.39 -33.29 -24.49
C TRP G 101 0.52 -34.24 -23.67
N GLY G 102 1.10 -34.89 -22.65
CA GLY G 102 0.28 -35.71 -21.77
C GLY G 102 -0.72 -34.89 -20.98
N ASN G 103 -0.30 -33.71 -20.52
CA ASN G 103 -1.22 -32.83 -19.81
C ASN G 103 -2.25 -32.20 -20.71
N GLY G 104 -1.98 -32.10 -22.02
CA GLY G 104 -3.02 -31.75 -22.96
C GLY G 104 -2.86 -30.46 -23.76
N CYS G 105 -1.63 -30.05 -24.07
CA CYS G 105 -1.46 -28.93 -24.99
C CYS G 105 -0.07 -29.00 -25.63
N GLY G 106 0.32 -27.91 -26.30
CA GLY G 106 1.38 -27.94 -27.28
C GLY G 106 2.81 -28.02 -26.80
N LEU G 107 3.24 -27.10 -25.95
CA LEU G 107 4.65 -27.04 -25.59
C LEU G 107 4.94 -27.87 -24.34
N PHE G 108 6.20 -27.89 -23.94
CA PHE G 108 6.67 -28.65 -22.79
C PHE G 108 7.35 -27.71 -21.81
N GLY G 109 6.85 -27.67 -20.58
CA GLY G 109 7.62 -27.09 -19.48
C GLY G 109 7.12 -25.81 -18.85
N LYS G 110 6.89 -25.85 -17.54
CA LYS G 110 6.62 -24.67 -16.72
C LYS G 110 5.36 -23.93 -17.17
N GLY G 111 4.23 -24.61 -17.03
CA GLY G 111 2.95 -23.97 -17.12
C GLY G 111 2.70 -23.11 -15.88
N SER G 112 1.55 -22.45 -15.87
CA SER G 112 1.15 -21.60 -14.76
C SER G 112 -0.10 -22.17 -14.11
N LEU G 113 -0.06 -22.34 -12.79
CA LEU G 113 -1.15 -22.93 -12.04
C LEU G 113 -1.49 -22.05 -10.84
N VAL G 114 -2.77 -21.94 -10.54
CA VAL G 114 -3.25 -21.20 -9.39
C VAL G 114 -4.29 -22.04 -8.65
N THR G 115 -4.18 -22.08 -7.32
CA THR G 115 -5.11 -22.81 -6.48
C THR G 115 -5.74 -21.84 -5.50
N CYS G 116 -7.05 -21.94 -5.33
CA CYS G 116 -7.80 -21.08 -4.41
C CYS G 116 -8.66 -21.91 -3.49
N ALA G 117 -8.70 -21.53 -2.22
CA ALA G 117 -9.52 -22.20 -1.22
C ALA G 117 -10.29 -21.15 -0.42
N LYS G 118 -11.56 -21.44 -0.16
CA LYS G 118 -12.42 -20.51 0.56
C LYS G 118 -12.09 -20.57 2.05
N PHE G 119 -11.56 -19.48 2.58
CA PHE G 119 -11.08 -19.43 3.95
C PHE G 119 -12.22 -19.08 4.90
N ALA G 120 -12.30 -19.82 6.01
CA ALA G 120 -13.22 -19.52 7.08
C ALA G 120 -12.54 -19.78 8.42
N CYS G 121 -12.94 -19.05 9.44
CA CYS G 121 -12.42 -19.21 10.78
C CYS G 121 -13.50 -19.79 11.68
N SER G 122 -13.16 -20.83 12.43
CA SER G 122 -14.09 -21.45 13.37
C SER G 122 -13.94 -20.92 14.79
N LYS G 123 -12.72 -20.60 15.21
CA LYS G 123 -12.46 -20.09 16.54
C LYS G 123 -11.41 -19.00 16.46
N LYS G 124 -11.72 -17.84 17.02
CA LYS G 124 -10.83 -16.68 16.97
C LYS G 124 -10.55 -16.17 18.37
N MET G 125 -9.37 -15.58 18.53
CA MET G 125 -8.96 -14.99 19.80
C MET G 125 -8.87 -13.48 19.65
N THR G 126 -9.37 -12.77 20.66
CA THR G 126 -9.57 -11.33 20.58
C THR G 126 -8.67 -10.61 21.58
N GLY G 127 -7.96 -9.59 21.10
CA GLY G 127 -7.20 -8.71 21.95
C GLY G 127 -7.96 -7.41 22.18
N LYS G 128 -7.78 -6.85 23.36
CA LYS G 128 -8.48 -5.63 23.76
C LYS G 128 -7.49 -4.66 24.38
N SER G 129 -7.65 -3.38 24.06
CA SER G 129 -6.78 -2.35 24.62
C SER G 129 -7.20 -2.01 26.04
N ILE G 130 -6.23 -1.56 26.83
CA ILE G 130 -6.46 -1.17 28.22
C ILE G 130 -5.94 0.24 28.41
N GLN G 131 -6.81 1.15 28.82
CA GLN G 131 -6.34 2.51 29.08
C GLN G 131 -5.94 2.66 30.54
N PRO G 132 -4.93 3.48 30.83
CA PRO G 132 -4.57 3.75 32.23
C PRO G 132 -5.68 4.41 33.03
N GLU G 133 -6.64 5.06 32.38
CA GLU G 133 -7.85 5.50 33.06
C GLU G 133 -8.83 4.34 33.12
N ASN G 134 -10.05 4.59 33.59
CA ASN G 134 -11.15 3.63 33.65
C ASN G 134 -10.74 2.26 34.17
N LEU G 135 -9.72 2.20 35.02
CA LEU G 135 -9.41 1.01 35.80
C LEU G 135 -9.51 1.38 37.28
N GLU G 136 -10.08 0.47 38.07
CA GLU G 136 -10.42 0.74 39.45
C GLU G 136 -9.68 -0.22 40.36
N TYR G 137 -8.99 0.32 41.36
CA TYR G 137 -8.32 -0.47 42.37
C TYR G 137 -9.21 -0.56 43.62
N ARG G 138 -9.28 -1.75 44.20
CA ARG G 138 -9.97 -1.94 45.47
C ARG G 138 -8.95 -2.27 46.54
N ILE G 139 -9.13 -1.66 47.71
CA ILE G 139 -8.17 -1.79 48.81
C ILE G 139 -8.94 -2.15 50.07
N MET G 140 -8.53 -3.23 50.71
CA MET G 140 -9.11 -3.68 51.97
C MET G 140 -8.17 -3.32 53.10
N LEU G 141 -8.68 -2.61 54.11
CA LEU G 141 -7.91 -2.25 55.29
C LEU G 141 -8.64 -2.75 56.53
N SER G 142 -7.91 -3.44 57.39
CA SER G 142 -8.43 -3.99 58.63
C SER G 142 -7.63 -3.47 59.80
N VAL G 143 -8.31 -3.12 60.88
CA VAL G 143 -7.68 -2.55 62.07
C VAL G 143 -7.45 -3.66 63.07
N HIS G 144 -6.27 -3.65 63.71
CA HIS G 144 -5.98 -4.54 64.82
C HIS G 144 -6.77 -4.01 66.02
N GLY G 145 -8.05 -4.33 66.04
CA GLY G 145 -8.93 -3.80 67.06
C GLY G 145 -9.61 -4.85 67.92
N SER G 146 -10.93 -4.93 67.81
CA SER G 146 -11.74 -5.78 68.68
C SER G 146 -11.80 -7.22 68.22
N GLN G 147 -11.88 -7.45 66.92
CA GLN G 147 -12.27 -8.74 66.39
C GLN G 147 -11.25 -9.82 66.77
N HIS G 148 -11.76 -11.03 66.98
CA HIS G 148 -10.95 -12.17 67.35
C HIS G 148 -10.61 -13.00 66.11
N SER G 149 -9.64 -13.90 66.27
CA SER G 149 -9.41 -14.91 65.25
C SER G 149 -10.69 -15.69 65.04
N GLY G 150 -11.25 -15.59 63.85
CA GLY G 150 -12.61 -16.02 63.62
C GLY G 150 -13.28 -15.14 62.58
N MET G 151 -12.72 -13.95 62.36
CA MET G 151 -13.04 -13.16 61.17
C MET G 151 -11.73 -12.92 60.44
N ILE G 152 -11.26 -13.95 59.74
CA ILE G 152 -10.22 -13.83 58.71
C ILE G 152 -10.68 -14.71 57.55
N VAL G 153 -11.67 -15.57 57.83
CA VAL G 153 -12.15 -16.51 56.83
C VAL G 153 -12.90 -15.76 55.73
N ASN G 154 -12.74 -16.22 54.49
CA ASN G 154 -13.33 -15.58 53.32
C ASN G 154 -12.85 -14.13 53.20
N ASP G 155 -11.53 -13.97 53.19
CA ASP G 155 -10.93 -12.64 53.11
C ASP G 155 -11.28 -11.94 51.81
N THR G 156 -11.60 -12.68 50.75
CA THR G 156 -12.07 -12.08 49.50
C THR G 156 -13.50 -11.56 49.62
N GLY G 157 -14.18 -11.84 50.72
CA GLY G 157 -15.49 -11.30 50.98
C GLY G 157 -15.39 -9.88 51.51
N HIS G 158 -15.17 -8.91 50.62
CA HIS G 158 -14.80 -7.55 51.01
C HIS G 158 -16.02 -6.90 51.66
N GLU G 159 -16.24 -7.26 52.92
CA GLU G 159 -17.35 -6.74 53.71
C GLU G 159 -16.82 -5.67 54.65
N THR G 160 -17.38 -4.47 54.55
CA THR G 160 -16.99 -3.38 55.43
C THR G 160 -17.59 -3.61 56.82
N ASP G 161 -16.81 -3.29 57.85
CA ASP G 161 -17.20 -3.56 59.22
C ASP G 161 -16.75 -2.39 60.09
N GLU G 162 -16.84 -2.59 61.41
CA GLU G 162 -16.33 -1.61 62.35
C GLU G 162 -14.81 -1.57 62.34
N ASN G 163 -14.17 -2.68 61.98
CA ASN G 163 -12.72 -2.75 61.89
C ASN G 163 -12.23 -2.89 60.45
N ARG G 164 -13.13 -2.95 59.47
CA ARG G 164 -12.76 -3.19 58.09
C ARG G 164 -13.35 -2.11 57.21
N ALA G 165 -12.51 -1.51 56.36
CA ALA G 165 -12.93 -0.45 55.45
C ALA G 165 -12.48 -0.79 54.03
N LYS G 166 -13.29 -0.40 53.06
CA LYS G 166 -13.01 -0.65 51.66
C LYS G 166 -12.94 0.67 50.90
N VAL G 167 -11.80 0.93 50.29
CA VAL G 167 -11.62 2.10 49.43
C VAL G 167 -11.48 1.63 48.00
N GLU G 168 -11.82 2.52 47.07
CA GLU G 168 -11.86 2.22 45.64
C GLU G 168 -11.19 3.37 44.89
N ILE G 169 -9.89 3.21 44.65
CA ILE G 169 -9.08 4.23 44.00
C ILE G 169 -9.15 4.08 42.49
N THR G 170 -9.39 5.20 41.82
CA THR G 170 -9.49 5.34 40.38
C THR G 170 -8.59 6.51 40.00
N PRO G 171 -8.06 6.54 38.77
CA PRO G 171 -7.33 7.75 38.35
C PRO G 171 -8.17 9.01 38.41
N ASN G 172 -9.50 8.88 38.29
CA ASN G 172 -10.38 10.02 38.47
C ASN G 172 -10.59 10.36 39.94
N SER G 173 -10.52 9.37 40.82
CA SER G 173 -10.74 9.54 42.25
C SER G 173 -9.64 8.84 43.03
N PRO G 174 -8.40 9.35 42.96
CA PRO G 174 -7.26 8.66 43.56
C PRO G 174 -6.97 9.03 45.00
N ARG G 175 -7.88 9.74 45.67
CA ARG G 175 -7.59 10.36 46.95
C ARG G 175 -8.74 10.11 47.92
N ALA G 176 -9.20 8.86 48.01
CA ALA G 176 -10.26 8.54 48.94
C ALA G 176 -9.77 8.67 50.39
N GLU G 177 -10.70 9.06 51.26
CA GLU G 177 -10.45 9.18 52.69
C GLU G 177 -11.19 8.04 53.38
N ALA G 178 -10.45 7.02 53.80
CA ALA G 178 -11.05 5.82 54.36
C ALA G 178 -11.46 6.06 55.81
N THR G 179 -12.75 5.98 56.09
CA THR G 179 -13.26 6.17 57.44
C THR G 179 -13.52 4.80 58.06
N LEU G 180 -12.89 4.55 59.20
CA LEU G 180 -13.12 3.34 59.99
C LEU G 180 -13.65 3.79 61.34
N GLY G 181 -14.96 3.63 61.53
CA GLY G 181 -15.61 4.24 62.67
C GLY G 181 -14.98 3.80 63.98
N GLY G 182 -14.79 4.76 64.86
CA GLY G 182 -14.07 4.52 66.12
C GLY G 182 -12.60 4.85 66.07
N PHE G 183 -11.92 4.40 65.04
CA PHE G 183 -10.49 4.64 64.91
C PHE G 183 -10.17 5.88 64.09
N GLY G 184 -11.18 6.62 63.65
CA GLY G 184 -10.97 7.83 62.88
C GLY G 184 -11.03 7.56 61.39
N SER G 185 -10.00 7.98 60.66
CA SER G 185 -9.98 7.81 59.22
C SER G 185 -8.54 7.71 58.73
N LEU G 186 -8.37 6.99 57.62
CA LEU G 186 -7.08 6.84 56.97
C LEU G 186 -7.12 7.56 55.63
N GLY G 187 -6.07 8.33 55.34
CA GLY G 187 -5.98 9.07 54.10
C GLY G 187 -5.04 8.36 53.13
N LEU G 188 -5.48 8.22 51.89
CA LEU G 188 -4.75 7.48 50.86
C LEU G 188 -4.58 8.38 49.64
N ASP G 189 -3.34 8.76 49.34
CA ASP G 189 -3.00 9.51 48.13
C ASP G 189 -2.34 8.52 47.17
N CYS G 190 -3.17 7.83 46.40
CA CYS G 190 -2.69 6.74 45.56
C CYS G 190 -2.32 7.24 44.17
N GLU G 191 -1.64 6.38 43.41
CA GLU G 191 -1.13 6.70 42.08
C GLU G 191 -1.60 5.61 41.12
N PRO G 192 -2.87 5.64 40.73
CA PRO G 192 -3.41 4.54 39.91
C PRO G 192 -2.75 4.38 38.56
N ARG G 193 -2.27 5.47 37.95
CA ARG G 193 -1.74 5.37 36.59
C ARG G 193 -0.36 4.74 36.56
N THR G 194 0.46 4.94 37.59
CA THR G 194 1.79 4.35 37.62
C THR G 194 1.74 3.04 38.43
N GLY G 195 1.09 2.06 37.82
CA GLY G 195 1.00 0.74 38.40
C GLY G 195 1.72 -0.31 37.58
N LEU G 196 0.97 -1.10 36.83
CA LEU G 196 1.53 -2.18 36.02
C LEU G 196 1.87 -1.74 34.60
N ASP G 197 1.75 -0.45 34.30
CA ASP G 197 1.97 0.08 32.95
C ASP G 197 1.03 -0.59 31.95
N PHE G 198 -0.28 -0.42 32.21
CA PHE G 198 -1.31 -1.06 31.41
C PHE G 198 -1.39 -0.51 30.00
N SER G 199 -0.67 0.57 29.69
CA SER G 199 -0.68 1.08 28.32
C SER G 199 -0.12 0.06 27.35
N ASP G 200 1.01 -0.56 27.69
CA ASP G 200 1.60 -1.60 26.85
C ASP G 200 1.14 -2.99 27.26
N LEU G 201 -0.17 -3.18 27.42
CA LEU G 201 -0.71 -4.47 27.83
C LEU G 201 -2.12 -4.59 27.28
N TYR G 202 -2.31 -5.53 26.35
CA TYR G 202 -3.66 -5.86 25.89
C TYR G 202 -4.31 -6.88 26.83
N TYR G 203 -5.58 -7.16 26.56
CA TYR G 203 -6.34 -8.16 27.30
C TYR G 203 -6.74 -9.28 26.35
N LEU G 204 -5.90 -10.30 26.26
CA LEU G 204 -6.17 -11.43 25.38
C LEU G 204 -7.35 -12.26 25.89
N THR G 205 -8.09 -12.83 24.96
CA THR G 205 -9.19 -13.74 25.27
C THR G 205 -9.19 -14.85 24.24
N MET G 206 -9.29 -16.09 24.71
CA MET G 206 -9.30 -17.24 23.80
C MET G 206 -9.97 -18.41 24.50
N ASN G 207 -11.14 -18.81 24.02
CA ASN G 207 -11.85 -19.99 24.52
C ASN G 207 -12.23 -19.81 25.99
N ASN G 208 -12.88 -18.69 26.29
CA ASN G 208 -13.33 -18.35 27.64
C ASN G 208 -12.17 -18.37 28.64
N LYS G 209 -10.98 -18.01 28.18
CA LYS G 209 -9.82 -17.87 29.04
C LYS G 209 -9.08 -16.60 28.65
N HIS G 210 -8.61 -15.86 29.64
CA HIS G 210 -8.09 -14.52 29.42
C HIS G 210 -6.68 -14.41 29.96
N TRP G 211 -5.90 -13.52 29.33
CA TRP G 211 -4.54 -13.24 29.74
C TRP G 211 -4.29 -11.75 29.65
N LEU G 212 -3.17 -11.32 30.22
CA LEU G 212 -2.71 -9.95 30.15
C LEU G 212 -1.36 -9.97 29.44
N VAL G 213 -1.35 -9.59 28.18
CA VAL G 213 -0.19 -9.79 27.31
C VAL G 213 0.38 -8.44 26.91
N HIS G 214 1.68 -8.44 26.59
CA HIS G 214 2.35 -7.24 26.12
C HIS G 214 1.86 -6.87 24.72
N LYS G 215 1.96 -5.57 24.41
CA LYS G 215 1.53 -5.10 23.10
C LYS G 215 2.36 -5.70 21.98
N GLU G 216 3.69 -5.72 22.15
CA GLU G 216 4.57 -6.23 21.11
C GLU G 216 4.31 -7.70 20.85
N TRP G 217 4.06 -8.48 21.90
CA TRP G 217 3.74 -9.89 21.73
C TRP G 217 2.47 -10.06 20.90
N PHE G 218 1.42 -9.30 21.23
CA PHE G 218 0.17 -9.45 20.51
C PHE G 218 0.27 -8.97 19.07
N HIS G 219 1.12 -7.98 18.80
CA HIS G 219 1.25 -7.49 17.43
C HIS G 219 2.27 -8.25 16.62
N ASP G 220 3.06 -9.13 17.23
CA ASP G 220 4.10 -9.86 16.51
C ASP G 220 3.81 -11.35 16.37
N ILE G 221 2.56 -11.75 16.45
CA ILE G 221 2.20 -13.17 16.35
C ILE G 221 1.51 -13.40 15.02
N PRO G 222 2.06 -14.23 14.14
CA PRO G 222 1.53 -14.38 12.78
C PRO G 222 0.34 -15.33 12.73
N LEU G 223 -0.85 -14.78 12.50
CA LEU G 223 -2.06 -15.55 12.29
C LEU G 223 -3.01 -14.71 11.46
N PRO G 224 -3.98 -15.33 10.78
CA PRO G 224 -5.02 -14.54 10.10
C PRO G 224 -5.73 -13.62 11.08
N TRP G 225 -5.61 -12.32 10.84
CA TRP G 225 -6.13 -11.33 11.77
C TRP G 225 -7.04 -10.35 11.04
N HIS G 226 -8.09 -9.93 11.73
CA HIS G 226 -8.96 -8.87 11.25
C HIS G 226 -9.06 -7.80 12.31
N ALA G 227 -9.25 -6.56 11.84
CA ALA G 227 -9.28 -5.42 12.75
C ALA G 227 -10.49 -5.51 13.67
N GLY G 228 -10.36 -4.89 14.86
CA GLY G 228 -11.46 -4.91 15.80
C GLY G 228 -12.70 -4.22 15.27
N ALA G 229 -12.50 -3.17 14.46
CA ALA G 229 -13.62 -2.48 13.84
C ALA G 229 -14.39 -3.36 12.87
N ASP G 230 -13.76 -4.43 12.36
CA ASP G 230 -14.39 -5.30 11.38
C ASP G 230 -15.54 -6.05 12.05
N THR G 231 -16.77 -5.65 11.75
CA THR G 231 -17.96 -6.25 12.30
C THR G 231 -18.79 -6.84 11.18
N GLY G 232 -19.40 -8.00 11.45
CA GLY G 232 -20.12 -8.73 10.42
C GLY G 232 -19.33 -9.96 9.98
N THR G 233 -19.21 -10.13 8.66
CA THR G 233 -18.37 -11.19 8.11
C THR G 233 -16.94 -10.68 8.04
N PRO G 234 -16.02 -11.20 8.85
CA PRO G 234 -14.68 -10.61 8.89
C PRO G 234 -13.91 -10.82 7.60
N HIS G 235 -13.04 -9.86 7.29
CA HIS G 235 -12.09 -9.98 6.21
C HIS G 235 -10.73 -10.29 6.84
N TRP G 236 -10.24 -11.50 6.61
CA TRP G 236 -9.01 -11.96 7.25
C TRP G 236 -7.81 -11.56 6.40
N ASN G 237 -6.81 -10.99 7.04
CA ASN G 237 -5.68 -10.41 6.31
C ASN G 237 -4.66 -11.48 5.90
N ASN G 238 -4.01 -12.10 6.88
CA ASN G 238 -2.91 -13.01 6.61
C ASN G 238 -3.39 -14.46 6.59
N LYS G 239 -4.25 -14.78 5.62
CA LYS G 239 -4.78 -16.13 5.51
C LYS G 239 -3.69 -17.15 5.19
N GLU G 240 -2.56 -16.71 4.62
CA GLU G 240 -1.48 -17.61 4.27
C GLU G 240 -0.77 -18.20 5.48
N ALA G 241 -1.03 -17.68 6.68
CA ALA G 241 -0.40 -18.23 7.88
C ALA G 241 -0.96 -19.59 8.24
N LEU G 242 -2.26 -19.78 8.05
CA LEU G 242 -2.94 -21.02 8.42
C LEU G 242 -3.27 -21.90 7.23
N VAL G 243 -2.76 -21.57 6.04
CA VAL G 243 -3.00 -22.36 4.84
C VAL G 243 -1.66 -22.60 4.15
N GLU G 244 -1.38 -23.86 3.83
CA GLU G 244 -0.15 -24.24 3.15
C GLU G 244 -0.48 -24.79 1.76
N PHE G 245 0.29 -24.35 0.77
CA PHE G 245 0.16 -24.80 -0.61
C PHE G 245 1.34 -25.69 -0.94
N LYS G 246 1.06 -26.93 -1.31
CA LYS G 246 2.09 -27.89 -1.68
C LYS G 246 1.77 -28.45 -3.06
N ASP G 247 2.80 -28.63 -3.87
CA ASP G 247 2.64 -29.15 -5.22
C ASP G 247 3.09 -30.60 -5.28
N ALA G 248 2.27 -31.45 -5.88
CA ALA G 248 2.75 -32.76 -6.30
C ALA G 248 3.96 -32.57 -7.19
N HIS G 249 4.78 -33.61 -7.30
CA HIS G 249 6.18 -33.48 -7.68
C HIS G 249 6.41 -32.40 -8.73
N ALA G 250 5.72 -32.49 -9.88
CA ALA G 250 5.63 -31.35 -10.78
C ALA G 250 4.27 -31.29 -11.49
N LYS G 251 3.21 -31.77 -10.85
CA LYS G 251 1.97 -32.01 -11.57
C LYS G 251 0.77 -31.25 -11.04
N ARG G 252 0.59 -31.19 -9.72
CA ARG G 252 -0.60 -30.54 -9.16
C ARG G 252 -0.21 -29.56 -8.06
N GLN G 253 -1.21 -29.03 -7.36
CA GLN G 253 -0.98 -28.25 -6.15
C GLN G 253 -2.12 -28.48 -5.18
N THR G 254 -1.79 -28.82 -3.94
CA THR G 254 -2.76 -29.16 -2.92
C THR G 254 -2.73 -28.11 -1.81
N VAL G 255 -3.89 -27.89 -1.20
CA VAL G 255 -4.03 -26.94 -0.10
C VAL G 255 -4.42 -27.70 1.16
N VAL G 256 -3.81 -27.30 2.28
CA VAL G 256 -4.15 -27.85 3.59
C VAL G 256 -4.21 -26.70 4.58
N VAL G 257 -5.15 -26.79 5.52
CA VAL G 257 -5.29 -25.81 6.60
C VAL G 257 -4.68 -26.42 7.85
N LEU G 258 -3.85 -25.64 8.54
CA LEU G 258 -3.06 -26.16 9.65
C LEU G 258 -3.94 -26.43 10.87
N GLY G 259 -3.30 -26.82 11.97
CA GLY G 259 -3.98 -27.28 13.15
C GLY G 259 -4.63 -26.16 13.95
N SER G 260 -5.03 -26.50 15.17
CA SER G 260 -5.83 -25.61 15.99
C SER G 260 -5.04 -24.49 16.63
N GLN G 261 -3.72 -24.61 16.73
CA GLN G 261 -2.87 -23.50 17.15
C GLN G 261 -3.17 -22.97 18.55
N GLU G 262 -4.15 -23.56 19.23
CA GLU G 262 -4.48 -23.11 20.58
C GLU G 262 -3.36 -23.47 21.56
N GLY G 263 -2.87 -24.70 21.50
CA GLY G 263 -1.73 -25.09 22.30
C GLY G 263 -0.47 -24.34 21.92
N ALA G 264 -0.32 -24.02 20.63
CA ALA G 264 0.85 -23.27 20.19
C ALA G 264 0.90 -21.88 20.82
N VAL G 265 -0.25 -21.20 20.90
CA VAL G 265 -0.25 -19.88 21.50
C VAL G 265 -0.28 -19.97 23.03
N HIS G 266 -0.81 -21.05 23.59
CA HIS G 266 -0.64 -21.28 25.03
C HIS G 266 0.83 -21.40 25.38
N THR G 267 1.60 -22.14 24.57
CA THR G 267 3.04 -22.22 24.79
C THR G 267 3.71 -20.88 24.50
N ALA G 268 3.15 -20.08 23.58
CA ALA G 268 3.65 -18.73 23.37
C ALA G 268 3.34 -17.82 24.54
N LEU G 269 2.18 -18.03 25.20
CA LEU G 269 1.82 -17.28 26.40
C LEU G 269 2.62 -17.83 27.57
N ALA G 270 3.91 -17.44 27.61
CA ALA G 270 4.82 -17.96 28.63
C ALA G 270 4.90 -17.05 29.84
N GLY G 271 5.31 -15.79 29.63
CA GLY G 271 5.45 -14.85 30.72
C GLY G 271 4.22 -14.00 30.92
N ALA G 272 3.08 -14.44 30.38
CA ALA G 272 1.84 -13.71 30.51
C ALA G 272 1.23 -13.96 31.88
N LEU G 273 0.11 -13.29 32.16
CA LEU G 273 -0.59 -13.43 33.43
C LEU G 273 -2.04 -13.77 33.14
N GLU G 274 -2.56 -14.78 33.82
CA GLU G 274 -3.97 -15.11 33.69
C GLU G 274 -4.83 -13.99 34.26
N ALA G 275 -6.05 -13.89 33.74
CA ALA G 275 -6.98 -12.88 34.21
C ALA G 275 -8.40 -13.37 34.01
N GLU G 276 -9.32 -12.77 34.75
CA GLU G 276 -10.73 -13.13 34.70
C GLU G 276 -11.53 -11.97 34.13
N MET G 277 -12.81 -12.23 33.85
CA MET G 277 -13.75 -11.20 33.45
C MET G 277 -15.02 -11.35 34.27
N ASP G 278 -15.47 -10.24 34.87
CA ASP G 278 -16.68 -10.21 35.68
C ASP G 278 -17.94 -10.04 34.84
N GLY G 279 -17.86 -10.31 33.55
CA GLY G 279 -18.99 -10.15 32.65
C GLY G 279 -18.74 -9.07 31.62
N ALA G 280 -18.19 -7.94 32.07
CA ALA G 280 -17.75 -6.90 31.16
C ALA G 280 -16.45 -6.24 31.59
N LYS G 281 -15.88 -6.61 32.73
CA LYS G 281 -14.71 -5.94 33.29
C LYS G 281 -13.60 -6.94 33.51
N GLY G 282 -12.37 -6.52 33.24
CA GLY G 282 -11.21 -7.37 33.40
C GLY G 282 -10.66 -7.42 34.80
N ARG G 283 -11.33 -8.17 35.69
CA ARG G 283 -10.80 -8.39 37.03
C ARG G 283 -9.45 -9.10 36.94
N LEU G 284 -8.46 -8.58 37.64
CA LEU G 284 -7.11 -9.12 37.54
C LEU G 284 -6.41 -9.02 38.89
N SER G 285 -5.16 -9.48 38.91
CA SER G 285 -4.32 -9.47 40.11
C SER G 285 -2.90 -9.16 39.66
N SER G 286 -1.94 -9.41 40.55
CA SER G 286 -0.51 -9.34 40.27
C SER G 286 -0.02 -7.94 39.91
N GLY G 287 -0.84 -6.91 40.08
CA GLY G 287 -0.40 -5.54 39.92
C GLY G 287 0.23 -4.99 41.17
N HIS G 288 0.44 -3.69 41.18
CA HIS G 288 0.89 -2.99 42.38
C HIS G 288 0.39 -1.56 42.33
N LEU G 289 0.28 -0.96 43.51
CA LEU G 289 -0.31 0.37 43.65
C LEU G 289 0.49 1.15 44.68
N LYS G 290 0.99 2.32 44.28
CA LYS G 290 1.72 3.20 45.18
C LYS G 290 0.74 4.20 45.80
N CYS G 291 0.69 4.24 47.13
CA CYS G 291 -0.20 5.14 47.84
C CYS G 291 0.58 5.86 48.93
N ARG G 292 0.09 7.04 49.30
CA ARG G 292 0.58 7.78 50.45
C ARG G 292 -0.46 7.69 51.55
N LEU G 293 -0.03 7.26 52.74
CA LEU G 293 -0.93 7.00 53.85
C LEU G 293 -0.91 8.19 54.79
N LYS G 294 -2.07 8.82 54.97
CA LYS G 294 -2.19 10.01 55.81
C LYS G 294 -2.83 9.60 57.14
N MET G 295 -2.00 9.52 58.17
CA MET G 295 -2.41 9.05 59.48
C MET G 295 -2.87 10.17 60.40
N ASP G 296 -3.32 11.30 59.83
CA ASP G 296 -3.70 12.45 60.65
C ASP G 296 -4.88 12.12 61.54
N LYS G 297 -5.97 11.61 60.96
CA LYS G 297 -7.20 11.37 61.69
C LYS G 297 -7.28 9.97 62.28
N LEU G 298 -6.20 9.21 62.21
CA LEU G 298 -6.11 7.95 62.92
C LEU G 298 -5.70 8.20 64.36
N ARG G 299 -6.32 7.45 65.27
CA ARG G 299 -5.93 7.51 66.69
C ARG G 299 -6.64 6.39 67.42
N LEU G 300 -6.04 5.98 68.54
CA LEU G 300 -6.54 4.83 69.28
C LEU G 300 -7.96 5.08 69.79
N LYS G 301 -8.78 4.04 69.76
CA LYS G 301 -10.20 4.18 70.05
C LYS G 301 -10.45 4.30 71.56
N GLY G 302 -10.21 3.22 72.30
CA GLY G 302 -10.47 3.21 73.73
C GLY G 302 -9.31 3.53 74.63
N VAL G 303 -8.71 4.71 74.47
CA VAL G 303 -7.61 5.08 75.37
C VAL G 303 -8.12 5.34 76.77
N SER G 304 -9.29 5.96 76.90
CA SER G 304 -9.87 6.29 78.19
C SER G 304 -10.45 5.08 78.92
N TYR G 305 -10.29 3.88 78.37
CA TYR G 305 -10.83 2.69 79.02
C TYR G 305 -10.04 2.37 80.27
N SER G 306 -10.67 1.59 81.14
CA SER G 306 -10.02 1.03 82.32
C SER G 306 -9.57 -0.40 82.01
N LEU G 307 -8.49 -0.81 82.67
CA LEU G 307 -7.97 -2.16 82.45
C LEU G 307 -9.00 -3.21 82.81
N CYS G 308 -9.02 -4.29 82.05
CA CYS G 308 -9.91 -5.40 82.34
C CYS G 308 -9.47 -6.09 83.63
N THR G 309 -10.38 -6.20 84.58
CA THR G 309 -10.08 -6.79 85.89
C THR G 309 -10.97 -8.03 86.05
N ALA G 310 -10.49 -9.15 85.53
CA ALA G 310 -11.16 -10.45 85.60
C ALA G 310 -10.21 -11.46 84.97
N ALA G 311 -10.60 -12.72 85.04
CA ALA G 311 -9.73 -13.82 84.61
C ALA G 311 -9.77 -13.95 83.09
N PHE G 312 -8.64 -13.70 82.45
CA PHE G 312 -8.47 -14.04 81.04
C PHE G 312 -8.09 -15.52 80.92
N THR G 313 -8.58 -16.14 79.85
CA THR G 313 -8.24 -17.53 79.57
C THR G 313 -7.87 -17.67 78.10
N PHE G 314 -6.79 -18.40 77.84
CA PHE G 314 -6.42 -18.73 76.46
C PHE G 314 -7.49 -19.62 75.83
N THR G 315 -7.88 -19.30 74.61
CA THR G 315 -8.77 -20.18 73.84
C THR G 315 -8.02 -20.93 72.75
N LYS G 316 -6.89 -20.41 72.29
CA LYS G 316 -6.03 -21.10 71.34
C LYS G 316 -4.60 -20.92 71.82
N ILE G 317 -3.74 -21.87 71.44
CA ILE G 317 -2.34 -21.75 71.79
C ILE G 317 -1.72 -20.61 70.97
N PRO G 318 -0.95 -19.72 71.58
CA PRO G 318 -0.21 -18.72 70.80
C PRO G 318 0.57 -19.37 69.67
N ALA G 319 0.39 -18.84 68.46
CA ALA G 319 0.98 -19.38 67.25
C ALA G 319 1.92 -18.35 66.64
N GLU G 320 3.11 -18.80 66.26
CA GLU G 320 4.06 -17.92 65.59
C GLU G 320 3.66 -17.73 64.13
N THR G 321 3.62 -16.47 63.70
CA THR G 321 3.46 -16.19 62.29
C THR G 321 4.81 -16.33 61.57
N LEU G 322 4.77 -16.28 60.26
CA LEU G 322 5.96 -16.55 59.46
C LEU G 322 7.01 -15.44 59.53
N HIS G 323 6.85 -14.43 60.38
CA HIS G 323 7.80 -13.33 60.47
C HIS G 323 8.26 -13.09 61.90
N GLY G 324 8.32 -14.14 62.70
CA GLY G 324 8.75 -14.02 64.09
C GLY G 324 7.80 -13.22 64.96
N THR G 325 6.49 -13.43 64.78
CA THR G 325 5.47 -12.67 65.49
C THR G 325 4.41 -13.65 65.98
N VAL G 326 3.95 -13.45 67.22
CA VAL G 326 3.09 -14.41 67.89
C VAL G 326 1.67 -13.85 67.96
N THR G 327 0.71 -14.68 67.57
CA THR G 327 -0.71 -14.38 67.65
C THR G 327 -1.29 -14.96 68.93
N VAL G 328 -2.07 -14.16 69.66
CA VAL G 328 -2.66 -14.58 70.92
C VAL G 328 -4.16 -14.31 70.87
N GLU G 329 -4.94 -15.33 71.23
CA GLU G 329 -6.38 -15.18 71.41
C GLU G 329 -6.73 -15.59 72.83
N VAL G 330 -7.51 -14.75 73.52
CA VAL G 330 -7.89 -14.99 74.91
C VAL G 330 -9.38 -14.75 75.06
N GLN G 331 -9.94 -15.32 76.12
CA GLN G 331 -11.34 -15.15 76.48
C GLN G 331 -11.45 -14.42 77.81
N TYR G 332 -12.42 -13.53 77.92
CA TYR G 332 -12.61 -12.72 79.11
C TYR G 332 -13.79 -13.25 79.91
N ALA G 333 -13.59 -13.44 81.20
CA ALA G 333 -14.64 -13.91 82.10
C ALA G 333 -15.38 -12.78 82.79
N GLY G 334 -15.02 -11.53 82.52
CA GLY G 334 -15.67 -10.40 83.14
C GLY G 334 -16.78 -9.82 82.28
N THR G 335 -17.76 -9.21 82.95
CA THR G 335 -18.89 -8.57 82.29
C THR G 335 -18.89 -7.07 82.49
N ASP G 336 -17.76 -6.49 82.92
CA ASP G 336 -17.73 -5.07 83.25
C ASP G 336 -18.06 -4.21 82.02
N GLY G 337 -17.50 -4.57 80.87
CA GLY G 337 -17.79 -3.85 79.65
C GLY G 337 -16.54 -3.60 78.83
N PRO G 338 -16.60 -2.63 77.93
CA PRO G 338 -15.42 -2.29 77.13
C PRO G 338 -14.25 -1.87 78.02
N CYS G 339 -13.19 -2.65 77.98
CA CYS G 339 -12.06 -2.45 78.88
C CYS G 339 -10.76 -2.75 78.15
N LYS G 340 -9.68 -2.16 78.66
CA LYS G 340 -8.35 -2.38 78.10
C LYS G 340 -7.82 -3.74 78.52
N VAL G 341 -7.35 -4.51 77.55
CA VAL G 341 -6.76 -5.81 77.83
C VAL G 341 -5.31 -5.59 78.24
N PRO G 342 -4.94 -5.88 79.48
CA PRO G 342 -3.55 -5.71 79.91
C PRO G 342 -2.69 -6.87 79.44
N ALA G 343 -1.87 -6.62 78.42
CA ALA G 343 -1.04 -7.65 77.83
C ALA G 343 0.34 -7.10 77.55
N GLN G 344 1.35 -7.92 77.80
CA GLN G 344 2.73 -7.53 77.63
C GLN G 344 3.57 -8.80 77.48
N MET G 345 4.88 -8.66 77.60
CA MET G 345 5.73 -9.83 77.73
C MET G 345 7.01 -9.43 78.44
N ALA G 346 7.54 -10.35 79.26
CA ALA G 346 8.74 -10.10 80.02
C ALA G 346 9.62 -11.34 79.98
N VAL G 347 10.93 -11.12 80.01
CA VAL G 347 11.87 -12.23 80.15
C VAL G 347 11.80 -12.82 81.54
N ASP G 348 11.64 -11.97 82.55
CA ASP G 348 11.53 -12.40 83.94
C ASP G 348 10.21 -11.91 84.53
N MET G 349 9.55 -12.79 85.27
CA MET G 349 8.25 -12.48 85.84
C MET G 349 8.33 -11.84 87.22
N GLN G 350 9.53 -11.67 87.77
CA GLN G 350 9.64 -10.93 89.02
C GLN G 350 9.60 -9.43 88.77
N THR G 351 10.57 -8.92 88.00
CA THR G 351 10.55 -7.55 87.51
C THR G 351 10.00 -7.60 86.09
N LEU G 352 8.67 -7.63 86.01
CA LEU G 352 8.01 -7.85 84.71
C LEU G 352 8.02 -6.59 83.86
N THR G 353 9.20 -6.02 83.64
CA THR G 353 9.32 -4.87 82.76
C THR G 353 9.00 -5.29 81.34
N PRO G 354 8.18 -4.55 80.61
CA PRO G 354 7.82 -4.95 79.24
C PRO G 354 9.04 -5.04 78.35
N VAL G 355 9.06 -6.07 77.50
CA VAL G 355 10.14 -6.30 76.56
C VAL G 355 9.51 -6.62 75.22
N GLY G 356 10.28 -6.44 74.15
CA GLY G 356 9.73 -6.66 72.83
C GLY G 356 8.79 -5.53 72.42
N ARG G 357 7.65 -5.90 71.86
CA ARG G 357 6.71 -4.93 71.32
C ARG G 357 5.34 -5.57 71.23
N LEU G 358 4.35 -4.78 70.82
CA LEU G 358 2.98 -5.23 70.68
C LEU G 358 2.41 -4.65 69.40
N ILE G 359 1.92 -5.52 68.51
CA ILE G 359 1.44 -5.07 67.21
C ILE G 359 0.07 -4.41 67.32
N THR G 360 -0.84 -4.99 68.10
CA THR G 360 -2.19 -4.44 68.19
C THR G 360 -2.16 -3.04 68.80
N ALA G 361 -1.27 -2.81 69.77
CA ALA G 361 -0.96 -1.49 70.31
C ALA G 361 -2.07 -0.93 71.19
N ASN G 362 -3.21 -1.60 71.22
CA ASN G 362 -4.28 -1.25 72.16
C ASN G 362 -5.28 -2.40 72.27
N PRO G 363 -4.88 -3.56 72.79
CA PRO G 363 -5.84 -4.65 72.95
C PRO G 363 -6.97 -4.25 73.88
N VAL G 364 -8.20 -4.46 73.42
CA VAL G 364 -9.38 -4.00 74.13
C VAL G 364 -10.47 -5.06 74.02
N ILE G 365 -11.11 -5.38 75.14
CA ILE G 365 -12.37 -6.09 75.11
C ILE G 365 -13.47 -5.08 74.85
N THR G 366 -14.30 -5.34 73.84
CA THR G 366 -15.33 -4.38 73.42
C THR G 366 -16.73 -4.87 73.70
N GLU G 367 -16.90 -5.97 74.41
CA GLU G 367 -18.21 -6.53 74.69
C GLU G 367 -18.40 -6.66 76.19
N SER G 368 -19.60 -6.34 76.65
CA SER G 368 -19.97 -6.49 78.05
C SER G 368 -20.55 -7.86 78.35
N THR G 369 -20.56 -8.76 77.36
CA THR G 369 -21.10 -10.10 77.55
C THR G 369 -20.18 -10.91 78.48
N GLU G 370 -20.79 -11.88 79.18
CA GLU G 370 -20.08 -12.70 80.15
C GLU G 370 -18.77 -13.26 79.58
N ASN G 371 -18.86 -14.04 78.50
CA ASN G 371 -17.70 -14.74 77.94
C ASN G 371 -17.50 -14.26 76.50
N SER G 372 -16.56 -13.33 76.32
CA SER G 372 -16.23 -12.81 75.00
C SER G 372 -14.73 -12.96 74.77
N LYS G 373 -14.35 -13.07 73.51
CA LYS G 373 -12.97 -13.31 73.15
C LYS G 373 -12.48 -12.26 72.17
N MET G 374 -11.18 -11.98 72.25
CA MET G 374 -10.51 -11.06 71.33
C MET G 374 -9.17 -11.65 70.95
N MET G 375 -8.50 -10.99 70.03
CA MET G 375 -7.25 -11.48 69.46
C MET G 375 -6.19 -10.40 69.53
N LEU G 376 -4.96 -10.81 69.80
CA LEU G 376 -3.82 -9.91 69.89
C LEU G 376 -2.77 -10.30 68.88
N GLU G 377 -1.64 -9.59 68.93
CA GLU G 377 -0.49 -9.91 68.09
C GLU G 377 0.72 -9.17 68.64
N LEU G 378 1.83 -9.87 68.84
CA LEU G 378 2.97 -9.33 69.55
C LEU G 378 4.24 -9.56 68.74
N ASP G 379 5.23 -8.71 68.99
CA ASP G 379 6.55 -8.87 68.39
C ASP G 379 7.55 -9.21 69.49
N PRO G 380 7.68 -10.49 69.84
CA PRO G 380 8.50 -10.88 70.98
C PRO G 380 9.98 -10.67 70.68
N PRO G 381 10.80 -10.54 71.72
CA PRO G 381 12.25 -10.49 71.51
C PRO G 381 12.80 -11.86 71.18
N PHE G 382 14.03 -11.87 70.68
CA PHE G 382 14.69 -13.12 70.29
C PHE G 382 15.16 -13.86 71.54
N GLY G 383 14.75 -15.11 71.67
CA GLY G 383 15.07 -15.91 72.82
C GLY G 383 13.84 -16.48 73.49
N ASP G 384 13.89 -16.65 74.81
CA ASP G 384 12.72 -17.09 75.57
C ASP G 384 12.06 -15.89 76.23
N SER G 385 10.76 -15.99 76.43
CA SER G 385 9.99 -14.95 77.10
C SER G 385 8.66 -15.53 77.55
N TYR G 386 7.80 -14.67 78.10
CA TYR G 386 6.49 -15.08 78.59
C TYR G 386 5.45 -14.11 78.07
N ILE G 387 4.34 -14.63 77.57
CA ILE G 387 3.20 -13.82 77.15
C ILE G 387 2.23 -13.81 78.32
N VAL G 388 2.24 -12.71 79.08
CA VAL G 388 1.43 -12.56 80.29
C VAL G 388 0.27 -11.65 79.97
N ILE G 389 -0.94 -12.07 80.35
CA ILE G 389 -2.16 -11.33 80.08
C ILE G 389 -2.99 -11.30 81.36
N GLY G 390 -3.36 -10.10 81.78
CA GLY G 390 -4.03 -9.90 83.06
C GLY G 390 -3.16 -9.09 84.01
N VAL G 391 -3.80 -8.60 85.07
CA VAL G 391 -3.20 -7.63 85.99
C VAL G 391 -2.82 -8.28 87.31
N GLY G 392 -3.78 -8.92 87.98
CA GLY G 392 -3.60 -9.30 89.36
C GLY G 392 -2.80 -10.56 89.57
N GLU G 393 -3.32 -11.48 90.38
CA GLU G 393 -2.71 -12.78 90.56
C GLU G 393 -3.34 -13.85 89.68
N LYS G 394 -4.55 -13.61 89.17
CA LYS G 394 -5.26 -14.54 88.31
C LYS G 394 -4.86 -14.40 86.84
N LYS G 395 -3.70 -13.83 86.57
CA LYS G 395 -3.25 -13.67 85.19
C LYS G 395 -2.97 -15.03 84.58
N ILE G 396 -2.71 -15.02 83.28
CA ILE G 396 -2.33 -16.22 82.55
C ILE G 396 -1.04 -15.92 81.80
N THR G 397 -0.27 -16.98 81.56
CA THR G 397 1.03 -16.84 80.92
C THR G 397 1.21 -17.98 79.93
N HIS G 398 2.09 -17.73 78.97
CA HIS G 398 2.46 -18.73 77.97
C HIS G 398 3.94 -18.57 77.68
N HIS G 399 4.72 -19.62 77.94
CA HIS G 399 6.12 -19.57 77.59
C HIS G 399 6.29 -19.49 76.08
N TRP G 400 7.18 -18.62 75.64
CA TRP G 400 7.41 -18.42 74.22
C TRP G 400 8.90 -18.42 73.92
N HIS G 401 9.27 -19.03 72.81
CA HIS G 401 10.62 -18.96 72.28
C HIS G 401 10.55 -18.37 70.87
N ARG G 402 11.42 -17.41 70.60
CA ARG G 402 11.58 -16.84 69.26
C ARG G 402 13.00 -17.12 68.81
N SER G 403 13.14 -17.78 67.67
CA SER G 403 14.44 -18.22 67.16
C SER G 403 15.07 -17.23 66.19
N GLY G 404 14.44 -16.10 65.93
CA GLY G 404 14.98 -15.15 64.99
C GLY G 404 15.98 -14.19 65.59
N SER G 405 17.27 -14.47 65.38
CA SER G 405 18.32 -13.58 65.86
C SER G 405 18.30 -12.27 65.09
N THR G 406 18.97 -11.26 65.66
CA THR G 406 18.99 -9.93 65.06
C THR G 406 19.68 -9.94 63.70
N ILE G 407 20.82 -10.62 63.60
CA ILE G 407 21.53 -10.70 62.33
C ILE G 407 20.70 -11.46 61.30
N GLY G 408 20.05 -12.54 61.74
CA GLY G 408 19.18 -13.27 60.84
C GLY G 408 18.00 -12.45 60.36
N LYS G 409 17.41 -11.66 61.27
CA LYS G 409 16.31 -10.79 60.89
C LYS G 409 16.78 -9.72 59.90
N ALA G 410 17.99 -9.19 60.10
CA ALA G 410 18.55 -8.23 59.16
C ALA G 410 18.75 -8.86 57.79
N PHE G 411 19.23 -10.11 57.76
CA PHE G 411 19.41 -10.79 56.48
C PHE G 411 18.08 -11.04 55.79
N GLU G 412 17.05 -11.43 56.54
CA GLU G 412 15.73 -11.61 55.96
C GLU G 412 15.20 -10.29 55.42
N ALA G 413 15.42 -9.18 56.14
CA ALA G 413 15.00 -7.88 55.65
C ALA G 413 15.73 -7.52 54.37
N THR G 414 17.02 -7.83 54.30
CA THR G 414 17.80 -7.54 53.09
C THR G 414 17.28 -8.33 51.90
N VAL G 415 17.01 -9.63 52.09
CA VAL G 415 16.54 -10.43 50.97
C VAL G 415 15.13 -10.00 50.56
N ARG G 416 14.28 -9.63 51.53
CA ARG G 416 12.94 -9.14 51.19
C ARG G 416 13.02 -7.84 50.39
N GLY G 417 13.90 -6.93 50.81
CA GLY G 417 14.06 -5.69 50.07
C GLY G 417 14.62 -5.91 48.68
N ALA G 418 15.57 -6.84 48.54
CA ALA G 418 16.10 -7.17 47.22
C ALA G 418 15.04 -7.80 46.34
N LYS G 419 14.19 -8.66 46.90
CA LYS G 419 13.10 -9.25 46.14
C LYS G 419 12.13 -8.19 45.66
N ARG G 420 11.80 -7.22 46.52
CA ARG G 420 10.87 -6.18 46.11
C ARG G 420 11.52 -5.21 45.13
N MET G 421 12.83 -5.00 45.21
CA MET G 421 13.53 -4.20 44.20
C MET G 421 13.53 -4.92 42.86
N ALA G 422 13.69 -6.23 42.86
CA ALA G 422 13.63 -6.99 41.62
C ALA G 422 12.24 -6.95 41.01
N VAL G 423 11.20 -7.12 41.82
CA VAL G 423 9.84 -7.15 41.30
C VAL G 423 9.40 -5.76 40.83
N LEU G 424 9.69 -4.73 41.63
CA LEU G 424 9.14 -3.41 41.39
C LEU G 424 10.10 -2.45 40.69
N GLY G 425 11.38 -2.75 40.64
CA GLY G 425 12.34 -1.85 40.05
C GLY G 425 12.69 -0.70 40.98
N ASP G 426 12.47 0.53 40.54
CA ASP G 426 12.75 1.70 41.38
C ASP G 426 11.60 2.06 42.29
N THR G 427 10.39 1.58 42.01
CA THR G 427 9.25 1.83 42.90
C THR G 427 9.48 1.24 44.29
N ALA G 428 10.39 0.28 44.41
CA ALA G 428 10.70 -0.28 45.72
C ALA G 428 11.26 0.75 46.68
N TRP G 429 11.87 1.83 46.17
CA TRP G 429 12.35 2.90 47.04
C TRP G 429 11.21 3.71 47.64
N ASP G 430 9.98 3.49 47.19
CA ASP G 430 8.82 4.21 47.70
C ASP G 430 8.07 3.43 48.78
N PHE G 431 8.62 2.31 49.24
CA PHE G 431 7.91 1.52 50.24
C PHE G 431 8.22 1.95 51.66
N GLY G 432 9.49 2.19 51.97
CA GLY G 432 9.84 2.80 53.24
C GLY G 432 9.88 4.30 53.18
N SER G 433 9.43 4.89 52.08
CA SER G 433 9.61 6.32 51.85
C SER G 433 8.80 7.14 52.84
N VAL G 434 9.49 8.07 53.50
CA VAL G 434 8.85 9.05 54.36
C VAL G 434 9.43 10.40 53.96
N GLY G 435 10.12 10.41 52.83
CA GLY G 435 10.86 11.58 52.39
C GLY G 435 12.35 11.31 52.39
N GLY G 436 13.15 12.35 52.53
CA GLY G 436 14.59 12.17 52.60
C GLY G 436 15.26 12.41 51.26
N ALA G 437 16.47 12.95 51.32
CA ALA G 437 17.24 13.22 50.11
C ALA G 437 18.09 12.03 49.68
N LEU G 438 18.57 11.22 50.63
CA LEU G 438 19.26 9.99 50.26
C LEU G 438 18.32 9.04 49.54
N ASN G 439 17.08 8.93 50.01
CA ASN G 439 16.09 8.10 49.34
C ASN G 439 15.85 8.57 47.91
N SER G 440 15.69 9.88 47.72
CA SER G 440 15.43 10.41 46.39
C SER G 440 16.63 10.21 45.46
N LEU G 441 17.84 10.46 45.97
CA LEU G 441 19.03 10.26 45.16
C LEU G 441 19.19 8.79 44.75
N GLY G 442 19.00 7.88 45.71
CA GLY G 442 19.08 6.47 45.38
C GLY G 442 18.03 6.02 44.39
N LYS G 443 16.80 6.52 44.55
CA LYS G 443 15.74 6.17 43.62
C LYS G 443 16.03 6.70 42.23
N GLY G 444 16.58 7.91 42.12
CA GLY G 444 16.93 8.44 40.81
C GLY G 444 18.05 7.66 40.15
N ILE G 445 19.09 7.32 40.93
CA ILE G 445 20.18 6.52 40.39
C ILE G 445 19.67 5.16 39.92
N HIS G 446 18.82 4.53 40.72
CA HIS G 446 18.22 3.26 40.32
C HIS G 446 17.32 3.44 39.11
N GLN G 447 16.65 4.58 38.99
CA GLN G 447 15.81 4.84 37.83
C GLN G 447 16.65 4.84 36.55
N ILE G 448 17.75 5.59 36.55
CA ILE G 448 18.56 5.67 35.34
C ILE G 448 19.24 4.33 35.06
N PHE G 449 19.72 3.64 36.10
CA PHE G 449 20.34 2.34 35.88
C PHE G 449 19.34 1.30 35.39
N GLY G 450 18.11 1.35 35.90
CA GLY G 450 17.08 0.45 35.42
C GLY G 450 16.63 0.75 34.01
N ALA G 451 16.61 2.02 33.62
CA ALA G 451 16.33 2.35 32.23
C ALA G 451 17.41 1.79 31.31
N ALA G 452 18.67 1.97 31.69
CA ALA G 452 19.76 1.39 30.91
C ALA G 452 19.66 -0.13 30.86
N PHE G 453 19.34 -0.75 31.99
CA PHE G 453 19.21 -2.20 32.07
C PHE G 453 18.06 -2.70 31.21
N LYS G 454 16.94 -1.99 31.20
CA LYS G 454 15.81 -2.39 30.37
C LYS G 454 16.15 -2.25 28.89
N SER G 455 16.88 -1.20 28.53
CA SER G 455 17.29 -1.04 27.14
C SER G 455 18.24 -2.14 26.70
N LEU G 456 19.18 -2.53 27.58
CA LEU G 456 20.22 -3.46 27.19
C LEU G 456 19.84 -4.93 27.36
N PHE G 457 18.93 -5.24 28.28
CA PHE G 457 18.59 -6.61 28.61
C PHE G 457 17.08 -6.80 28.77
N GLY G 458 16.27 -5.98 28.12
CA GLY G 458 14.84 -6.00 28.31
C GLY G 458 14.17 -7.32 27.94
N GLY G 459 14.23 -7.69 26.68
CA GLY G 459 13.61 -8.94 26.27
C GLY G 459 14.57 -10.09 26.45
N MET G 460 14.47 -10.76 27.60
CA MET G 460 15.35 -11.86 27.96
C MET G 460 14.62 -12.71 28.98
N SER G 461 14.79 -14.02 28.87
CA SER G 461 14.07 -14.95 29.75
C SER G 461 14.95 -15.30 30.94
N TRP G 462 14.47 -16.25 31.74
CA TRP G 462 15.24 -16.71 32.90
C TRP G 462 16.53 -17.40 32.46
N PHE G 463 16.42 -18.35 31.52
CA PHE G 463 17.59 -19.09 31.07
C PHE G 463 18.59 -18.19 30.36
N SER G 464 18.11 -17.30 29.49
CA SER G 464 19.00 -16.37 28.81
C SER G 464 19.69 -15.43 29.78
N GLN G 465 18.95 -14.96 30.80
CA GLN G 465 19.55 -14.13 31.83
C GLN G 465 20.67 -14.89 32.54
N ILE G 466 20.43 -16.15 32.89
CA ILE G 466 21.46 -16.94 33.57
C ILE G 466 22.68 -17.09 32.68
N LEU G 467 22.47 -17.41 31.40
CA LEU G 467 23.59 -17.63 30.49
C LEU G 467 24.44 -16.38 30.36
N ILE G 468 23.80 -15.25 30.05
CA ILE G 468 24.58 -14.03 29.86
C ILE G 468 25.19 -13.56 31.18
N GLY G 469 24.53 -13.85 32.30
CA GLY G 469 25.11 -13.48 33.59
C GLY G 469 26.36 -14.25 33.89
N THR G 470 26.35 -15.57 33.66
CA THR G 470 27.56 -16.37 33.84
C THR G 470 28.66 -15.88 32.92
N LEU G 471 28.33 -15.60 31.66
CA LEU G 471 29.32 -15.09 30.74
C LEU G 471 29.89 -13.76 31.23
N LEU G 472 29.05 -12.93 31.86
CA LEU G 472 29.51 -11.64 32.35
C LEU G 472 30.41 -11.78 33.58
N MET G 473 30.09 -12.71 34.48
CA MET G 473 31.00 -12.98 35.58
C MET G 473 32.35 -13.46 35.07
N TRP G 474 32.36 -14.31 34.04
CA TRP G 474 33.63 -14.72 33.46
C TRP G 474 34.37 -13.55 32.83
N LEU G 475 33.65 -12.71 32.08
CA LEU G 475 34.21 -11.50 31.48
C LEU G 475 34.58 -10.47 32.54
N GLY G 476 34.25 -10.76 33.79
CA GLY G 476 34.58 -9.96 34.95
C GLY G 476 35.86 -10.50 35.54
N LEU G 477 35.74 -11.46 36.45
CA LEU G 477 36.89 -12.07 37.12
C LEU G 477 38.12 -12.21 36.24
N ASN G 478 37.94 -12.64 35.00
CA ASN G 478 39.04 -12.78 34.04
C ASN G 478 39.01 -11.57 33.10
N THR G 479 39.73 -10.51 33.48
CA THR G 479 39.80 -9.29 32.69
C THR G 479 41.01 -8.49 33.15
N LYS G 480 41.58 -7.72 32.22
CA LYS G 480 42.79 -6.97 32.51
C LYS G 480 42.53 -5.86 33.53
N ASN G 481 41.67 -4.90 33.17
CA ASN G 481 41.45 -3.73 34.01
C ASN G 481 40.26 -3.94 34.94
N GLY G 482 40.35 -3.31 36.12
CA GLY G 482 39.37 -3.56 37.16
C GLY G 482 38.04 -2.87 36.96
N SER G 483 38.03 -1.70 36.33
CA SER G 483 36.78 -0.96 36.14
C SER G 483 35.81 -1.75 35.27
N ILE G 484 36.27 -2.20 34.10
CA ILE G 484 35.45 -3.06 33.25
C ILE G 484 35.16 -4.37 33.97
N SER G 485 36.13 -4.88 34.72
CA SER G 485 35.90 -6.09 35.51
C SER G 485 34.81 -5.87 36.54
N LEU G 486 34.84 -4.72 37.22
CA LEU G 486 33.80 -4.43 38.21
C LEU G 486 32.43 -4.31 37.55
N MET G 487 32.35 -3.64 36.39
CA MET G 487 31.07 -3.51 35.71
C MET G 487 30.54 -4.86 35.26
N CYS G 488 31.41 -5.71 34.71
CA CYS G 488 30.98 -7.03 34.26
C CYS G 488 30.53 -7.90 35.44
N LEU G 489 31.28 -7.86 36.54
CA LEU G 489 30.88 -8.64 37.72
C LEU G 489 29.54 -8.16 38.26
N ALA G 490 29.34 -6.85 38.34
CA ALA G 490 28.08 -6.31 38.83
C ALA G 490 26.92 -6.72 37.94
N LEU G 491 27.08 -6.59 36.62
CA LEU G 491 26.01 -6.93 35.70
C LEU G 491 25.69 -8.42 35.75
N GLY G 492 26.72 -9.27 35.78
CA GLY G 492 26.49 -10.70 35.88
C GLY G 492 25.78 -11.07 37.15
N GLY G 493 26.21 -10.51 38.29
CA GLY G 493 25.55 -10.78 39.55
C GLY G 493 24.10 -10.33 39.54
N VAL G 494 23.83 -9.15 38.97
CA VAL G 494 22.46 -8.65 38.91
C VAL G 494 21.59 -9.55 38.07
N LEU G 495 22.09 -9.99 36.91
CA LEU G 495 21.29 -10.87 36.05
C LEU G 495 21.03 -12.22 36.71
N ILE G 496 22.07 -12.80 37.33
CA ILE G 496 21.89 -14.07 38.02
C ILE G 496 20.90 -13.93 39.16
N PHE G 497 20.99 -12.84 39.92
CA PHE G 497 20.05 -12.63 41.03
C PHE G 497 18.64 -12.40 40.52
N LEU G 498 18.49 -11.69 39.40
CA LEU G 498 17.16 -11.46 38.86
C LEU G 498 16.51 -12.76 38.42
N SER G 499 17.30 -13.67 37.84
CA SER G 499 16.76 -14.99 37.52
C SER G 499 16.44 -15.77 38.80
N THR G 500 17.36 -15.73 39.78
CA THR G 500 17.21 -16.57 40.97
C THR G 500 16.03 -16.15 41.83
N ALA G 501 15.83 -14.84 42.01
CA ALA G 501 14.81 -14.37 42.94
C ALA G 501 13.43 -14.83 42.53
N VAL G 502 13.10 -14.75 41.25
CA VAL G 502 11.85 -15.34 40.78
C VAL G 502 11.94 -16.85 40.78
N SER G 503 13.12 -17.41 40.49
CA SER G 503 13.29 -18.86 40.58
C SER G 503 13.15 -19.34 42.02
N ALA G 504 13.70 -18.60 42.97
CA ALA G 504 13.63 -18.99 44.38
C ALA G 504 12.51 -18.25 45.08
#